data_6Q2D
#
_entry.id   6Q2D
#
_cell.length_a   100.899
_cell.length_b   322.979
_cell.length_c   172.432
_cell.angle_alpha   90.000
_cell.angle_beta   90.000
_cell.angle_gamma   90.000
#
_symmetry.space_group_name_H-M   'C 2 2 21'
#
loop_
_entity.id
_entity.type
_entity.pdbx_description
1 polymer '2-(3-amino-3-carboxypropyl)histidine synthase'
2 polymer 'Elongation factor 2'
3 non-polymer 'IRON/SULFUR CLUSTER'
#
loop_
_entity_poly.entity_id
_entity_poly.type
_entity_poly.pdbx_seq_one_letter_code
_entity_poly.pdbx_strand_id
1 'polypeptide(L)'
;GSHMSMYNMDLDKVIRKINKKGARTVGLQFPEGLKMQAVKIAKAIESQTPATVIISGDPCFGACDVSDYKMKGSVDLIVH
YGHTPLPLKYEVPTLFIEAFSNIDVKKDLEKCLEKLEDYSKIALVTTTQHLHLLNEIKDYLEDNGKEVVLGSSKNTKKGQ
VLGCNFSSIKNLDAEVYLFIGSGNFHPLGIYLFTKSPVLALDPYNSEIRDISAFADRILRIRFARITKAREAEKWGIIVS
SKEGQYRMKLAKEIKKILEDNKMEAYIIMADNINPDILLPYMELDAFVVSACPRIAIDDSQMYKKPLLTPQELEIVLNKR
QWENYQLDEILFHERYK
;
A,B
2 'polypeptide(L)'
;GSGMSRREKMIAKIKDLMYKPDSIRNIGICAHIDHGKTTLSDNLLAGAGMISEELAGDQRFLDFDEQEQARGITIDAANV
SMVHNYKDEEYLINLIDTPGHVDFGGDVTRAMRAVDGAVVVVCAVEGIMPQTETVLRQALKENVKPVLFINKVDRLINEL
KLEPEELQKRFINIYMEANKLIKNMAPEDKKEEWAVDFTDGSVAFGSAYHNWAINVPMMQETGVNFKDIIDYCNDDKQKE
LAQKVPLSEVLLGMVVEHLPSPKVSQEYRVPNIWEGDIESPAGQGMITTSPDGPLAVMVTNVSVDKHAGEIATGRVYGGS
IEKGTEVYLVGSHSKSRVQQVGVYFGPERVNTDAVPAGNIVYVAGAKGAIAGETICSPEDKIKEFEGLDHISEPVVTVAV
EAKNTKDLPKLIEVLRQVAKEDPTIKVEINEETGEHLVSGMGELHLEVISYRIKDKGVEIQTSEPIVVYRETVSQLSPQV
EGKSPNKHNRFYITVEPLEDELFKALQEGKLKEGKVKGKESANDFMEYGLDKEEARKVWDVYNRSVFINATRGIQYLDEV
KELLIEGFESALNDGPLAKEIAMGLKFKLHDAKLHEDAVHRGPAQVLPAIRNAIYASMMSAGPTLLEPMQKVFINTPQDY
MGPCTREIQNRRGQIVDMGQEGDMATIESKVPVAEMFGFAGDIRSAAEGRCLWSTEMSGFERLPREMQNQIVKEIRQRKG
LSPEPYGPEHYVG
;
C,F
#
# COMPACT_ATOMS: atom_id res chain seq x y z
N MET A 4 15.52 -18.54 19.71
CA MET A 4 15.24 -17.11 19.42
C MET A 4 15.50 -16.25 20.67
N SER A 5 15.70 -16.89 21.85
CA SER A 5 15.43 -16.28 23.16
C SER A 5 16.65 -15.52 23.70
N MET A 6 16.59 -14.18 23.64
CA MET A 6 17.70 -13.35 24.10
C MET A 6 17.61 -13.16 25.62
N TYR A 7 16.48 -13.55 26.23
CA TYR A 7 16.10 -13.27 27.63
C TYR A 7 15.46 -14.51 28.25
N ASN A 8 15.69 -14.72 29.56
CA ASN A 8 15.21 -15.93 30.26
C ASN A 8 13.83 -15.63 30.83
N MET A 9 12.80 -16.12 30.12
CA MET A 9 11.40 -15.81 30.42
C MET A 9 10.83 -16.70 31.54
N ASP A 10 11.56 -17.74 31.97
CA ASP A 10 11.18 -18.56 33.14
C ASP A 10 9.71 -19.04 33.04
N LEU A 11 9.41 -19.56 31.84
CA LEU A 11 8.18 -20.29 31.54
C LEU A 11 7.87 -21.29 32.66
N ASP A 12 8.93 -22.04 33.02
CA ASP A 12 8.98 -23.06 34.07
C ASP A 12 8.24 -22.56 35.32
N LYS A 13 8.75 -21.44 35.85
CA LYS A 13 8.30 -20.89 37.10
C LYS A 13 6.86 -20.39 36.94
N VAL A 14 6.60 -19.64 35.86
CA VAL A 14 5.25 -19.09 35.64
C VAL A 14 4.23 -20.23 35.65
N ILE A 15 4.51 -21.30 34.89
CA ILE A 15 3.57 -22.41 34.77
C ILE A 15 3.38 -23.11 36.11
N ARG A 16 4.46 -23.41 36.84
CA ARG A 16 4.30 -24.16 38.09
C ARG A 16 3.52 -23.32 39.10
N LYS A 17 3.73 -21.99 39.14
CA LYS A 17 2.99 -21.16 40.11
C LYS A 17 1.52 -21.03 39.68
N ILE A 18 1.27 -20.87 38.38
CA ILE A 18 -0.12 -20.85 37.85
C ILE A 18 -0.85 -22.12 38.32
N ASN A 19 -0.24 -23.28 38.08
CA ASN A 19 -0.87 -24.56 38.36
C ASN A 19 -1.08 -24.75 39.88
N LYS A 20 -0.03 -24.46 40.65
CA LYS A 20 -0.05 -24.58 42.12
C LYS A 20 -1.14 -23.68 42.71
N LYS A 21 -1.34 -22.49 42.13
CA LYS A 21 -2.27 -21.54 42.73
C LYS A 21 -3.71 -21.81 42.26
N GLY A 22 -3.89 -22.62 41.21
CA GLY A 22 -5.23 -22.97 40.72
C GLY A 22 -5.90 -21.86 39.92
N ALA A 23 -5.12 -20.87 39.45
CA ALA A 23 -5.64 -19.82 38.56
C ALA A 23 -6.11 -20.45 37.23
N ARG A 24 -7.25 -19.99 36.74
CA ARG A 24 -7.86 -20.58 35.53
C ARG A 24 -7.87 -19.61 34.34
N THR A 25 -7.60 -18.33 34.60
CA THR A 25 -7.49 -17.27 33.59
C THR A 25 -6.31 -16.40 33.98
N VAL A 26 -5.34 -16.22 33.06
CA VAL A 26 -4.09 -15.53 33.40
C VAL A 26 -3.79 -14.46 32.36
N GLY A 27 -3.55 -13.24 32.86
CA GLY A 27 -3.19 -12.08 32.04
C GLY A 27 -1.69 -12.00 31.87
N LEU A 28 -1.22 -11.63 30.67
CA LEU A 28 0.22 -11.52 30.37
C LEU A 28 0.49 -10.09 29.93
N GLN A 29 1.38 -9.39 30.64
CA GLN A 29 1.76 -8.03 30.32
C GLN A 29 3.22 -8.04 29.85
N PHE A 30 3.46 -7.49 28.66
CA PHE A 30 4.80 -7.35 28.15
C PHE A 30 5.10 -5.89 27.79
N PRO A 31 6.34 -5.38 28.06
CA PRO A 31 6.79 -4.17 27.38
C PRO A 31 6.91 -4.46 25.87
N GLU A 32 7.01 -3.41 25.06
CA GLU A 32 6.96 -3.58 23.64
C GLU A 32 8.14 -4.47 23.17
N GLY A 33 9.27 -4.46 23.87
CA GLY A 33 10.42 -5.31 23.52
C GLY A 33 10.15 -6.81 23.63
N LEU A 34 9.13 -7.22 24.38
CA LEU A 34 8.88 -8.64 24.61
C LEU A 34 7.49 -9.07 24.13
N LYS A 35 6.67 -8.14 23.60
CA LYS A 35 5.33 -8.50 23.09
C LYS A 35 5.47 -9.52 21.95
N MET A 36 6.61 -9.47 21.25
CA MET A 36 7.05 -10.44 20.20
C MET A 36 6.63 -11.86 20.55
N GLN A 37 6.87 -12.23 21.82
CA GLN A 37 6.84 -13.62 22.27
C GLN A 37 5.46 -14.01 22.82
N ALA A 38 4.52 -13.07 22.83
CA ALA A 38 3.26 -13.27 23.53
C ALA A 38 2.61 -14.58 23.05
N VAL A 39 2.53 -14.77 21.73
CA VAL A 39 1.78 -15.88 21.17
C VAL A 39 2.50 -17.18 21.52
N LYS A 40 3.83 -17.21 21.35
CA LYS A 40 4.62 -18.42 21.66
C LYS A 40 4.33 -18.84 23.10
N ILE A 41 4.44 -17.86 24.01
CA ILE A 41 4.29 -18.02 25.48
C ILE A 41 2.87 -18.52 25.78
N ALA A 42 1.91 -17.84 25.17
CA ALA A 42 0.49 -18.12 25.33
C ALA A 42 0.18 -19.55 24.91
N LYS A 43 0.72 -19.97 23.76
CA LYS A 43 0.47 -21.31 23.25
C LYS A 43 1.02 -22.37 24.24
N ALA A 44 2.22 -22.13 24.77
CA ALA A 44 2.84 -23.04 25.73
C ALA A 44 2.01 -23.13 27.01
N ILE A 45 1.57 -21.99 27.56
CA ILE A 45 0.79 -22.02 28.82
C ILE A 45 -0.53 -22.75 28.59
N GLU A 46 -1.20 -22.50 27.46
CA GLU A 46 -2.48 -23.15 27.22
C GLU A 46 -2.29 -24.63 26.93
N SER A 47 -1.12 -25.06 26.45
CA SER A 47 -0.89 -26.48 26.22
C SER A 47 -0.60 -27.23 27.53
N GLN A 48 -0.09 -26.54 28.57
CA GLN A 48 0.40 -27.16 29.82
C GLN A 48 -0.53 -26.92 31.02
N THR A 49 -1.54 -26.05 30.88
CA THR A 49 -2.54 -25.86 31.93
C THR A 49 -3.90 -25.81 31.28
N PRO A 50 -5.02 -26.12 31.95
CA PRO A 50 -6.34 -25.81 31.38
C PRO A 50 -6.77 -24.33 31.53
N ALA A 51 -5.82 -23.45 31.85
CA ALA A 51 -6.05 -22.03 32.00
C ALA A 51 -6.10 -21.35 30.63
N THR A 52 -6.89 -20.28 30.56
CA THR A 52 -6.99 -19.46 29.38
C THR A 52 -6.10 -18.24 29.58
N VAL A 53 -5.36 -17.88 28.54
CA VAL A 53 -4.42 -16.77 28.59
C VAL A 53 -5.07 -15.54 27.95
N ILE A 54 -4.97 -14.39 28.63
CA ILE A 54 -5.39 -13.07 28.13
C ILE A 54 -4.13 -12.22 27.94
N ILE A 55 -3.76 -11.95 26.69
CA ILE A 55 -2.61 -11.10 26.36
C ILE A 55 -3.01 -9.63 26.46
N SER A 56 -2.32 -8.85 27.31
CA SER A 56 -2.51 -7.40 27.38
C SER A 56 -1.89 -6.75 26.15
N GLY A 57 -2.74 -6.19 25.30
CA GLY A 57 -2.30 -5.58 24.05
C GLY A 57 -1.91 -4.13 24.20
N ASP A 58 -2.26 -3.55 25.35
CA ASP A 58 -2.01 -2.15 25.62
C ASP A 58 -0.50 -1.95 25.77
N PRO A 59 0.04 -0.78 25.38
CA PRO A 59 1.44 -0.49 25.64
C PRO A 59 1.76 -0.69 27.13
N CYS A 60 3.03 -0.90 27.44
CA CYS A 60 3.45 -1.02 28.80
C CYS A 60 4.90 -0.55 28.90
N PHE A 61 5.06 0.68 29.40
CA PHE A 61 6.37 1.29 29.49
C PHE A 61 7.24 0.76 30.66
N GLY A 62 6.64 0.32 31.75
CA GLY A 62 7.43 -0.01 32.91
C GLY A 62 6.60 -0.65 34.00
N ALA A 63 7.24 -0.77 35.17
CA ALA A 63 6.65 -1.40 36.33
C ALA A 63 5.55 -0.53 36.93
N CYS A 64 5.56 0.75 36.55
CA CYS A 64 4.56 1.73 36.98
C CYS A 64 3.23 1.50 36.26
N ASP A 65 3.17 0.54 35.34
CA ASP A 65 2.13 0.51 34.33
C ASP A 65 1.53 -0.89 34.25
N VAL A 66 1.24 -1.47 35.42
CA VAL A 66 0.59 -2.77 35.49
C VAL A 66 -0.91 -2.58 35.16
N SER A 67 -1.52 -3.60 34.54
CA SER A 67 -2.93 -3.52 34.13
C SER A 67 -3.86 -4.14 35.19
N ASP A 68 -3.58 -3.84 36.46
CA ASP A 68 -4.29 -4.39 37.61
C ASP A 68 -5.77 -3.92 37.62
N TYR A 69 -5.96 -2.61 37.39
CA TYR A 69 -7.28 -1.97 37.33
C TYR A 69 -8.09 -2.54 36.18
N LYS A 70 -7.45 -2.57 35.00
CA LYS A 70 -8.08 -2.92 33.75
C LYS A 70 -8.49 -4.39 33.74
N MET A 71 -7.69 -5.25 34.36
CA MET A 71 -7.96 -6.68 34.30
C MET A 71 -8.62 -7.20 35.57
N LYS A 72 -8.87 -6.30 36.54
CA LYS A 72 -9.67 -6.54 37.72
C LYS A 72 -10.95 -7.28 37.34
N GLY A 73 -11.16 -8.45 37.96
CA GLY A 73 -12.33 -9.26 37.77
C GLY A 73 -12.22 -10.22 36.59
N SER A 74 -11.26 -9.95 35.68
CA SER A 74 -11.20 -10.55 34.33
C SER A 74 -10.26 -11.76 34.31
N VAL A 75 -9.14 -11.66 35.04
CA VAL A 75 -8.21 -12.75 35.20
C VAL A 75 -7.93 -12.91 36.70
N ASP A 76 -7.43 -14.10 37.04
CA ASP A 76 -7.09 -14.53 38.41
C ASP A 76 -5.68 -14.07 38.79
N LEU A 77 -4.82 -13.88 37.79
CA LEU A 77 -3.39 -13.66 37.95
C LEU A 77 -2.88 -12.87 36.73
N ILE A 78 -1.99 -11.90 37.00
CA ILE A 78 -1.20 -11.17 36.00
C ILE A 78 0.25 -11.66 36.11
N VAL A 79 0.85 -12.11 35.00
CA VAL A 79 2.31 -12.28 34.86
C VAL A 79 2.83 -11.06 34.09
N HIS A 80 3.65 -10.24 34.76
CA HIS A 80 4.18 -9.00 34.23
C HIS A 80 5.68 -9.16 34.05
N TYR A 81 6.15 -8.92 32.83
CA TYR A 81 7.53 -9.21 32.47
C TYR A 81 8.38 -7.94 32.36
N GLY A 82 9.66 -8.09 32.67
CA GLY A 82 10.64 -7.16 32.23
C GLY A 82 11.07 -6.18 33.30
N HIS A 83 10.48 -6.26 34.49
CA HIS A 83 10.74 -5.23 35.49
C HIS A 83 10.79 -5.87 36.87
N THR A 84 11.57 -5.26 37.77
CA THR A 84 11.43 -5.47 39.22
C THR A 84 10.33 -4.53 39.69
N PRO A 85 9.38 -5.00 40.55
CA PRO A 85 8.16 -4.25 40.81
C PRO A 85 8.40 -2.93 41.57
N LEU A 86 7.57 -1.92 41.28
CA LEU A 86 7.30 -0.84 42.26
C LEU A 86 6.34 -1.39 43.34
N PRO A 87 6.50 -1.01 44.62
CA PRO A 87 5.85 -1.74 45.71
C PRO A 87 4.38 -1.36 45.86
N LEU A 88 3.72 -1.03 44.75
CA LEU A 88 2.47 -0.26 44.76
C LEU A 88 1.29 -1.23 44.84
N LYS A 89 0.08 -0.69 45.09
CA LYS A 89 -1.12 -1.47 45.52
C LYS A 89 -1.66 -2.28 44.34
N TYR A 90 -1.89 -3.60 44.57
CA TYR A 90 -2.28 -4.58 43.56
C TYR A 90 -3.74 -4.99 43.76
N GLU A 91 -4.55 -4.71 42.73
CA GLU A 91 -5.93 -5.08 42.68
C GLU A 91 -6.07 -6.55 42.31
N VAL A 92 -4.98 -7.18 41.83
CA VAL A 92 -5.02 -8.52 41.29
C VAL A 92 -3.77 -9.26 41.78
N PRO A 93 -3.81 -10.61 41.92
CA PRO A 93 -2.58 -11.38 42.03
C PRO A 93 -1.61 -11.08 40.88
N THR A 94 -0.38 -10.66 41.19
CA THR A 94 0.56 -10.23 40.17
C THR A 94 1.90 -10.95 40.39
N LEU A 95 2.40 -11.64 39.35
CA LEU A 95 3.74 -12.23 39.35
C LEU A 95 4.65 -11.38 38.46
N PHE A 96 5.78 -10.95 39.01
CA PHE A 96 6.84 -10.30 38.25
C PHE A 96 7.86 -11.32 37.75
N ILE A 97 8.11 -11.34 36.44
CA ILE A 97 9.24 -12.06 35.89
C ILE A 97 10.20 -11.03 35.28
N GLU A 98 11.45 -10.96 35.73
CA GLU A 98 12.30 -9.85 35.26
C GLU A 98 12.82 -10.08 33.82
N ALA A 99 12.93 -11.34 33.37
CA ALA A 99 13.37 -11.60 31.98
C ALA A 99 14.82 -11.15 31.79
N PHE A 100 15.69 -11.79 32.56
CA PHE A 100 17.12 -11.52 32.60
C PHE A 100 17.79 -11.88 31.28
N SER A 101 18.61 -10.95 30.77
CA SER A 101 19.26 -11.11 29.47
C SER A 101 20.20 -12.33 29.50
N ASN A 102 20.23 -13.10 28.41
CA ASN A 102 21.29 -14.07 28.27
C ASN A 102 22.44 -13.44 27.47
N ILE A 103 23.27 -12.66 28.14
CA ILE A 103 24.38 -11.93 27.52
C ILE A 103 25.60 -12.08 28.44
N ASP A 104 26.80 -12.17 27.86
CA ASP A 104 28.03 -12.31 28.62
C ASP A 104 28.91 -11.08 28.39
N VAL A 105 29.09 -10.26 29.42
CA VAL A 105 29.89 -9.03 29.29
C VAL A 105 31.37 -9.30 29.55
N LYS A 106 31.73 -10.52 29.98
CA LYS A 106 33.12 -10.84 30.28
C LYS A 106 34.03 -10.42 29.12
N LYS A 107 33.56 -10.66 27.88
CA LYS A 107 34.41 -10.44 26.72
C LYS A 107 34.64 -8.94 26.46
N ASP A 108 33.95 -8.05 27.19
CA ASP A 108 34.14 -6.61 26.97
C ASP A 108 34.82 -5.90 28.16
N LEU A 109 35.10 -6.64 29.23
CA LEU A 109 35.68 -6.05 30.43
C LEU A 109 37.10 -5.53 30.16
N GLU A 110 37.88 -6.13 29.25
CA GLU A 110 39.20 -5.56 28.97
C GLU A 110 39.08 -4.10 28.49
N LYS A 111 38.23 -3.86 27.49
CA LYS A 111 38.14 -2.51 26.94
C LYS A 111 37.48 -1.56 27.96
N CYS A 112 36.60 -2.06 28.83
CA CYS A 112 36.10 -1.29 29.97
C CYS A 112 37.27 -0.74 30.81
N LEU A 113 38.25 -1.60 31.10
CA LEU A 113 39.36 -1.28 31.98
C LEU A 113 40.19 -0.15 31.36
N GLU A 114 40.42 -0.22 30.05
CA GLU A 114 41.22 0.77 29.32
C GLU A 114 40.50 2.13 29.32
N LYS A 115 39.19 2.11 29.13
CA LYS A 115 38.39 3.34 29.15
C LYS A 115 38.29 3.93 30.56
N LEU A 116 38.71 3.19 31.60
CA LEU A 116 38.63 3.65 32.98
C LEU A 116 40.02 3.88 33.58
N GLU A 117 41.07 3.96 32.77
CA GLU A 117 42.40 4.31 33.27
C GLU A 117 42.36 5.56 34.16
N ASP A 118 41.44 6.50 33.83
CA ASP A 118 41.43 7.81 34.46
C ASP A 118 40.57 7.86 35.73
N TYR A 119 39.96 6.75 36.13
CA TYR A 119 39.03 6.76 37.25
C TYR A 119 39.41 5.68 38.25
N SER A 120 39.48 6.03 39.54
CA SER A 120 39.72 5.04 40.59
C SER A 120 38.41 4.64 41.29
N LYS A 121 37.46 5.57 41.45
CA LYS A 121 36.25 5.26 42.20
C LYS A 121 35.02 5.31 41.29
N ILE A 122 34.44 4.12 41.09
CA ILE A 122 33.35 3.82 40.16
C ILE A 122 32.06 3.53 40.93
N ALA A 123 30.96 4.06 40.41
CA ALA A 123 29.62 3.51 40.59
C ALA A 123 29.34 2.56 39.41
N LEU A 124 28.88 1.32 39.69
CA LEU A 124 28.21 0.47 38.71
C LEU A 124 26.70 0.74 38.74
N VAL A 125 26.12 0.68 37.54
CA VAL A 125 24.71 0.83 37.31
C VAL A 125 24.31 -0.10 36.17
N THR A 126 23.12 -0.68 36.28
CA THR A 126 22.49 -1.37 35.18
C THR A 126 20.99 -1.13 35.26
N THR A 127 20.27 -1.74 34.32
CA THR A 127 18.86 -1.89 34.43
C THR A 127 18.58 -3.38 34.62
N THR A 128 17.30 -3.67 34.81
CA THR A 128 16.84 -4.90 35.41
C THR A 128 17.44 -6.14 34.73
N GLN A 129 17.51 -6.15 33.40
CA GLN A 129 17.79 -7.41 32.71
C GLN A 129 19.29 -7.74 32.73
N HIS A 130 20.13 -6.84 33.26
CA HIS A 130 21.57 -7.12 33.42
C HIS A 130 22.01 -7.03 34.90
N LEU A 131 21.06 -6.94 35.84
CA LEU A 131 21.37 -6.82 37.27
C LEU A 131 22.31 -7.96 37.72
N HIS A 132 22.01 -9.16 37.23
CA HIS A 132 22.70 -10.38 37.60
C HIS A 132 24.18 -10.39 37.17
N LEU A 133 24.63 -9.44 36.36
CA LEU A 133 26.02 -9.45 35.90
C LEU A 133 26.90 -8.47 36.68
N LEU A 134 26.32 -7.65 37.57
CA LEU A 134 27.08 -6.66 38.36
C LEU A 134 28.25 -7.31 39.10
N ASN A 135 28.00 -8.46 39.75
CA ASN A 135 28.99 -9.19 40.55
C ASN A 135 30.32 -9.36 39.80
N GLU A 136 30.22 -9.95 38.60
CA GLU A 136 31.37 -10.35 37.87
C GLU A 136 32.10 -9.10 37.34
N ILE A 137 31.35 -8.07 36.95
CA ILE A 137 31.97 -6.78 36.55
C ILE A 137 32.71 -6.17 37.74
N LYS A 138 32.04 -6.09 38.89
CA LYS A 138 32.62 -5.50 40.09
C LYS A 138 33.89 -6.23 40.52
N ASP A 139 33.87 -7.56 40.50
CA ASP A 139 35.04 -8.36 40.90
C ASP A 139 36.23 -8.07 39.97
N TYR A 140 35.98 -8.07 38.65
CA TYR A 140 37.01 -7.74 37.67
C TYR A 140 37.63 -6.40 38.02
N LEU A 141 36.78 -5.37 38.15
CA LEU A 141 37.25 -4.01 38.35
C LEU A 141 38.08 -3.92 39.64
N GLU A 142 37.62 -4.53 40.73
CA GLU A 142 38.36 -4.41 41.95
C GLU A 142 39.65 -5.24 41.90
N ASP A 143 39.67 -6.34 41.13
CA ASP A 143 40.92 -7.09 40.94
C ASP A 143 41.90 -6.30 40.07
N ASN A 144 41.46 -5.19 39.46
CA ASN A 144 42.38 -4.39 38.65
C ASN A 144 42.46 -2.95 39.18
N GLY A 145 42.32 -2.80 40.50
CA GLY A 145 42.69 -1.57 41.21
C GLY A 145 41.61 -0.49 41.20
N LYS A 146 40.37 -0.89 40.96
CA LYS A 146 39.29 0.08 41.02
C LYS A 146 38.61 -0.07 42.37
N GLU A 147 37.96 1.00 42.87
CA GLU A 147 37.03 0.87 43.96
C GLU A 147 35.62 1.05 43.39
N VAL A 148 34.77 0.02 43.53
CA VAL A 148 33.45 0.02 42.93
C VAL A 148 32.40 -0.02 44.05
N VAL A 149 31.42 0.88 43.96
CA VAL A 149 30.29 0.91 44.86
C VAL A 149 28.99 0.65 44.08
N LEU A 150 28.16 -0.22 44.70
CA LEU A 150 26.76 -0.52 44.40
C LEU A 150 25.86 0.36 45.26
N GLY A 151 25.07 1.22 44.63
CA GLY A 151 24.06 1.95 45.35
C GLY A 151 22.74 1.21 45.34
N SER A 152 22.10 1.13 46.52
CA SER A 152 20.69 0.77 46.68
C SER A 152 19.89 1.95 47.24
N SER A 153 18.58 1.78 47.32
CA SER A 153 17.67 2.79 47.81
C SER A 153 16.31 2.13 48.05
N LYS A 154 15.36 2.91 48.55
CA LYS A 154 14.09 2.35 48.98
C LYS A 154 13.34 1.73 47.80
N ASN A 155 13.59 2.27 46.59
CA ASN A 155 12.80 2.05 45.37
C ASN A 155 13.49 1.15 44.33
N THR A 156 14.82 1.09 44.37
CA THR A 156 15.58 0.41 43.31
C THR A 156 16.52 -0.61 43.95
N LYS A 157 16.75 -1.74 43.27
CA LYS A 157 17.66 -2.76 43.79
C LYS A 157 19.11 -2.26 43.64
N LYS A 158 20.02 -3.01 44.29
CA LYS A 158 21.44 -2.70 44.29
C LYS A 158 21.92 -2.54 42.85
N GLY A 159 22.41 -1.34 42.52
CA GLY A 159 23.02 -1.01 41.23
C GLY A 159 22.02 -0.77 40.11
N GLN A 160 20.74 -0.51 40.42
CA GLN A 160 19.78 -0.33 39.34
C GLN A 160 19.23 1.09 39.26
N VAL A 161 19.17 1.62 38.04
CA VAL A 161 18.41 2.83 37.76
C VAL A 161 17.21 2.51 36.88
N LEU A 162 16.32 3.51 36.87
CA LEU A 162 15.15 3.64 36.02
C LEU A 162 15.09 5.12 35.68
N GLY A 163 14.39 5.51 34.61
CA GLY A 163 14.40 6.91 34.16
C GLY A 163 13.82 7.89 35.18
N CYS A 164 13.01 7.38 36.10
CA CYS A 164 12.34 8.21 37.10
C CYS A 164 12.69 7.76 38.53
N ASN A 165 13.75 6.96 38.70
CA ASN A 165 14.31 6.80 40.03
C ASN A 165 15.77 6.39 39.89
N PHE A 166 16.61 7.38 40.15
CA PHE A 166 18.02 7.23 40.32
C PHE A 166 18.37 7.31 41.79
N SER A 167 17.43 6.92 42.67
CA SER A 167 17.63 7.00 44.11
C SER A 167 18.88 6.21 44.50
N SER A 168 19.17 5.15 43.74
CA SER A 168 20.23 4.26 44.14
C SER A 168 21.62 4.79 43.73
N ILE A 169 21.76 6.00 43.19
CA ILE A 169 23.12 6.51 43.04
C ILE A 169 23.23 7.91 43.65
N LYS A 170 22.36 8.21 44.63
CA LYS A 170 22.22 9.59 45.14
C LYS A 170 23.39 10.04 46.03
N ASN A 171 23.88 9.13 46.89
CA ASN A 171 24.77 9.53 47.97
C ASN A 171 26.08 8.75 47.89
N LEU A 172 26.47 8.37 46.66
CA LEU A 172 27.64 7.54 46.42
C LEU A 172 28.87 8.39 46.11
N ASP A 173 28.67 9.53 45.41
CA ASP A 173 29.68 10.57 45.10
C ASP A 173 30.99 9.92 44.62
N ALA A 174 30.89 9.31 43.43
CA ALA A 174 31.96 8.61 42.71
C ALA A 174 32.56 9.54 41.66
N GLU A 175 33.71 9.13 41.11
CA GLU A 175 34.37 9.88 40.03
C GLU A 175 33.64 9.67 38.70
N VAL A 176 33.10 8.46 38.53
CA VAL A 176 32.55 7.97 37.30
C VAL A 176 31.36 7.06 37.64
N TYR A 177 30.36 7.09 36.76
CA TYR A 177 29.29 6.12 36.79
C TYR A 177 29.37 5.28 35.51
N LEU A 178 29.53 3.96 35.67
CA LEU A 178 29.58 3.04 34.54
C LEU A 178 28.22 2.36 34.43
N PHE A 179 27.49 2.61 33.34
CA PHE A 179 26.21 1.97 33.04
C PHE A 179 26.44 0.77 32.10
N ILE A 180 25.79 -0.36 32.41
CA ILE A 180 25.82 -1.54 31.58
C ILE A 180 24.45 -1.60 30.95
N GLY A 181 24.32 -1.11 29.72
CA GLY A 181 23.07 -1.36 29.00
C GLY A 181 22.98 -0.68 27.65
N SER A 182 21.76 -0.79 27.10
CA SER A 182 21.43 -0.91 25.68
C SER A 182 21.30 0.45 24.99
N GLY A 183 20.75 1.43 25.70
CA GLY A 183 20.31 2.65 25.05
C GLY A 183 20.81 3.88 25.77
N ASN A 184 20.75 5.02 25.06
CA ASN A 184 21.12 6.30 25.61
C ASN A 184 20.24 6.63 26.82
N PHE A 185 19.00 6.13 26.89
CA PHE A 185 18.16 6.81 27.87
C PHE A 185 18.76 6.64 29.25
N HIS A 186 19.10 5.44 29.69
CA HIS A 186 19.50 5.32 31.08
C HIS A 186 20.81 6.06 31.35
N PRO A 187 21.86 5.91 30.50
CA PRO A 187 23.04 6.75 30.65
C PRO A 187 22.75 8.26 30.63
N LEU A 188 21.80 8.66 29.79
CA LEU A 188 21.38 10.05 29.69
C LEU A 188 20.85 10.56 31.04
N GLY A 189 19.99 9.77 31.69
CA GLY A 189 19.40 10.15 32.99
C GLY A 189 20.45 10.24 34.08
N ILE A 190 21.37 9.28 34.09
CA ILE A 190 22.42 9.30 35.10
C ILE A 190 23.25 10.57 34.91
N TYR A 191 23.57 10.94 33.65
CA TYR A 191 24.32 12.17 33.37
C TYR A 191 23.58 13.40 33.88
N LEU A 192 22.31 13.54 33.53
CA LEU A 192 21.55 14.73 33.93
C LEU A 192 21.39 14.85 35.45
N PHE A 193 21.23 13.74 36.19
CA PHE A 193 21.11 13.77 37.66
C PHE A 193 22.46 14.13 38.31
N THR A 194 23.54 13.50 37.83
CA THR A 194 24.84 13.54 38.51
C THR A 194 25.72 14.68 37.98
N LYS A 195 25.52 15.10 36.72
CA LYS A 195 26.39 16.04 36.00
C LYS A 195 27.87 15.59 36.10
N SER A 196 28.06 14.25 36.18
CA SER A 196 29.36 13.59 36.38
C SER A 196 29.80 12.89 35.11
N PRO A 197 31.04 12.39 35.04
CA PRO A 197 31.43 11.43 34.00
C PRO A 197 30.51 10.20 34.02
N VAL A 198 29.95 9.86 32.86
CA VAL A 198 29.11 8.69 32.71
C VAL A 198 29.63 7.94 31.50
N LEU A 199 30.00 6.67 31.71
CA LEU A 199 30.35 5.75 30.65
C LEU A 199 29.22 4.71 30.54
N ALA A 200 28.98 4.21 29.32
CA ALA A 200 27.97 3.19 29.10
C ALA A 200 28.54 2.11 28.19
N LEU A 201 28.50 0.86 28.66
CA LEU A 201 28.87 -0.29 27.88
C LEU A 201 27.59 -0.91 27.30
N ASP A 202 27.42 -0.94 25.97
CA ASP A 202 26.34 -1.68 25.32
C ASP A 202 26.81 -3.12 25.13
N PRO A 203 26.41 -4.07 25.98
CA PRO A 203 26.88 -5.44 25.83
C PRO A 203 26.32 -6.19 24.61
N TYR A 204 25.68 -5.45 23.70
CA TYR A 204 25.29 -5.93 22.38
C TYR A 204 26.16 -5.32 21.28
N ASN A 205 26.25 -3.98 21.26
CA ASN A 205 27.19 -3.29 20.38
C ASN A 205 28.66 -3.61 20.73
N SER A 206 28.91 -4.12 21.94
CA SER A 206 30.26 -4.22 22.53
C SER A 206 30.94 -2.86 22.57
N GLU A 207 30.14 -1.80 22.44
CA GLU A 207 30.62 -0.41 22.26
C GLU A 207 30.51 0.31 23.60
N ILE A 208 31.60 0.98 24.02
CA ILE A 208 31.66 1.76 25.26
C ILE A 208 31.69 3.23 24.86
N ARG A 209 30.73 4.00 25.36
CA ARG A 209 30.55 5.35 24.86
C ARG A 209 30.37 6.30 26.03
N ASP A 210 30.99 7.50 25.91
CA ASP A 210 30.79 8.61 26.80
C ASP A 210 29.57 9.39 26.31
N ILE A 211 28.66 9.72 27.24
CA ILE A 211 27.31 10.11 26.88
C ILE A 211 27.20 11.64 26.90
N SER A 212 28.24 12.29 27.43
CA SER A 212 28.27 13.71 27.73
C SER A 212 27.86 14.54 26.51
N ALA A 213 28.25 14.14 25.30
CA ALA A 213 27.99 14.95 24.10
C ALA A 213 26.48 15.05 23.82
N PHE A 214 25.86 13.88 23.73
CA PHE A 214 24.43 13.76 23.49
C PHE A 214 23.63 14.44 24.62
N ALA A 215 24.16 14.38 25.84
CA ALA A 215 23.51 14.97 27.00
C ALA A 215 23.41 16.50 26.83
N ASP A 216 24.51 17.13 26.44
CA ASP A 216 24.57 18.57 26.26
C ASP A 216 23.63 18.98 25.13
N ARG A 217 23.53 18.15 24.09
CA ARG A 217 22.65 18.42 22.95
C ARG A 217 21.19 18.50 23.43
N ILE A 218 20.80 17.50 24.25
CA ILE A 218 19.46 17.41 24.86
C ILE A 218 19.17 18.66 25.70
N LEU A 219 20.13 18.98 26.58
CA LEU A 219 19.99 20.07 27.55
C LEU A 219 19.76 21.40 26.84
N ARG A 220 20.43 21.59 25.70
CA ARG A 220 20.29 22.85 24.99
C ARG A 220 18.88 22.95 24.37
N ILE A 221 18.28 21.80 24.03
CA ILE A 221 16.90 21.81 23.54
C ILE A 221 15.94 22.05 24.73
N ARG A 222 16.22 21.46 25.90
CA ARG A 222 15.41 21.75 27.10
C ARG A 222 15.44 23.26 27.42
N PHE A 223 16.63 23.86 27.31
CA PHE A 223 16.79 25.31 27.48
C PHE A 223 15.80 26.05 26.57
N ALA A 224 15.80 25.69 25.28
CA ALA A 224 15.00 26.38 24.28
C ALA A 224 13.49 26.17 24.54
N ARG A 225 13.08 24.98 25.02
CA ARG A 225 11.69 24.74 25.42
C ARG A 225 11.29 25.66 26.58
N ILE A 226 12.14 25.72 27.60
CA ILE A 226 11.86 26.56 28.76
C ILE A 226 11.77 28.03 28.32
N THR A 227 12.66 28.45 27.42
CA THR A 227 12.67 29.81 26.86
C THR A 227 11.28 30.17 26.31
N LYS A 228 10.73 29.25 25.51
CA LYS A 228 9.43 29.43 24.89
C LYS A 228 8.32 29.45 25.95
N ALA A 229 8.41 28.54 26.92
CA ALA A 229 7.38 28.39 27.97
C ALA A 229 7.27 29.65 28.83
N ARG A 230 8.30 30.51 28.84
CA ARG A 230 8.26 31.74 29.62
C ARG A 230 7.16 32.70 29.12
N GLU A 231 6.72 32.57 27.86
CA GLU A 231 5.66 33.43 27.34
C GLU A 231 4.27 32.83 27.60
N ALA A 232 4.20 31.56 28.02
CA ALA A 232 2.94 30.84 28.19
C ALA A 232 2.07 31.52 29.27
N GLU A 233 0.77 31.70 28.97
CA GLU A 233 -0.18 32.35 29.87
C GLU A 233 -1.26 31.37 30.34
N LYS A 234 -1.46 30.26 29.62
CA LYS A 234 -2.49 29.27 29.94
C LYS A 234 -1.86 27.89 29.81
N TRP A 235 -2.05 27.06 30.84
CA TRP A 235 -1.24 25.88 31.06
C TRP A 235 -2.12 24.65 31.27
N GLY A 236 -1.60 23.52 30.79
CA GLY A 236 -2.10 22.22 31.17
C GLY A 236 -1.18 21.59 32.19
N ILE A 237 -1.79 20.86 33.13
CA ILE A 237 -1.06 19.97 34.00
C ILE A 237 -1.51 18.55 33.69
N ILE A 238 -0.58 17.75 33.18
CA ILE A 238 -0.89 16.42 32.65
C ILE A 238 -0.74 15.39 33.77
N VAL A 239 -1.80 14.62 34.01
CA VAL A 239 -1.76 13.56 35.02
C VAL A 239 -2.17 12.23 34.38
N SER A 240 -1.56 11.15 34.87
CA SER A 240 -1.71 9.83 34.29
C SER A 240 -2.45 8.91 35.26
N SER A 241 -3.38 8.12 34.71
CA SER A 241 -4.09 7.09 35.46
C SER A 241 -3.21 5.85 35.64
N LYS A 242 -1.99 5.87 35.11
CA LYS A 242 -1.01 4.81 35.35
C LYS A 242 -0.79 4.72 36.86
N GLU A 243 -0.90 3.51 37.40
CA GLU A 243 -0.86 3.29 38.83
C GLU A 243 0.35 4.02 39.45
N GLY A 244 1.54 3.70 38.91
CA GLY A 244 2.79 4.21 39.45
C GLY A 244 3.03 5.67 39.11
N GLN A 245 2.30 6.22 38.15
CA GLN A 245 2.59 7.57 37.64
C GLN A 245 1.58 8.60 38.14
N TYR A 246 0.60 8.19 38.96
CA TYR A 246 -0.41 9.12 39.45
C TYR A 246 0.23 10.06 40.49
N ARG A 247 0.27 11.38 40.21
CA ARG A 247 0.80 12.39 41.14
C ARG A 247 -0.12 13.61 41.17
N MET A 248 -1.38 13.36 41.51
CA MET A 248 -2.44 14.35 41.47
C MET A 248 -2.20 15.44 42.52
N LYS A 249 -1.65 15.06 43.69
CA LYS A 249 -1.30 16.03 44.74
C LYS A 249 -0.46 17.16 44.13
N LEU A 250 0.64 16.76 43.47
CA LEU A 250 1.57 17.69 42.86
C LEU A 250 0.85 18.49 41.77
N ALA A 251 0.02 17.80 40.98
CA ALA A 251 -0.71 18.47 39.89
C ALA A 251 -1.52 19.65 40.44
N LYS A 252 -2.28 19.40 41.52
CA LYS A 252 -3.14 20.42 42.11
C LYS A 252 -2.29 21.55 42.71
N GLU A 253 -1.15 21.19 43.32
CA GLU A 253 -0.27 22.17 43.92
C GLU A 253 0.26 23.12 42.84
N ILE A 254 0.63 22.54 41.69
CA ILE A 254 1.16 23.31 40.56
C ILE A 254 0.07 24.24 40.01
N LYS A 255 -1.17 23.72 39.92
CA LYS A 255 -2.35 24.50 39.52
C LYS A 255 -2.40 25.83 40.29
N LYS A 256 -2.42 25.70 41.62
CA LYS A 256 -2.61 26.87 42.46
C LYS A 256 -1.41 27.79 42.34
N ILE A 257 -0.21 27.22 42.16
CA ILE A 257 1.02 28.01 42.02
C ILE A 257 0.97 28.85 40.74
N LEU A 258 0.51 28.25 39.63
CA LEU A 258 0.36 28.97 38.36
C LEU A 258 -0.69 30.07 38.49
N GLU A 259 -1.81 29.77 39.16
CA GLU A 259 -2.86 30.76 39.40
C GLU A 259 -2.32 31.90 40.29
N ASP A 260 -1.53 31.53 41.31
CA ASP A 260 -0.84 32.50 42.17
C ASP A 260 0.05 33.43 41.33
N ASN A 261 0.60 32.90 40.22
CA ASN A 261 1.41 33.67 39.28
C ASN A 261 0.56 34.31 38.17
N LYS A 262 -0.75 34.48 38.40
CA LYS A 262 -1.71 35.15 37.48
C LYS A 262 -1.74 34.48 36.09
N MET A 263 -1.73 33.15 36.08
CA MET A 263 -1.95 32.41 34.85
C MET A 263 -3.10 31.40 35.06
N GLU A 264 -3.65 30.90 33.95
CA GLU A 264 -4.65 29.84 33.96
C GLU A 264 -3.96 28.49 33.92
N ALA A 265 -4.52 27.53 34.65
CA ALA A 265 -4.00 26.18 34.66
C ALA A 265 -5.15 25.19 34.81
N TYR A 266 -5.11 24.12 34.01
CA TYR A 266 -6.16 23.11 34.00
C TYR A 266 -5.51 21.74 34.03
N ILE A 267 -6.00 20.87 34.92
CA ILE A 267 -5.49 19.51 34.99
C ILE A 267 -6.21 18.67 33.93
N ILE A 268 -5.42 17.92 33.14
CA ILE A 268 -5.90 16.95 32.18
C ILE A 268 -5.35 15.58 32.57
N MET A 269 -6.24 14.60 32.76
CA MET A 269 -5.80 13.27 33.10
C MET A 269 -6.13 12.31 31.96
N ALA A 270 -5.17 11.45 31.64
CA ALA A 270 -5.38 10.36 30.73
C ALA A 270 -4.44 9.21 31.09
N ASP A 271 -4.57 8.10 30.36
CA ASP A 271 -3.68 6.95 30.51
C ASP A 271 -2.35 7.23 29.77
N ASN A 272 -2.32 7.00 28.45
CA ASN A 272 -1.11 7.19 27.63
C ASN A 272 -1.08 8.64 27.14
N ILE A 273 0.05 9.31 27.33
CA ILE A 273 0.23 10.70 26.86
C ILE A 273 0.92 10.68 25.51
N ASN A 274 0.29 11.32 24.51
CA ASN A 274 0.81 11.46 23.17
C ASN A 274 0.32 12.80 22.64
N PRO A 275 1.02 13.39 21.65
CA PRO A 275 0.60 14.67 21.09
C PRO A 275 -0.86 14.71 20.62
N ASP A 276 -1.39 13.59 20.11
CA ASP A 276 -2.70 13.60 19.46
C ASP A 276 -3.82 13.89 20.49
N ILE A 277 -3.66 13.47 21.75
CA ILE A 277 -4.72 13.69 22.75
C ILE A 277 -4.77 15.16 23.18
N LEU A 278 -3.70 15.93 22.90
CA LEU A 278 -3.57 17.32 23.39
C LEU A 278 -3.89 18.33 22.27
N LEU A 279 -4.06 17.87 21.03
CA LEU A 279 -4.41 18.77 19.91
C LEU A 279 -5.70 19.55 20.18
N PRO A 280 -6.73 18.95 20.82
CA PRO A 280 -8.01 19.64 21.06
C PRO A 280 -7.94 20.93 21.90
N TYR A 281 -7.01 21.00 22.86
CA TYR A 281 -6.97 22.12 23.80
C TYR A 281 -6.17 23.28 23.22
N MET A 282 -6.78 23.96 22.24
CA MET A 282 -6.12 24.95 21.40
C MET A 282 -5.66 26.15 22.23
N GLU A 283 -6.39 26.45 23.31
CA GLU A 283 -6.15 27.59 24.18
C GLU A 283 -4.84 27.43 24.96
N LEU A 284 -4.39 26.19 25.22
CA LEU A 284 -3.29 26.00 26.17
C LEU A 284 -1.95 26.18 25.46
N ASP A 285 -1.05 26.94 26.09
CA ASP A 285 0.22 27.33 25.46
C ASP A 285 1.37 26.40 25.85
N ALA A 286 1.30 25.76 27.02
CA ALA A 286 2.37 24.82 27.41
C ALA A 286 1.83 23.87 28.48
N PHE A 287 2.56 22.77 28.72
CA PHE A 287 2.08 21.64 29.52
C PHE A 287 3.17 21.20 30.50
N VAL A 288 2.76 20.84 31.72
CA VAL A 288 3.65 20.32 32.76
C VAL A 288 3.23 18.89 33.05
N VAL A 289 4.20 17.96 33.07
CA VAL A 289 3.92 16.53 33.11
C VAL A 289 4.14 16.01 34.52
N SER A 290 3.02 15.59 35.14
CA SER A 290 2.99 15.00 36.44
C SER A 290 3.11 13.48 36.36
N ALA A 291 3.07 12.92 35.15
CA ALA A 291 3.24 11.47 34.94
C ALA A 291 4.74 11.16 34.94
N CYS A 292 5.15 9.99 34.43
CA CYS A 292 6.58 9.65 34.30
C CYS A 292 7.33 10.78 33.57
N PRO A 293 8.33 11.41 34.26
CA PRO A 293 8.98 12.64 33.79
C PRO A 293 9.59 12.54 32.39
N ARG A 294 9.94 11.30 32.04
CA ARG A 294 10.73 10.87 30.89
C ARG A 294 9.98 11.20 29.57
N ILE A 295 8.63 11.19 29.61
CA ILE A 295 7.84 11.61 28.44
C ILE A 295 8.27 13.01 27.99
N ALA A 296 8.24 13.95 28.93
CA ALA A 296 8.56 15.37 28.65
C ALA A 296 9.99 15.53 28.12
N ILE A 297 10.91 14.70 28.62
CA ILE A 297 12.35 14.76 28.26
C ILE A 297 12.61 14.08 26.92
N ASP A 298 12.10 12.86 26.78
CA ASP A 298 12.53 11.95 25.73
C ASP A 298 11.77 12.17 24.42
N ASP A 299 10.49 12.56 24.54
CA ASP A 299 9.60 12.62 23.38
C ASP A 299 9.29 14.06 22.98
N SER A 300 9.97 15.06 23.56
CA SER A 300 9.59 16.47 23.37
C SER A 300 9.58 16.87 21.88
N GLN A 301 10.44 16.25 21.08
CA GLN A 301 10.51 16.52 19.63
C GLN A 301 9.21 16.13 18.90
N MET A 302 8.35 15.31 19.51
CA MET A 302 7.07 14.95 18.89
C MET A 302 6.00 16.02 19.10
N TYR A 303 6.24 16.96 20.02
CA TYR A 303 5.23 17.96 20.47
C TYR A 303 5.64 19.36 20.00
N LYS A 304 4.77 20.11 19.30
CA LYS A 304 5.13 21.51 18.96
C LYS A 304 5.19 22.36 20.23
N LYS A 305 4.14 22.26 21.05
CA LYS A 305 3.99 22.99 22.32
C LYS A 305 4.92 22.40 23.39
N PRO A 306 5.49 23.23 24.29
CA PRO A 306 6.48 22.75 25.25
C PRO A 306 5.84 21.82 26.29
N LEU A 307 6.53 20.69 26.53
CA LEU A 307 6.17 19.73 27.59
C LEU A 307 7.30 19.74 28.60
N LEU A 308 6.98 20.05 29.87
CA LEU A 308 7.97 20.40 30.89
C LEU A 308 7.81 19.50 32.11
N THR A 309 8.92 19.16 32.78
CA THR A 309 8.85 18.50 34.08
C THR A 309 8.47 19.55 35.11
N PRO A 310 8.04 19.13 36.32
CA PRO A 310 7.80 20.08 37.40
C PRO A 310 9.04 20.94 37.70
N GLN A 311 10.22 20.31 37.65
CA GLN A 311 11.49 20.99 37.96
C GLN A 311 11.73 22.10 36.93
N GLU A 312 11.43 21.81 35.67
CA GLU A 312 11.56 22.77 34.59
C GLU A 312 10.57 23.91 34.79
N LEU A 313 9.34 23.57 35.24
CA LEU A 313 8.39 24.63 35.56
C LEU A 313 8.98 25.57 36.62
N GLU A 314 9.68 24.99 37.61
CA GLU A 314 10.32 25.79 38.65
C GLU A 314 11.30 26.78 38.02
N ILE A 315 12.02 26.35 36.98
CA ILE A 315 12.98 27.25 36.30
C ILE A 315 12.21 28.36 35.58
N VAL A 316 11.07 28.02 34.96
CA VAL A 316 10.26 29.00 34.24
C VAL A 316 9.85 30.12 35.20
N LEU A 317 9.44 29.73 36.41
CA LEU A 317 8.93 30.67 37.39
C LEU A 317 10.05 31.30 38.24
N ASN A 318 11.32 31.05 37.89
CA ASN A 318 12.50 31.62 38.57
C ASN A 318 12.56 31.15 40.04
N LYS A 319 12.00 29.97 40.30
CA LYS A 319 11.97 29.41 41.66
C LYS A 319 13.06 28.35 41.87
N ARG A 320 13.65 27.87 40.77
CA ARG A 320 14.82 26.99 40.74
C ARG A 320 15.84 27.57 39.77
N GLN A 321 17.12 27.42 40.16
CA GLN A 321 18.33 27.92 39.46
C GLN A 321 18.60 27.09 38.19
N TRP A 322 19.10 27.73 37.12
CA TRP A 322 19.47 26.97 35.93
C TRP A 322 20.52 25.89 36.25
N GLU A 323 21.46 26.23 37.14
CA GLU A 323 22.53 25.31 37.52
C GLU A 323 21.95 24.04 38.17
N ASN A 324 20.70 24.13 38.64
CA ASN A 324 20.00 23.05 39.31
C ASN A 324 18.91 22.46 38.41
N TYR A 325 19.05 22.59 37.09
CA TYR A 325 18.26 21.74 36.19
C TYR A 325 18.41 20.27 36.62
N GLN A 326 17.30 19.53 36.72
CA GLN A 326 17.33 18.18 37.24
C GLN A 326 16.19 17.38 36.63
N LEU A 327 16.38 16.06 36.52
CA LEU A 327 15.27 15.15 36.26
C LEU A 327 14.38 15.02 37.51
N ASP A 328 13.09 14.82 37.25
CA ASP A 328 12.10 14.57 38.26
C ASP A 328 12.15 13.07 38.57
N GLU A 329 11.67 12.66 39.75
CA GLU A 329 11.55 11.22 40.08
C GLU A 329 10.16 10.82 40.60
N ILE A 330 9.88 9.51 40.48
CA ILE A 330 8.72 8.78 41.03
C ILE A 330 9.21 7.97 42.24
N LEU A 331 8.62 8.24 43.41
CA LEU A 331 8.88 7.52 44.65
C LEU A 331 7.56 7.06 45.24
N PHE A 332 7.56 5.89 45.88
CA PHE A 332 6.40 5.35 46.61
C PHE A 332 6.51 5.63 48.13
N ASN B 8 -24.77 22.17 22.01
CA ASN B 8 -24.77 23.25 23.04
C ASN B 8 -24.79 22.64 24.45
N MET B 9 -23.99 23.24 25.33
CA MET B 9 -23.30 22.53 26.41
C MET B 9 -24.12 22.45 27.72
N ASP B 10 -25.26 23.13 27.84
CA ASP B 10 -26.15 22.96 28.99
C ASP B 10 -25.38 23.29 30.28
N LEU B 11 -24.58 24.34 30.23
CA LEU B 11 -23.65 24.68 31.30
C LEU B 11 -24.40 25.02 32.60
N ASP B 12 -25.50 25.77 32.50
CA ASP B 12 -26.25 26.19 33.68
C ASP B 12 -26.78 24.96 34.44
N LYS B 13 -27.15 23.89 33.74
CA LYS B 13 -27.67 22.67 34.38
C LYS B 13 -26.53 21.89 35.06
N VAL B 14 -25.39 21.80 34.37
CA VAL B 14 -24.18 21.18 34.92
C VAL B 14 -23.82 21.84 36.25
N ILE B 15 -23.87 23.18 36.25
CA ILE B 15 -23.55 24.02 37.40
C ILE B 15 -24.54 23.70 38.52
N ARG B 16 -25.84 23.67 38.19
CA ARG B 16 -26.88 23.25 39.13
C ARG B 16 -26.43 21.96 39.83
N LYS B 17 -26.05 20.95 39.03
CA LYS B 17 -25.78 19.63 39.60
C LYS B 17 -24.50 19.68 40.44
N ILE B 18 -23.47 20.40 39.96
CA ILE B 18 -22.18 20.51 40.68
C ILE B 18 -22.43 21.06 42.08
N ASN B 19 -23.10 22.21 42.16
CA ASN B 19 -23.22 22.92 43.42
C ASN B 19 -24.07 22.11 44.40
N LYS B 20 -25.15 21.47 43.93
CA LYS B 20 -26.02 20.67 44.80
C LYS B 20 -25.18 19.60 45.52
N LYS B 21 -24.41 18.87 44.71
CA LYS B 21 -23.78 17.65 45.18
C LYS B 21 -22.41 17.97 45.78
N GLY B 22 -22.08 19.26 45.92
CA GLY B 22 -21.03 19.77 46.81
C GLY B 22 -19.62 19.43 46.35
N ALA B 23 -19.43 19.39 45.03
CA ALA B 23 -18.19 18.92 44.42
C ALA B 23 -17.03 19.85 44.81
N ARG B 24 -15.95 19.23 45.29
CA ARG B 24 -14.60 19.79 45.29
C ARG B 24 -13.93 19.55 43.92
N THR B 25 -14.18 18.41 43.28
CA THR B 25 -13.48 18.08 42.06
C THR B 25 -14.48 17.49 41.06
N VAL B 26 -14.46 18.00 39.83
CA VAL B 26 -15.39 17.60 38.78
C VAL B 26 -14.60 17.14 37.56
N GLY B 27 -14.96 15.95 37.05
CA GLY B 27 -14.43 15.45 35.80
C GLY B 27 -15.32 15.82 34.63
N LEU B 28 -14.70 16.07 33.47
CA LEU B 28 -15.39 16.35 32.20
C LEU B 28 -15.02 15.28 31.18
N GLN B 29 -16.05 14.70 30.54
CA GLN B 29 -15.87 13.74 29.49
C GLN B 29 -16.56 14.21 28.20
N PHE B 30 -15.86 13.99 27.09
CA PHE B 30 -16.27 14.46 25.80
C PHE B 30 -15.93 13.40 24.76
N PRO B 31 -16.63 13.32 23.61
CA PRO B 31 -16.02 12.70 22.42
C PRO B 31 -14.96 13.67 21.88
N GLU B 32 -14.03 13.18 21.06
CA GLU B 32 -12.92 14.04 20.61
C GLU B 32 -13.52 15.25 19.88
N GLY B 33 -14.71 15.10 19.28
CA GLY B 33 -15.42 16.21 18.63
C GLY B 33 -15.83 17.36 19.55
N LEU B 34 -15.91 17.12 20.86
CA LEU B 34 -16.36 18.14 21.82
C LEU B 34 -15.26 18.58 22.79
N LYS B 35 -14.07 17.96 22.76
CA LYS B 35 -13.00 18.24 23.73
C LYS B 35 -12.62 19.72 23.77
N MET B 36 -12.61 20.41 22.62
CA MET B 36 -12.06 21.78 22.64
C MET B 36 -12.99 22.74 23.39
N GLN B 37 -14.16 22.28 23.87
CA GLN B 37 -14.99 23.12 24.75
C GLN B 37 -14.71 22.84 26.23
N ALA B 38 -13.76 21.96 26.54
CA ALA B 38 -13.43 21.61 27.91
C ALA B 38 -12.84 22.82 28.66
N VAL B 39 -11.99 23.60 28.01
CA VAL B 39 -11.34 24.74 28.66
C VAL B 39 -12.41 25.78 29.06
N LYS B 40 -13.30 26.14 28.13
CA LYS B 40 -14.35 27.12 28.38
C LYS B 40 -15.21 26.68 29.57
N ILE B 41 -15.55 25.39 29.62
CA ILE B 41 -16.41 24.85 30.68
C ILE B 41 -15.66 24.80 32.01
N ALA B 42 -14.42 24.29 31.99
CA ALA B 42 -13.59 24.24 33.17
C ALA B 42 -13.43 25.66 33.74
N LYS B 43 -13.20 26.63 32.86
CA LYS B 43 -12.96 28.02 33.28
C LYS B 43 -14.20 28.58 33.98
N ALA B 44 -15.38 28.30 33.41
CA ALA B 44 -16.67 28.78 33.95
C ALA B 44 -16.94 28.15 35.32
N ILE B 45 -16.75 26.84 35.42
CA ILE B 45 -17.07 26.12 36.65
C ILE B 45 -16.12 26.57 37.77
N GLU B 46 -14.83 26.75 37.46
CA GLU B 46 -13.84 27.19 38.46
C GLU B 46 -14.09 28.64 38.89
N SER B 47 -14.68 29.44 38.00
CA SER B 47 -15.04 30.82 38.29
C SER B 47 -16.26 30.89 39.22
N GLN B 48 -17.20 29.93 39.08
CA GLN B 48 -18.54 30.00 39.70
C GLN B 48 -18.67 29.10 40.95
N THR B 49 -17.74 28.18 41.16
CA THR B 49 -17.81 27.22 42.24
C THR B 49 -16.41 27.07 42.83
N PRO B 50 -16.26 26.46 44.03
CA PRO B 50 -14.92 26.19 44.58
C PRO B 50 -14.21 24.95 44.01
N ALA B 51 -14.80 24.31 43.00
CA ALA B 51 -14.33 23.03 42.49
C ALA B 51 -13.16 23.21 41.53
N THR B 52 -12.27 22.20 41.52
CA THR B 52 -11.22 22.01 40.52
C THR B 52 -11.75 21.09 39.43
N VAL B 53 -11.53 21.45 38.17
CA VAL B 53 -12.00 20.65 37.04
C VAL B 53 -10.86 19.75 36.54
N ILE B 54 -11.13 18.44 36.34
CA ILE B 54 -10.21 17.48 35.70
C ILE B 54 -10.80 17.10 34.33
N ILE B 55 -10.09 17.47 33.28
CA ILE B 55 -10.50 17.12 31.92
C ILE B 55 -10.01 15.68 31.66
N SER B 56 -10.92 14.75 31.33
CA SER B 56 -10.48 13.44 30.82
C SER B 56 -9.94 13.62 29.40
N GLY B 57 -8.62 13.49 29.20
CA GLY B 57 -7.97 13.78 27.90
C GLY B 57 -7.90 12.58 26.98
N ASP B 58 -8.26 11.41 27.55
CA ASP B 58 -8.56 10.12 26.93
C ASP B 58 -9.34 10.28 25.62
N PRO B 59 -8.97 9.56 24.54
CA PRO B 59 -9.88 9.42 23.40
C PRO B 59 -11.14 8.72 23.88
N CYS B 60 -12.30 9.17 23.39
CA CYS B 60 -13.59 8.75 23.90
C CYS B 60 -14.53 8.60 22.71
N PHE B 61 -14.97 7.35 22.42
CA PHE B 61 -15.92 7.11 21.33
C PHE B 61 -17.39 7.33 21.73
N GLY B 62 -17.82 6.82 22.89
CA GLY B 62 -19.23 6.82 23.21
C GLY B 62 -19.54 6.65 24.68
N ALA B 63 -20.80 6.29 24.96
CA ALA B 63 -21.30 6.03 26.31
C ALA B 63 -20.69 4.74 26.87
N CYS B 64 -20.11 3.94 25.98
CA CYS B 64 -19.40 2.69 26.30
C CYS B 64 -18.04 2.97 26.95
N ASP B 65 -17.65 4.24 26.98
CA ASP B 65 -16.26 4.67 27.09
C ASP B 65 -16.11 5.69 28.22
N VAL B 66 -16.92 5.53 29.27
CA VAL B 66 -16.85 6.31 30.51
C VAL B 66 -15.54 5.96 31.24
N SER B 67 -14.83 6.99 31.73
CA SER B 67 -13.54 6.78 32.41
C SER B 67 -13.75 6.75 33.93
N ASP B 68 -14.77 6.00 34.38
CA ASP B 68 -15.13 5.95 35.80
C ASP B 68 -14.03 5.25 36.62
N TYR B 69 -13.32 4.28 36.04
CA TYR B 69 -12.19 3.67 36.76
C TYR B 69 -11.00 4.64 36.79
N LYS B 70 -10.71 5.29 35.66
CA LYS B 70 -9.60 6.26 35.56
C LYS B 70 -9.84 7.44 36.52
N MET B 71 -11.06 7.97 36.54
CA MET B 71 -11.33 9.18 37.30
C MET B 71 -11.71 8.85 38.75
N LYS B 72 -11.86 7.56 39.08
CA LYS B 72 -12.28 7.13 40.40
C LYS B 72 -11.29 7.63 41.46
N GLY B 73 -11.83 8.35 42.44
CA GLY B 73 -11.02 8.92 43.49
C GLY B 73 -10.55 10.33 43.16
N SER B 74 -10.50 10.69 41.87
CA SER B 74 -9.95 12.00 41.48
C SER B 74 -11.04 13.08 41.38
N VAL B 75 -12.23 12.68 40.91
CA VAL B 75 -13.38 13.58 40.79
C VAL B 75 -14.56 12.98 41.55
N ASP B 76 -15.38 13.86 42.13
CA ASP B 76 -16.55 13.47 42.91
C ASP B 76 -17.78 13.32 41.99
N LEU B 77 -17.76 14.04 40.87
CA LEU B 77 -18.78 13.94 39.82
C LEU B 77 -18.09 13.99 38.46
N ILE B 78 -18.69 13.29 37.49
CA ILE B 78 -18.32 13.31 36.09
C ILE B 78 -19.47 13.94 35.30
N VAL B 79 -19.16 14.95 34.49
CA VAL B 79 -20.10 15.50 33.52
C VAL B 79 -19.69 14.97 32.14
N HIS B 80 -20.59 14.22 31.51
CA HIS B 80 -20.35 13.49 30.26
C HIS B 80 -21.26 14.07 29.17
N TYR B 81 -20.68 14.55 28.07
CA TYR B 81 -21.39 15.28 27.03
C TYR B 81 -21.57 14.42 25.76
N GLY B 82 -22.72 14.59 25.11
CA GLY B 82 -22.91 14.17 23.73
C GLY B 82 -23.53 12.79 23.58
N HIS B 83 -23.85 12.13 24.70
CA HIS B 83 -24.25 10.73 24.70
C HIS B 83 -25.47 10.52 25.61
N THR B 84 -26.36 9.61 25.21
CA THR B 84 -27.37 9.07 26.13
C THR B 84 -26.77 7.89 26.89
N PRO B 85 -26.93 7.81 28.23
CA PRO B 85 -26.34 6.70 28.98
C PRO B 85 -26.90 5.35 28.53
N LEU B 86 -26.04 4.33 28.69
CA LEU B 86 -26.33 2.93 28.45
C LEU B 86 -26.77 2.28 29.77
N PRO B 87 -27.24 1.01 29.76
CA PRO B 87 -27.53 0.29 31.00
C PRO B 87 -26.28 -0.16 31.76
N LEU B 88 -25.33 0.76 31.98
CA LEU B 88 -24.07 0.40 32.62
C LEU B 88 -24.10 0.99 34.04
N LYS B 89 -23.52 0.26 35.01
CA LYS B 89 -23.75 0.52 36.44
C LYS B 89 -22.62 1.41 36.95
N TYR B 90 -22.83 2.73 36.89
CA TYR B 90 -21.78 3.72 37.04
C TYR B 90 -21.31 3.78 38.50
N GLU B 91 -20.01 3.55 38.70
CA GLU B 91 -19.38 3.65 40.01
C GLU B 91 -19.43 5.11 40.43
N VAL B 92 -18.69 5.96 39.69
CA VAL B 92 -18.63 7.38 39.95
C VAL B 92 -19.99 8.00 39.63
N PRO B 93 -20.48 8.93 40.47
CA PRO B 93 -21.64 9.76 40.13
C PRO B 93 -21.43 10.46 38.79
N THR B 94 -22.42 10.40 37.89
CA THR B 94 -22.21 10.87 36.53
C THR B 94 -23.46 11.65 36.09
N LEU B 95 -23.24 12.76 35.38
CA LEU B 95 -24.31 13.54 34.75
C LEU B 95 -24.12 13.50 33.23
N PHE B 96 -25.12 12.98 32.52
CA PHE B 96 -25.11 12.94 31.05
C PHE B 96 -25.83 14.17 30.50
N ILE B 97 -25.12 14.96 29.69
CA ILE B 97 -25.63 16.16 29.02
C ILE B 97 -25.69 15.83 27.51
N GLU B 98 -26.88 15.85 26.90
CA GLU B 98 -26.99 15.35 25.52
C GLU B 98 -26.28 16.32 24.53
N ALA B 99 -26.23 17.62 24.84
CA ALA B 99 -25.56 18.60 23.96
C ALA B 99 -26.23 18.63 22.57
N PHE B 100 -27.50 19.05 22.60
CA PHE B 100 -28.33 19.14 21.40
C PHE B 100 -27.73 20.15 20.41
N SER B 101 -27.83 19.81 19.12
CA SER B 101 -27.13 20.46 18.00
C SER B 101 -27.39 21.97 17.91
N ASN B 102 -26.28 22.74 17.75
CA ASN B 102 -26.27 24.16 17.37
C ASN B 102 -26.51 24.23 15.85
N ILE B 103 -27.77 24.25 15.42
CA ILE B 103 -28.13 24.02 14.02
C ILE B 103 -29.26 24.96 13.58
N ASP B 104 -29.28 25.25 12.27
CA ASP B 104 -30.46 25.75 11.58
C ASP B 104 -30.93 24.67 10.59
N VAL B 105 -32.01 23.96 10.93
CA VAL B 105 -32.43 22.80 10.13
C VAL B 105 -33.36 23.23 8.98
N LYS B 106 -33.61 24.54 8.82
CA LYS B 106 -34.92 24.99 8.27
C LYS B 106 -35.13 24.74 6.77
N LYS B 107 -34.39 25.40 5.86
CA LYS B 107 -34.72 25.29 4.41
C LYS B 107 -33.98 24.09 3.78
N ASP B 108 -33.50 23.19 4.66
CA ASP B 108 -33.18 21.78 4.33
C ASP B 108 -34.40 20.85 4.46
N LEU B 109 -35.49 21.30 5.11
CA LEU B 109 -36.73 20.54 5.21
C LEU B 109 -37.35 20.33 3.82
N GLU B 110 -37.50 21.41 3.04
CA GLU B 110 -38.15 21.29 1.75
C GLU B 110 -37.31 20.43 0.78
N LYS B 111 -35.98 20.50 0.89
CA LYS B 111 -35.07 19.66 0.08
C LYS B 111 -35.29 18.18 0.41
N CYS B 112 -35.47 17.88 1.70
CA CYS B 112 -35.73 16.52 2.18
C CYS B 112 -37.06 16.01 1.62
N LEU B 113 -38.11 16.84 1.70
CA LEU B 113 -39.43 16.54 1.11
C LEU B 113 -39.29 16.19 -0.37
N GLU B 114 -38.51 17.00 -1.10
CA GLU B 114 -38.26 16.82 -2.53
C GLU B 114 -37.74 15.40 -2.83
N LYS B 115 -36.74 14.96 -2.06
CA LYS B 115 -36.10 13.67 -2.29
C LYS B 115 -36.98 12.49 -1.84
N LEU B 116 -38.06 12.77 -1.10
CA LEU B 116 -38.92 11.74 -0.46
C LEU B 116 -40.26 11.60 -1.20
N GLU B 117 -40.33 12.17 -2.40
CA GLU B 117 -41.54 12.20 -3.25
C GLU B 117 -42.07 10.78 -3.52
N ASP B 118 -41.15 9.82 -3.72
CA ASP B 118 -41.52 8.49 -4.16
C ASP B 118 -42.17 7.67 -3.03
N TYR B 119 -42.12 8.16 -1.79
CA TYR B 119 -42.41 7.33 -0.62
C TYR B 119 -43.51 7.97 0.25
N SER B 120 -44.36 7.10 0.82
CA SER B 120 -45.57 7.50 1.57
C SER B 120 -45.41 7.22 3.07
N LYS B 121 -44.97 6.00 3.40
CA LYS B 121 -44.77 5.57 4.80
C LYS B 121 -43.27 5.58 5.13
N ILE B 122 -42.88 6.48 6.03
CA ILE B 122 -41.51 6.83 6.36
C ILE B 122 -41.24 6.45 7.82
N ALA B 123 -40.11 5.78 8.05
CA ALA B 123 -39.54 5.64 9.38
C ALA B 123 -38.52 6.77 9.60
N LEU B 124 -38.54 7.36 10.80
CA LEU B 124 -37.52 8.30 11.22
C LEU B 124 -36.54 7.60 12.17
N VAL B 125 -35.29 8.00 12.01
CA VAL B 125 -34.18 7.61 12.84
C VAL B 125 -33.32 8.84 13.08
N THR B 126 -32.85 9.03 14.33
CA THR B 126 -31.77 9.98 14.57
C THR B 126 -30.97 9.56 15.82
N THR B 127 -30.05 10.45 16.21
CA THR B 127 -29.00 10.26 17.22
C THR B 127 -29.24 11.18 18.41
N THR B 128 -28.48 10.99 19.49
CA THR B 128 -28.62 11.81 20.70
C THR B 128 -28.77 13.29 20.36
N GLN B 129 -27.82 13.79 19.56
CA GLN B 129 -27.60 15.21 19.39
C GLN B 129 -28.76 15.89 18.64
N HIS B 130 -29.65 15.11 18.00
CA HIS B 130 -30.74 15.67 17.20
C HIS B 130 -32.10 15.18 17.69
N LEU B 131 -32.19 14.64 18.92
CA LEU B 131 -33.48 14.11 19.46
C LEU B 131 -34.55 15.21 19.45
N HIS B 132 -34.12 16.43 19.78
CA HIS B 132 -34.99 17.58 19.88
C HIS B 132 -35.67 17.91 18.54
N LEU B 133 -35.11 17.47 17.42
CA LEU B 133 -35.71 17.83 16.14
C LEU B 133 -36.78 16.82 15.68
N LEU B 134 -36.97 15.69 16.36
CA LEU B 134 -37.83 14.62 15.81
C LEU B 134 -39.27 15.08 15.56
N ASN B 135 -39.88 15.64 16.61
CA ASN B 135 -41.31 15.96 16.60
C ASN B 135 -41.60 16.97 15.49
N GLU B 136 -40.73 17.98 15.38
CA GLU B 136 -40.85 19.04 14.37
C GLU B 136 -40.91 18.40 12.98
N ILE B 137 -39.96 17.51 12.71
CA ILE B 137 -39.85 16.94 11.38
C ILE B 137 -40.97 15.91 11.19
N LYS B 138 -41.35 15.16 12.22
CA LYS B 138 -42.47 14.23 12.11
C LYS B 138 -43.75 14.98 11.74
N ASP B 139 -44.06 16.02 12.51
CA ASP B 139 -45.31 16.75 12.28
C ASP B 139 -45.28 17.45 10.91
N TYR B 140 -44.10 17.91 10.46
CA TYR B 140 -43.94 18.54 9.15
C TYR B 140 -44.32 17.57 8.03
N LEU B 141 -43.73 16.38 8.05
CA LEU B 141 -44.00 15.37 7.03
C LEU B 141 -45.48 14.98 7.05
N GLU B 142 -46.09 14.90 8.24
CA GLU B 142 -47.51 14.57 8.38
C GLU B 142 -48.40 15.66 7.77
N ASP B 143 -48.04 16.93 7.95
CA ASP B 143 -48.88 17.96 7.41
C ASP B 143 -48.63 18.09 5.90
N ASN B 144 -47.65 17.37 5.35
CA ASN B 144 -47.41 17.31 3.90
C ASN B 144 -47.74 15.93 3.32
N GLY B 145 -48.64 15.19 3.99
CA GLY B 145 -49.28 13.98 3.42
C GLY B 145 -48.55 12.67 3.70
N LYS B 146 -47.48 12.69 4.51
CA LYS B 146 -46.68 11.47 4.78
C LYS B 146 -47.22 10.73 6.01
N GLU B 147 -47.02 9.42 6.06
CA GLU B 147 -47.27 8.69 7.28
C GLU B 147 -45.93 8.32 7.93
N VAL B 148 -45.74 8.77 9.18
CA VAL B 148 -44.48 8.82 9.92
C VAL B 148 -44.53 7.79 11.06
N VAL B 149 -43.57 6.86 11.11
CA VAL B 149 -43.50 5.89 12.23
C VAL B 149 -42.11 6.00 12.88
N LEU B 150 -42.08 6.05 14.21
CA LEU B 150 -40.86 6.17 15.00
C LEU B 150 -40.73 4.92 15.86
N GLY B 151 -39.59 4.24 15.73
CA GLY B 151 -39.36 3.06 16.51
C GLY B 151 -38.92 3.42 17.92
N SER B 152 -39.14 2.49 18.84
CA SER B 152 -38.56 2.56 20.16
C SER B 152 -38.26 1.14 20.65
N SER B 153 -37.46 1.03 21.70
CA SER B 153 -37.02 -0.25 22.18
C SER B 153 -36.63 -0.11 23.65
N LYS B 154 -36.15 -1.22 24.23
CA LYS B 154 -35.86 -1.28 25.65
C LYS B 154 -34.90 -0.16 26.07
N ASN B 155 -33.83 0.03 25.29
CA ASN B 155 -32.74 0.98 25.60
C ASN B 155 -32.93 2.36 24.97
N THR B 156 -33.47 2.39 23.75
CA THR B 156 -33.47 3.54 22.87
C THR B 156 -34.82 4.26 22.93
N LYS B 157 -34.75 5.58 23.08
CA LYS B 157 -35.89 6.50 23.10
C LYS B 157 -36.50 6.52 21.69
N LYS B 158 -37.70 7.12 21.61
CA LYS B 158 -38.52 7.14 20.39
C LYS B 158 -37.75 7.77 19.22
N GLY B 159 -37.41 6.95 18.22
CA GLY B 159 -36.71 7.36 17.00
C GLY B 159 -35.20 7.33 17.10
N GLN B 160 -34.63 6.90 18.24
CA GLN B 160 -33.20 7.02 18.51
C GLN B 160 -32.48 5.70 18.26
N VAL B 161 -31.23 5.79 17.79
CA VAL B 161 -30.39 4.62 17.65
C VAL B 161 -28.94 4.95 17.95
N LEU B 162 -28.16 3.86 18.13
CA LEU B 162 -26.71 3.77 18.36
C LEU B 162 -26.07 2.86 17.30
N GLY B 163 -24.75 2.93 17.18
CA GLY B 163 -24.01 2.12 16.22
C GLY B 163 -24.09 0.63 16.49
N CYS B 164 -24.35 0.22 17.74
CA CYS B 164 -24.53 -1.21 17.98
C CYS B 164 -25.86 -1.48 18.69
N ASN B 165 -26.82 -0.56 18.53
CA ASN B 165 -28.18 -0.71 19.07
C ASN B 165 -29.20 -0.24 18.02
N PHE B 166 -29.49 -1.08 17.03
CA PHE B 166 -30.40 -0.75 15.95
C PHE B 166 -31.78 -1.38 16.18
N SER B 167 -31.97 -1.94 17.39
CA SER B 167 -33.15 -2.69 17.76
C SER B 167 -34.43 -1.90 17.45
N SER B 168 -34.39 -0.57 17.70
CA SER B 168 -35.59 0.28 17.64
C SER B 168 -36.16 0.35 16.21
N ILE B 169 -35.37 0.07 15.18
CA ILE B 169 -35.89 0.25 13.82
C ILE B 169 -36.01 -1.10 13.09
N LYS B 170 -35.99 -2.19 13.85
CA LYS B 170 -36.09 -3.55 13.32
C LYS B 170 -37.52 -3.90 12.88
N ASN B 171 -38.53 -3.25 13.45
CA ASN B 171 -39.89 -3.76 13.35
C ASN B 171 -40.85 -2.66 12.91
N LEU B 172 -40.41 -1.76 12.03
CA LEU B 172 -41.27 -0.61 11.71
C LEU B 172 -42.19 -0.89 10.50
N ASP B 173 -41.74 -1.67 9.52
CA ASP B 173 -42.42 -1.80 8.22
C ASP B 173 -42.75 -0.39 7.69
N ALA B 174 -41.69 0.40 7.45
CA ALA B 174 -41.81 1.57 6.62
C ALA B 174 -41.23 1.22 5.24
N GLU B 175 -41.61 2.01 4.24
CA GLU B 175 -41.18 1.77 2.87
C GLU B 175 -39.80 2.36 2.61
N VAL B 176 -39.47 3.42 3.37
CA VAL B 176 -38.18 4.12 3.32
C VAL B 176 -37.79 4.50 4.75
N TYR B 177 -36.49 4.66 4.99
CA TYR B 177 -36.04 5.16 6.29
C TYR B 177 -35.25 6.44 6.08
N LEU B 178 -35.62 7.49 6.81
CA LEU B 178 -34.84 8.72 6.82
C LEU B 178 -34.06 8.82 8.13
N PHE B 179 -32.74 8.77 8.02
CA PHE B 179 -31.84 9.05 9.12
C PHE B 179 -31.49 10.55 9.14
N ILE B 180 -31.55 11.13 10.32
CA ILE B 180 -31.17 12.52 10.48
C ILE B 180 -29.80 12.55 11.18
N GLY B 181 -28.77 12.94 10.42
CA GLY B 181 -27.49 13.31 10.98
C GLY B 181 -26.32 12.90 10.12
N SER B 182 -25.12 13.20 10.64
CA SER B 182 -23.87 12.72 10.09
C SER B 182 -23.52 11.38 10.75
N GLY B 183 -22.42 10.79 10.29
CA GLY B 183 -22.01 9.43 10.62
C GLY B 183 -22.79 8.46 9.77
N ASN B 184 -22.10 7.74 8.87
CA ASN B 184 -22.75 6.99 7.82
C ASN B 184 -22.66 5.49 8.16
N PHE B 185 -22.10 5.20 9.34
CA PHE B 185 -22.26 3.91 9.98
C PHE B 185 -23.74 3.71 10.32
N HIS B 186 -24.39 4.74 10.86
CA HIS B 186 -25.79 4.61 11.28
C HIS B 186 -26.69 4.29 10.10
N PRO B 187 -26.69 5.09 9.01
CA PRO B 187 -27.51 4.77 7.84
C PRO B 187 -27.12 3.41 7.26
N LEU B 188 -25.83 3.05 7.32
CA LEU B 188 -25.41 1.75 6.81
C LEU B 188 -26.11 0.64 7.61
N GLY B 189 -26.15 0.78 8.94
CA GLY B 189 -26.79 -0.19 9.82
C GLY B 189 -28.26 -0.28 9.54
N ILE B 190 -28.90 0.89 9.37
CA ILE B 190 -30.33 0.97 9.05
C ILE B 190 -30.60 0.15 7.78
N TYR B 191 -29.79 0.40 6.75
CA TYR B 191 -29.94 -0.24 5.45
C TYR B 191 -29.77 -1.76 5.59
N LEU B 192 -28.72 -2.18 6.30
CA LEU B 192 -28.41 -3.60 6.44
C LEU B 192 -29.54 -4.33 7.15
N PHE B 193 -30.07 -3.75 8.23
CA PHE B 193 -31.11 -4.42 9.00
C PHE B 193 -32.46 -4.42 8.29
N THR B 194 -32.80 -3.32 7.61
CA THR B 194 -34.15 -3.17 7.01
C THR B 194 -34.20 -3.66 5.57
N LYS B 195 -33.08 -3.50 4.85
CA LYS B 195 -32.95 -3.86 3.44
C LYS B 195 -34.00 -3.09 2.64
N SER B 196 -34.31 -1.89 3.15
CA SER B 196 -35.19 -0.89 2.56
C SER B 196 -34.32 0.25 2.04
N PRO B 197 -34.74 1.01 1.02
CA PRO B 197 -34.05 2.25 0.69
C PRO B 197 -33.99 3.20 1.90
N VAL B 198 -32.85 3.87 2.01
CA VAL B 198 -32.56 4.70 3.17
C VAL B 198 -31.92 6.00 2.71
N LEU B 199 -32.50 7.13 3.14
CA LEU B 199 -31.91 8.44 2.94
C LEU B 199 -31.34 8.94 4.27
N ALA B 200 -30.27 9.73 4.15
CA ALA B 200 -29.67 10.43 5.26
C ALA B 200 -29.67 11.93 4.96
N LEU B 201 -30.14 12.70 5.95
CA LEU B 201 -29.90 14.13 5.97
C LEU B 201 -28.79 14.41 6.97
N ASP B 202 -27.66 14.94 6.48
CA ASP B 202 -26.61 15.49 7.30
C ASP B 202 -26.92 16.97 7.48
N PRO B 203 -27.51 17.41 8.62
CA PRO B 203 -27.97 18.79 8.73
C PRO B 203 -26.83 19.81 8.89
N TYR B 204 -25.61 19.32 9.10
CA TYR B 204 -24.37 20.11 9.26
C TYR B 204 -23.93 20.75 7.95
N ASN B 205 -23.92 19.99 6.85
CA ASN B 205 -23.50 20.55 5.58
C ASN B 205 -24.53 20.25 4.48
N SER B 206 -25.75 19.87 4.89
CA SER B 206 -26.94 19.92 4.00
C SER B 206 -26.96 18.80 2.95
N GLU B 207 -26.10 17.78 3.11
CA GLU B 207 -25.98 16.63 2.19
C GLU B 207 -27.16 15.67 2.40
N ILE B 208 -27.80 15.27 1.29
CA ILE B 208 -28.92 14.31 1.29
C ILE B 208 -28.54 13.18 0.33
N ARG B 209 -28.81 11.91 0.65
CA ARG B 209 -28.22 10.80 -0.11
C ARG B 209 -28.85 9.46 0.26
N ASP B 210 -28.83 8.55 -0.72
CA ASP B 210 -29.20 7.13 -0.59
C ASP B 210 -27.99 6.36 -0.05
N ILE B 211 -28.23 5.44 0.89
CA ILE B 211 -27.12 4.75 1.49
C ILE B 211 -26.91 3.39 0.84
N SER B 212 -27.86 2.92 0.01
CA SER B 212 -27.65 1.64 -0.69
C SER B 212 -26.40 1.72 -1.58
N ALA B 213 -26.11 2.91 -2.11
CA ALA B 213 -24.93 3.17 -2.97
C ALA B 213 -23.62 2.89 -2.22
N PHE B 214 -23.49 3.58 -1.10
CA PHE B 214 -22.32 3.50 -0.24
C PHE B 214 -22.19 2.11 0.40
N ALA B 215 -23.29 1.36 0.51
CA ALA B 215 -23.27 -0.03 0.99
C ALA B 215 -22.61 -0.97 -0.03
N ASP B 216 -23.05 -0.96 -1.31
CA ASP B 216 -22.40 -1.78 -2.35
C ASP B 216 -20.92 -1.91 -2.01
N ARG B 217 -20.21 -0.79 -2.12
CA ARG B 217 -18.77 -0.92 -2.18
C ARG B 217 -18.21 -1.31 -0.81
N ILE B 218 -18.94 -1.07 0.30
CA ILE B 218 -18.45 -1.55 1.63
C ILE B 218 -18.67 -3.06 1.78
N LEU B 219 -19.85 -3.56 1.42
CA LEU B 219 -20.14 -5.01 1.48
C LEU B 219 -19.08 -5.83 0.72
N ARG B 220 -18.69 -5.35 -0.45
CA ARG B 220 -17.72 -6.01 -1.32
C ARG B 220 -16.34 -6.07 -0.62
N ILE B 221 -16.01 -4.99 0.07
CA ILE B 221 -14.78 -4.91 0.83
C ILE B 221 -14.81 -5.93 1.97
N ARG B 222 -15.92 -5.98 2.72
CA ARG B 222 -16.12 -6.95 3.82
C ARG B 222 -15.94 -8.36 3.26
N PHE B 223 -16.57 -8.63 2.12
CA PHE B 223 -16.48 -9.90 1.41
C PHE B 223 -15.02 -10.29 1.17
N ALA B 224 -14.24 -9.36 0.63
CA ALA B 224 -12.85 -9.57 0.32
C ALA B 224 -12.06 -9.91 1.59
N ARG B 225 -12.29 -9.12 2.64
CA ARG B 225 -11.75 -9.35 3.98
C ARG B 225 -11.97 -10.81 4.43
N ILE B 226 -13.24 -11.20 4.40
CA ILE B 226 -13.70 -12.52 4.78
C ILE B 226 -12.91 -13.56 4.00
N THR B 227 -12.80 -13.34 2.69
CA THR B 227 -12.19 -14.29 1.77
C THR B 227 -10.72 -14.49 2.13
N LYS B 228 -10.02 -13.40 2.44
CA LYS B 228 -8.62 -13.51 2.83
C LYS B 228 -8.53 -14.28 4.16
N ALA B 229 -9.47 -14.03 5.05
CA ALA B 229 -9.52 -14.65 6.38
C ALA B 229 -9.75 -16.16 6.31
N ARG B 230 -10.32 -16.63 5.20
CA ARG B 230 -10.57 -18.05 5.02
C ARG B 230 -9.25 -18.81 4.95
N GLU B 231 -8.15 -18.11 4.63
CA GLU B 231 -6.82 -18.71 4.55
C GLU B 231 -6.16 -18.82 5.92
N ALA B 232 -6.64 -18.03 6.89
CA ALA B 232 -5.97 -17.87 8.17
C ALA B 232 -6.00 -19.17 8.98
N GLU B 233 -4.85 -19.45 9.62
CA GLU B 233 -4.69 -20.62 10.52
C GLU B 233 -4.57 -20.19 11.99
N LYS B 234 -4.06 -18.97 12.25
CA LYS B 234 -3.92 -18.41 13.58
C LYS B 234 -4.73 -17.13 13.67
N TRP B 235 -5.57 -17.03 14.71
CA TRP B 235 -6.48 -15.89 14.88
C TRP B 235 -6.21 -15.12 16.18
N GLY B 236 -6.42 -13.81 16.14
CA GLY B 236 -6.50 -13.01 17.34
C GLY B 236 -7.93 -12.58 17.60
N ILE B 237 -8.34 -12.61 18.87
CA ILE B 237 -9.70 -12.22 19.30
C ILE B 237 -9.55 -11.01 20.23
N ILE B 238 -10.02 -9.86 19.77
CA ILE B 238 -9.81 -8.59 20.45
C ILE B 238 -10.98 -8.35 21.41
N VAL B 239 -10.70 -8.13 22.70
CA VAL B 239 -11.72 -7.64 23.63
C VAL B 239 -11.26 -6.28 24.20
N SER B 240 -12.19 -5.54 24.75
CA SER B 240 -11.87 -4.21 25.25
C SER B 240 -12.10 -4.14 26.76
N SER B 241 -11.23 -3.39 27.44
CA SER B 241 -11.39 -3.05 28.83
C SER B 241 -12.41 -1.91 29.02
N LYS B 242 -12.86 -1.26 27.94
CA LYS B 242 -13.94 -0.27 28.08
C LYS B 242 -15.21 -0.97 28.56
N GLU B 243 -15.86 -0.39 29.57
CA GLU B 243 -16.94 -1.09 30.28
C GLU B 243 -18.09 -1.46 29.31
N GLY B 244 -18.43 -0.53 28.41
CA GLY B 244 -19.51 -0.78 27.45
C GLY B 244 -19.10 -1.58 26.22
N GLN B 245 -17.82 -1.96 26.10
CA GLN B 245 -17.38 -2.80 25.00
C GLN B 245 -16.98 -4.20 25.47
N TYR B 246 -17.02 -4.45 26.78
CA TYR B 246 -16.47 -5.65 27.37
C TYR B 246 -17.42 -6.82 27.07
N ARG B 247 -16.94 -7.82 26.32
CA ARG B 247 -17.75 -8.95 25.93
C ARG B 247 -16.93 -10.23 26.08
N MET B 248 -16.45 -10.47 27.32
CA MET B 248 -15.48 -11.54 27.60
C MET B 248 -16.12 -12.92 27.34
N LYS B 249 -17.37 -13.07 27.77
CA LYS B 249 -18.18 -14.28 27.55
C LYS B 249 -18.07 -14.70 26.08
N LEU B 250 -18.41 -13.76 25.21
CA LEU B 250 -18.45 -13.96 23.78
C LEU B 250 -17.05 -14.35 23.26
N ALA B 251 -16.05 -13.59 23.70
CA ALA B 251 -14.67 -13.81 23.25
C ALA B 251 -14.24 -15.25 23.55
N LYS B 252 -14.62 -15.75 24.73
CA LYS B 252 -14.21 -17.09 25.12
C LYS B 252 -15.00 -18.14 24.33
N GLU B 253 -16.26 -17.83 23.96
CA GLU B 253 -17.05 -18.73 23.11
C GLU B 253 -16.42 -18.82 21.72
N ILE B 254 -15.98 -17.67 21.17
CA ILE B 254 -15.36 -17.61 19.86
C ILE B 254 -14.05 -18.40 19.87
N LYS B 255 -13.27 -18.27 20.95
CA LYS B 255 -12.03 -19.00 21.08
C LYS B 255 -12.29 -20.51 20.99
N LYS B 256 -13.26 -21.02 21.77
CA LYS B 256 -13.60 -22.43 21.72
C LYS B 256 -14.03 -22.83 20.31
N ILE B 257 -14.83 -21.99 19.66
CA ILE B 257 -15.33 -22.27 18.30
C ILE B 257 -14.16 -22.45 17.33
N LEU B 258 -13.22 -21.51 17.36
CA LEU B 258 -12.06 -21.53 16.46
C LEU B 258 -11.19 -22.75 16.75
N GLU B 259 -11.03 -23.08 18.04
CA GLU B 259 -10.26 -24.26 18.44
C GLU B 259 -10.97 -25.54 17.99
N ASP B 260 -12.31 -25.51 17.94
CA ASP B 260 -13.10 -26.66 17.48
C ASP B 260 -12.88 -26.88 15.98
N ASN B 261 -12.59 -25.78 15.27
CA ASN B 261 -12.28 -25.77 13.83
C ASN B 261 -10.78 -25.96 13.60
N LYS B 262 -10.08 -26.42 14.64
CA LYS B 262 -8.71 -26.94 14.65
C LYS B 262 -7.73 -25.85 14.23
N MET B 263 -8.06 -24.59 14.60
CA MET B 263 -7.18 -23.44 14.43
C MET B 263 -6.71 -22.95 15.81
N GLU B 264 -5.59 -22.21 15.83
CA GLU B 264 -5.14 -21.51 17.02
C GLU B 264 -5.83 -20.14 17.12
N ALA B 265 -6.11 -19.73 18.36
CA ALA B 265 -6.64 -18.42 18.60
C ALA B 265 -6.19 -17.92 19.98
N TYR B 266 -6.05 -16.60 20.05
CA TYR B 266 -5.52 -15.97 21.25
C TYR B 266 -6.28 -14.69 21.52
N ILE B 267 -6.66 -14.54 22.79
CA ILE B 267 -7.46 -13.42 23.23
C ILE B 267 -6.49 -12.28 23.56
N ILE B 268 -6.78 -11.11 23.01
CA ILE B 268 -6.02 -9.92 23.27
C ILE B 268 -6.98 -8.87 23.82
N MET B 269 -6.61 -8.27 24.95
CA MET B 269 -7.45 -7.30 25.60
C MET B 269 -6.76 -5.94 25.56
N ALA B 270 -7.49 -4.90 25.20
CA ALA B 270 -6.90 -3.59 25.13
C ALA B 270 -7.98 -2.52 25.30
N ASP B 271 -7.54 -1.31 25.64
CA ASP B 271 -8.47 -0.22 25.91
C ASP B 271 -8.93 0.34 24.56
N ASN B 272 -8.10 1.17 23.90
CA ASN B 272 -8.33 1.60 22.53
C ASN B 272 -7.71 0.58 21.57
N ILE B 273 -8.45 0.21 20.53
CA ILE B 273 -7.93 -0.69 19.50
C ILE B 273 -7.45 0.17 18.31
N ASN B 274 -6.26 -0.14 17.80
CA ASN B 274 -5.69 0.51 16.62
C ASN B 274 -4.77 -0.48 15.91
N PRO B 275 -4.38 -0.21 14.65
CA PRO B 275 -3.48 -1.10 13.91
C PRO B 275 -2.18 -1.39 14.67
N ASP B 276 -1.61 -0.33 15.25
CA ASP B 276 -0.31 -0.40 15.88
C ASP B 276 -0.29 -1.49 16.96
N ILE B 277 -1.38 -1.66 17.70
CA ILE B 277 -1.30 -2.54 18.84
C ILE B 277 -1.47 -4.01 18.40
N LEU B 278 -1.73 -4.28 17.11
CA LEU B 278 -1.74 -5.67 16.60
C LEU B 278 -0.41 -6.05 15.92
N LEU B 279 0.47 -5.07 15.76
CA LEU B 279 1.65 -5.20 14.89
C LEU B 279 2.62 -6.27 15.38
N PRO B 280 2.87 -6.38 16.70
CA PRO B 280 3.80 -7.37 17.22
C PRO B 280 3.32 -8.83 17.19
N TYR B 281 2.01 -9.08 17.06
CA TYR B 281 1.52 -10.48 17.04
C TYR B 281 1.60 -11.02 15.62
N MET B 282 2.84 -11.17 15.15
CA MET B 282 3.11 -11.39 13.72
C MET B 282 2.65 -12.80 13.28
N GLU B 283 2.52 -13.74 14.21
CA GLU B 283 2.12 -15.10 13.85
C GLU B 283 0.61 -15.16 13.55
N LEU B 284 -0.16 -14.17 14.01
CA LEU B 284 -1.63 -14.18 13.88
C LEU B 284 -1.98 -13.62 12.51
N ASP B 285 -2.87 -14.32 11.81
CA ASP B 285 -3.09 -14.08 10.39
C ASP B 285 -4.35 -13.24 10.15
N ALA B 286 -5.25 -13.20 11.13
CA ALA B 286 -6.46 -12.36 11.08
C ALA B 286 -7.02 -12.18 12.50
N PHE B 287 -7.97 -11.24 12.63
CA PHE B 287 -8.53 -10.88 13.91
C PHE B 287 -10.05 -10.75 13.85
N VAL B 288 -10.70 -11.18 14.94
CA VAL B 288 -12.13 -11.08 15.23
C VAL B 288 -12.32 -10.04 16.33
N VAL B 289 -13.24 -9.09 16.14
CA VAL B 289 -13.44 -8.00 17.11
C VAL B 289 -14.63 -8.39 18.00
N SER B 290 -14.33 -8.70 19.27
CA SER B 290 -15.30 -9.00 20.29
C SER B 290 -15.46 -7.77 21.17
N ALA B 291 -15.33 -6.61 20.54
CA ALA B 291 -15.72 -5.34 21.12
C ALA B 291 -16.63 -4.65 20.10
N CYS B 292 -16.57 -3.32 20.06
CA CYS B 292 -17.44 -2.55 19.21
C CYS B 292 -17.47 -3.08 17.78
N PRO B 293 -18.69 -3.39 17.29
CA PRO B 293 -18.94 -3.65 15.89
C PRO B 293 -18.46 -2.62 14.88
N ARG B 294 -18.27 -1.36 15.27
CA ARG B 294 -17.88 -0.33 14.33
C ARG B 294 -16.42 -0.48 13.91
N ILE B 295 -15.58 -1.06 14.79
CA ILE B 295 -14.15 -1.04 14.55
C ILE B 295 -13.87 -1.74 13.22
N ALA B 296 -14.33 -3.00 13.11
CA ALA B 296 -14.12 -3.81 11.91
C ALA B 296 -14.61 -3.09 10.64
N ILE B 297 -15.73 -2.34 10.76
CA ILE B 297 -16.47 -1.81 9.61
C ILE B 297 -15.87 -0.47 9.18
N ASP B 298 -15.69 0.43 10.15
CA ASP B 298 -15.32 1.81 9.87
C ASP B 298 -13.83 1.93 9.53
N ASP B 299 -12.99 1.14 10.19
CA ASP B 299 -11.56 1.33 10.12
C ASP B 299 -10.87 0.19 9.36
N SER B 300 -11.58 -0.53 8.49
CA SER B 300 -10.96 -1.73 7.88
C SER B 300 -9.75 -1.31 7.02
N GLN B 301 -9.79 -0.11 6.44
CA GLN B 301 -8.70 0.31 5.57
C GLN B 301 -7.41 0.57 6.35
N MET B 302 -7.47 0.65 7.68
CA MET B 302 -6.31 1.02 8.49
C MET B 302 -5.47 -0.21 8.88
N TYR B 303 -6.01 -1.42 8.69
CA TYR B 303 -5.43 -2.66 9.16
C TYR B 303 -5.00 -3.49 7.96
N LYS B 304 -3.74 -3.96 7.96
CA LYS B 304 -3.23 -4.83 6.90
C LYS B 304 -4.00 -6.18 6.92
N LYS B 305 -4.00 -6.81 8.10
CA LYS B 305 -4.56 -8.13 8.32
C LYS B 305 -6.08 -7.99 8.41
N PRO B 306 -6.89 -8.96 7.97
CA PRO B 306 -8.34 -8.81 8.05
C PRO B 306 -8.83 -8.67 9.49
N LEU B 307 -9.64 -7.63 9.75
CA LEU B 307 -10.38 -7.42 10.99
C LEU B 307 -11.87 -7.66 10.71
N LEU B 308 -12.42 -8.64 11.44
CA LEU B 308 -13.75 -9.19 11.20
C LEU B 308 -14.63 -8.90 12.42
N THR B 309 -15.92 -8.64 12.17
CA THR B 309 -16.94 -8.69 13.20
C THR B 309 -17.22 -10.15 13.51
N PRO B 310 -17.84 -10.49 14.65
CA PRO B 310 -18.21 -11.88 14.93
C PRO B 310 -19.13 -12.49 13.87
N GLN B 311 -20.03 -11.67 13.28
CA GLN B 311 -20.91 -12.09 12.16
C GLN B 311 -20.09 -12.50 10.93
N GLU B 312 -19.03 -11.72 10.63
CA GLU B 312 -18.16 -12.01 9.54
C GLU B 312 -17.39 -13.31 9.81
N LEU B 313 -16.97 -13.55 11.05
CA LEU B 313 -16.30 -14.81 11.35
C LEU B 313 -17.24 -15.99 11.09
N GLU B 314 -18.52 -15.81 11.45
CA GLU B 314 -19.55 -16.82 11.18
C GLU B 314 -19.49 -17.22 9.71
N ILE B 315 -19.39 -16.20 8.85
CA ILE B 315 -19.34 -16.34 7.38
C ILE B 315 -18.11 -17.16 6.99
N VAL B 316 -16.96 -16.78 7.58
CA VAL B 316 -15.67 -17.43 7.39
C VAL B 316 -15.82 -18.94 7.62
N LEU B 317 -16.44 -19.28 8.74
CA LEU B 317 -16.57 -20.67 9.18
C LEU B 317 -17.73 -21.39 8.48
N ASN B 318 -18.44 -20.70 7.58
CA ASN B 318 -19.59 -21.25 6.85
C ASN B 318 -20.70 -21.67 7.82
N LYS B 319 -20.84 -20.92 8.93
CA LYS B 319 -21.91 -21.14 9.89
C LYS B 319 -22.88 -19.94 9.88
N ARG B 320 -22.74 -19.12 8.84
CA ARG B 320 -23.75 -18.21 8.38
C ARG B 320 -23.43 -18.01 6.89
N GLN B 321 -24.43 -17.80 6.06
CA GLN B 321 -24.10 -17.54 4.67
C GLN B 321 -23.80 -16.04 4.51
N TRP B 322 -22.91 -15.74 3.55
CA TRP B 322 -22.72 -14.38 3.06
C TRP B 322 -24.07 -13.78 2.66
N GLU B 323 -24.97 -14.62 2.14
CA GLU B 323 -26.40 -14.31 1.92
C GLU B 323 -26.98 -13.43 3.04
N ASN B 324 -26.63 -13.78 4.28
CA ASN B 324 -27.27 -13.34 5.50
C ASN B 324 -26.31 -12.39 6.24
N TYR B 325 -25.45 -11.65 5.53
CA TYR B 325 -24.54 -10.77 6.24
C TYR B 325 -25.35 -9.89 7.20
N GLN B 326 -24.77 -9.61 8.37
CA GLN B 326 -25.43 -8.90 9.47
C GLN B 326 -24.39 -8.03 10.19
N LEU B 327 -24.74 -6.79 10.55
CA LEU B 327 -23.87 -6.07 11.46
C LEU B 327 -23.91 -6.71 12.86
N ASP B 328 -22.81 -6.48 13.57
CA ASP B 328 -22.64 -6.78 14.98
C ASP B 328 -23.49 -5.79 15.82
N GLU B 329 -24.13 -6.28 16.91
CA GLU B 329 -24.85 -5.41 17.88
C GLU B 329 -24.49 -5.78 19.34
N ILE B 330 -24.48 -4.74 20.18
CA ILE B 330 -24.07 -4.77 21.57
C ILE B 330 -25.31 -4.56 22.44
N LEU B 331 -25.73 -5.64 23.13
CA LEU B 331 -27.13 -5.90 23.59
C LEU B 331 -27.54 -5.07 24.81
N PHE B 332 -26.73 -5.13 25.88
CA PHE B 332 -27.02 -4.45 27.15
C PHE B 332 -25.87 -3.49 27.48
N ARG C 6 -21.46 -54.69 -30.96
CA ARG C 6 -21.92 -53.30 -31.31
C ARG C 6 -20.71 -52.36 -31.21
N ARG C 7 -20.77 -51.36 -30.28
CA ARG C 7 -19.63 -50.52 -29.92
C ARG C 7 -18.37 -51.39 -29.81
N GLU C 8 -18.48 -52.51 -29.08
CA GLU C 8 -17.38 -53.44 -28.79
C GLU C 8 -16.56 -53.76 -30.05
N LYS C 9 -17.28 -54.03 -31.16
CA LYS C 9 -16.71 -54.40 -32.48
C LYS C 9 -15.85 -53.25 -33.05
N MET C 10 -16.41 -52.05 -33.00
CA MET C 10 -15.76 -50.84 -33.48
C MET C 10 -14.50 -50.53 -32.64
N ILE C 11 -14.60 -50.72 -31.33
CA ILE C 11 -13.50 -50.40 -30.41
C ILE C 11 -12.38 -51.43 -30.55
N ALA C 12 -12.72 -52.70 -30.81
CA ALA C 12 -11.72 -53.72 -31.17
C ALA C 12 -10.95 -53.26 -32.42
N LYS C 13 -11.70 -52.88 -33.46
CA LYS C 13 -11.14 -52.44 -34.74
C LYS C 13 -10.23 -51.21 -34.61
N ILE C 14 -10.61 -50.22 -33.79
CA ILE C 14 -9.74 -49.05 -33.50
C ILE C 14 -8.42 -49.50 -32.86
N LYS C 15 -8.47 -50.41 -31.89
CA LYS C 15 -7.26 -50.90 -31.22
C LYS C 15 -6.36 -51.69 -32.20
N ASP C 16 -6.96 -52.47 -33.11
CA ASP C 16 -6.23 -53.08 -34.26
C ASP C 16 -5.57 -52.01 -35.14
N LEU C 17 -6.36 -50.99 -35.50
CA LEU C 17 -5.99 -49.86 -36.39
C LEU C 17 -4.80 -49.05 -35.83
N MET C 18 -4.82 -48.69 -34.54
CA MET C 18 -3.87 -47.74 -33.99
C MET C 18 -2.42 -48.27 -33.99
N TYR C 19 -2.19 -49.54 -34.30
CA TYR C 19 -0.81 -50.04 -34.43
C TYR C 19 -0.31 -50.03 -35.88
N LYS C 20 -1.08 -49.49 -36.85
CA LYS C 20 -0.59 -49.30 -38.23
C LYS C 20 -0.54 -47.80 -38.53
N PRO C 21 0.65 -47.19 -38.69
CA PRO C 21 0.70 -45.75 -38.98
C PRO C 21 0.10 -45.39 -40.35
N ASP C 22 0.24 -46.28 -41.33
CA ASP C 22 -0.23 -46.07 -42.71
C ASP C 22 -1.77 -45.94 -42.77
N SER C 23 -2.48 -46.49 -41.78
CA SER C 23 -3.95 -46.47 -41.87
C SER C 23 -4.59 -45.37 -41.00
N ILE C 24 -3.76 -44.48 -40.43
CA ILE C 24 -4.26 -43.29 -39.74
C ILE C 24 -4.30 -42.11 -40.73
N ARG C 25 -5.20 -41.16 -40.49
CA ARG C 25 -5.11 -39.83 -41.08
C ARG C 25 -5.29 -38.79 -39.98
N ASN C 26 -4.26 -37.95 -39.80
CA ASN C 26 -4.31 -36.91 -38.80
C ASN C 26 -4.62 -35.59 -39.52
N ILE C 27 -5.81 -35.04 -39.28
CA ILE C 27 -6.28 -33.98 -40.16
C ILE C 27 -7.02 -32.89 -39.41
N GLY C 28 -7.16 -31.75 -40.07
CA GLY C 28 -7.88 -30.60 -39.51
C GLY C 28 -8.64 -29.85 -40.59
N ILE C 29 -9.44 -28.87 -40.17
CA ILE C 29 -10.34 -28.20 -41.10
C ILE C 29 -10.06 -26.71 -41.10
N CYS C 30 -9.83 -26.17 -42.29
CA CYS C 30 -9.32 -24.82 -42.42
C CYS C 30 -10.35 -24.00 -43.17
N ALA C 31 -10.94 -23.07 -42.42
CA ALA C 31 -12.06 -22.35 -42.96
C ALA C 31 -12.11 -20.94 -42.40
N HIS C 32 -12.78 -20.06 -43.12
CA HIS C 32 -13.11 -18.74 -42.61
C HIS C 32 -14.26 -18.87 -41.59
N ILE C 33 -14.41 -17.88 -40.71
CA ILE C 33 -15.19 -18.14 -39.46
C ILE C 33 -16.66 -18.49 -39.74
N ASP C 34 -17.30 -17.92 -40.78
CA ASP C 34 -18.71 -18.24 -41.07
C ASP C 34 -18.86 -19.24 -42.22
N HIS C 35 -17.79 -19.92 -42.62
CA HIS C 35 -17.88 -20.70 -43.87
C HIS C 35 -18.34 -22.14 -43.64
N GLY C 36 -18.48 -22.57 -42.35
CA GLY C 36 -19.22 -23.78 -41.96
C GLY C 36 -18.36 -24.95 -41.49
N LYS C 37 -17.19 -24.63 -40.91
CA LYS C 37 -16.30 -25.60 -40.24
C LYS C 37 -17.12 -26.52 -39.32
N THR C 38 -17.84 -25.93 -38.34
CA THR C 38 -18.72 -26.57 -37.35
C THR C 38 -19.65 -27.61 -38.01
N THR C 39 -20.45 -27.11 -38.95
CA THR C 39 -21.49 -27.94 -39.57
C THR C 39 -20.84 -29.08 -40.36
N LEU C 40 -19.70 -28.81 -41.01
CA LEU C 40 -18.93 -29.85 -41.72
C LEU C 40 -18.38 -30.89 -40.72
N SER C 41 -17.81 -30.43 -39.61
CA SER C 41 -17.21 -31.23 -38.56
C SER C 41 -18.24 -32.17 -37.95
N ASP C 42 -19.39 -31.60 -37.55
CA ASP C 42 -20.54 -32.31 -36.95
C ASP C 42 -21.02 -33.42 -37.87
N ASN C 43 -21.28 -33.02 -39.13
CA ASN C 43 -21.94 -33.86 -40.13
C ASN C 43 -20.98 -34.95 -40.63
N LEU C 44 -19.68 -34.60 -40.68
CA LEU C 44 -18.60 -35.54 -41.00
C LEU C 44 -18.59 -36.68 -39.98
N LEU C 45 -18.67 -36.30 -38.70
CA LEU C 45 -18.83 -37.21 -37.56
C LEU C 45 -20.07 -38.08 -37.74
N ALA C 46 -21.20 -37.46 -38.15
CA ALA C 46 -22.46 -38.12 -38.57
C ALA C 46 -22.25 -39.41 -39.40
N GLY C 47 -21.46 -39.32 -40.48
CA GLY C 47 -21.05 -40.56 -41.20
C GLY C 47 -19.77 -41.22 -40.64
N THR C 74 -22.97 -32.13 -31.18
CA THR C 74 -21.96 -31.44 -31.97
C THR C 74 -20.58 -31.69 -31.35
N ILE C 75 -19.57 -30.89 -31.75
CA ILE C 75 -18.16 -31.26 -31.58
C ILE C 75 -17.45 -30.20 -30.76
N ASP C 76 -16.63 -29.35 -31.42
CA ASP C 76 -15.90 -28.25 -30.78
C ASP C 76 -14.97 -28.77 -29.67
N ALA C 77 -14.21 -29.85 -29.96
CA ALA C 77 -13.54 -30.74 -28.97
C ALA C 77 -12.02 -30.78 -29.15
N ALA C 78 -11.37 -31.50 -28.23
CA ALA C 78 -9.93 -31.80 -28.29
C ALA C 78 -9.62 -32.40 -29.67
N ASN C 79 -10.53 -33.25 -30.12
CA ASN C 79 -10.37 -34.16 -31.22
C ASN C 79 -11.64 -35.02 -31.31
N VAL C 80 -11.99 -35.43 -32.53
CA VAL C 80 -13.03 -36.43 -32.84
C VAL C 80 -12.40 -37.45 -33.79
N SER C 81 -12.62 -38.74 -33.49
CA SER C 81 -12.12 -39.84 -34.34
C SER C 81 -13.27 -40.43 -35.16
N MET C 82 -12.90 -41.02 -36.30
CA MET C 82 -13.84 -41.61 -37.23
C MET C 82 -13.14 -42.83 -37.84
N VAL C 83 -13.80 -43.99 -37.80
CA VAL C 83 -13.30 -45.12 -38.56
C VAL C 83 -14.13 -45.23 -39.83
N HIS C 84 -13.43 -45.40 -40.97
CA HIS C 84 -13.98 -45.23 -42.31
C HIS C 84 -13.45 -46.33 -43.22
N ASN C 85 -14.35 -47.00 -43.94
CA ASN C 85 -13.94 -48.00 -44.90
C ASN C 85 -13.78 -47.29 -46.25
N TYR C 86 -12.63 -47.54 -46.91
CA TYR C 86 -12.34 -46.95 -48.18
C TYR C 86 -11.57 -47.97 -49.01
N LYS C 87 -12.21 -48.51 -50.05
CA LYS C 87 -11.61 -49.47 -50.97
C LYS C 87 -11.18 -50.76 -50.25
N ASP C 88 -12.11 -51.33 -49.46
CA ASP C 88 -11.99 -52.67 -48.87
C ASP C 88 -10.92 -52.70 -47.77
N GLU C 89 -10.56 -51.52 -47.27
CA GLU C 89 -9.56 -51.33 -46.21
C GLU C 89 -10.16 -50.32 -45.21
N GLU C 90 -9.91 -50.52 -43.90
CA GLU C 90 -10.44 -49.64 -42.82
C GLU C 90 -9.37 -48.60 -42.46
N TYR C 91 -9.81 -47.39 -42.12
CA TYR C 91 -8.87 -46.29 -41.83
C TYR C 91 -9.38 -45.54 -40.60
N LEU C 92 -8.45 -44.97 -39.84
CA LEU C 92 -8.76 -44.27 -38.58
C LEU C 92 -8.44 -42.79 -38.80
N ILE C 93 -9.47 -41.94 -38.79
CA ILE C 93 -9.30 -40.55 -39.11
C ILE C 93 -9.44 -39.74 -37.82
N ASN C 94 -8.37 -39.03 -37.45
CA ASN C 94 -8.43 -38.12 -36.33
C ASN C 94 -8.66 -36.70 -36.85
N LEU C 95 -9.87 -36.18 -36.62
CA LEU C 95 -10.15 -34.76 -36.83
C LEU C 95 -9.74 -34.00 -35.57
N ILE C 96 -8.59 -33.35 -35.65
CA ILE C 96 -8.04 -32.65 -34.52
C ILE C 96 -8.53 -31.22 -34.58
N ASP C 97 -8.76 -30.62 -33.40
CA ASP C 97 -9.18 -29.25 -33.33
C ASP C 97 -8.12 -28.36 -34.00
N THR C 98 -8.61 -27.40 -34.79
CA THR C 98 -7.72 -26.50 -35.46
C THR C 98 -8.32 -25.11 -35.38
N PRO C 99 -8.09 -24.34 -34.29
CA PRO C 99 -8.54 -22.95 -34.24
C PRO C 99 -7.89 -22.10 -35.35
N GLY C 100 -8.59 -21.00 -35.71
CA GLY C 100 -8.20 -20.18 -36.85
C GLY C 100 -8.37 -18.72 -36.55
N HIS C 101 -8.32 -18.37 -35.27
CA HIS C 101 -8.41 -16.99 -34.80
C HIS C 101 -7.03 -16.36 -35.03
N VAL C 102 -6.93 -15.43 -35.99
CA VAL C 102 -5.62 -15.11 -36.62
C VAL C 102 -4.77 -14.21 -35.74
N ASP C 103 -5.35 -13.65 -34.69
CA ASP C 103 -4.63 -12.81 -33.75
C ASP C 103 -4.32 -13.60 -32.46
N PHE C 104 -4.65 -14.90 -32.45
CA PHE C 104 -4.13 -15.90 -31.51
C PHE C 104 -3.28 -16.94 -32.26
N GLY C 105 -2.29 -16.42 -32.98
CA GLY C 105 -1.52 -17.20 -33.94
C GLY C 105 -0.72 -18.35 -33.33
N GLY C 106 -0.46 -18.29 -32.01
CA GLY C 106 0.22 -19.38 -31.30
C GLY C 106 -0.56 -20.67 -31.39
N ASP C 107 -1.87 -20.54 -31.10
CA ASP C 107 -2.83 -21.60 -31.10
C ASP C 107 -2.99 -22.16 -32.51
N VAL C 108 -3.09 -21.27 -33.51
CA VAL C 108 -3.18 -21.60 -34.96
C VAL C 108 -2.03 -22.52 -35.36
N THR C 109 -0.81 -22.02 -35.11
CA THR C 109 0.40 -22.70 -35.57
C THR C 109 0.54 -24.04 -34.83
N ARG C 110 0.25 -24.08 -33.54
CA ARG C 110 0.35 -25.31 -32.71
C ARG C 110 -0.57 -26.41 -33.25
N ALA C 111 -1.81 -26.04 -33.56
CA ALA C 111 -2.82 -26.92 -34.14
C ALA C 111 -2.33 -27.55 -35.45
N MET C 112 -1.82 -26.69 -36.33
CA MET C 112 -1.29 -27.10 -37.64
C MET C 112 -0.10 -28.07 -37.47
N ARG C 113 0.65 -27.91 -36.41
CA ARG C 113 1.82 -28.73 -36.10
C ARG C 113 1.38 -30.17 -35.81
N ALA C 114 0.18 -30.33 -35.23
CA ALA C 114 -0.46 -31.63 -34.93
C ALA C 114 -0.95 -32.41 -36.16
N VAL C 115 -1.40 -31.71 -37.20
CA VAL C 115 -2.09 -32.28 -38.41
C VAL C 115 -1.09 -32.51 -39.56
N ASP C 116 -1.37 -33.50 -40.39
CA ASP C 116 -0.58 -33.81 -41.58
C ASP C 116 -1.32 -33.36 -42.85
N GLY C 117 -2.65 -33.29 -42.76
CA GLY C 117 -3.53 -32.94 -43.85
C GLY C 117 -4.60 -31.95 -43.41
N ALA C 118 -5.09 -31.16 -44.37
CA ALA C 118 -6.09 -30.16 -44.09
C ALA C 118 -7.19 -30.20 -45.16
N VAL C 119 -8.43 -30.13 -44.70
CA VAL C 119 -9.56 -29.90 -45.58
C VAL C 119 -9.79 -28.38 -45.60
N VAL C 120 -9.45 -27.78 -46.73
CA VAL C 120 -9.61 -26.35 -46.89
C VAL C 120 -11.04 -26.11 -47.36
N VAL C 121 -11.78 -25.24 -46.68
CA VAL C 121 -13.20 -25.12 -46.92
C VAL C 121 -13.52 -23.69 -47.33
N VAL C 122 -14.06 -23.56 -48.55
CA VAL C 122 -14.38 -22.27 -49.13
C VAL C 122 -15.87 -22.24 -49.44
N CYS C 123 -16.55 -21.19 -48.93
CA CYS C 123 -17.90 -20.76 -49.39
C CYS C 123 -17.85 -20.40 -50.88
N ALA C 124 -18.70 -21.07 -51.67
CA ALA C 124 -18.69 -20.88 -53.11
C ALA C 124 -19.18 -19.46 -53.50
N VAL C 125 -20.08 -18.86 -52.73
CA VAL C 125 -20.55 -17.49 -52.97
C VAL C 125 -19.44 -16.49 -52.64
N GLU C 126 -18.78 -16.64 -51.48
CA GLU C 126 -17.88 -15.57 -51.03
C GLU C 126 -16.44 -15.76 -51.55
N GLY C 127 -16.07 -16.99 -51.91
CA GLY C 127 -14.76 -17.28 -52.52
C GLY C 127 -13.68 -17.43 -51.46
N ILE C 128 -12.41 -17.30 -51.85
CA ILE C 128 -11.33 -17.40 -50.87
C ILE C 128 -11.16 -16.05 -50.15
N MET C 129 -11.30 -16.10 -48.82
CA MET C 129 -11.32 -14.97 -47.94
C MET C 129 -9.94 -14.76 -47.32
N PRO C 130 -9.69 -13.54 -46.74
CA PRO C 130 -8.44 -13.21 -46.05
C PRO C 130 -7.93 -14.33 -45.12
N GLN C 131 -8.86 -14.70 -44.24
CA GLN C 131 -8.67 -15.68 -43.19
C GLN C 131 -8.37 -17.05 -43.79
N THR C 132 -9.02 -17.41 -44.91
CA THR C 132 -8.80 -18.70 -45.58
C THR C 132 -7.35 -18.78 -46.07
N GLU C 133 -6.89 -17.70 -46.73
CA GLU C 133 -5.50 -17.65 -47.21
C GLU C 133 -4.52 -17.84 -46.05
N THR C 134 -4.74 -17.05 -44.99
CA THR C 134 -3.91 -17.00 -43.79
C THR C 134 -3.76 -18.40 -43.16
N VAL C 135 -4.86 -19.07 -42.82
CA VAL C 135 -4.74 -20.34 -42.09
C VAL C 135 -4.23 -21.46 -43.01
N LEU C 136 -4.59 -21.42 -44.30
CA LEU C 136 -4.05 -22.34 -45.31
C LEU C 136 -2.53 -22.18 -45.39
N ARG C 137 -2.05 -20.94 -45.37
CA ARG C 137 -0.65 -20.66 -45.46
C ARG C 137 0.12 -21.28 -44.30
N GLN C 138 -0.39 -21.13 -43.06
CA GLN C 138 0.27 -21.75 -41.88
C GLN C 138 0.25 -23.29 -42.00
N ALA C 139 -0.84 -23.87 -42.52
CA ALA C 139 -0.92 -25.31 -42.83
C ALA C 139 0.20 -25.75 -43.78
N LEU C 140 0.33 -25.04 -44.90
CA LEU C 140 1.36 -25.31 -45.90
C LEU C 140 2.77 -25.16 -45.28
N LYS C 141 2.95 -24.11 -44.48
CA LYS C 141 4.23 -23.81 -43.83
C LYS C 141 4.70 -24.99 -42.94
N GLU C 142 3.78 -25.55 -42.15
CA GLU C 142 4.14 -26.63 -41.21
C GLU C 142 3.92 -28.00 -41.87
N ASN C 143 3.92 -28.02 -43.20
CA ASN C 143 3.99 -29.21 -44.00
C ASN C 143 2.69 -30.01 -43.88
N VAL C 144 1.59 -29.28 -44.05
CA VAL C 144 0.25 -29.84 -44.16
C VAL C 144 -0.13 -29.90 -45.64
N LYS C 145 -0.49 -31.10 -46.15
CA LYS C 145 -1.06 -31.24 -47.50
C LYS C 145 -2.53 -30.80 -47.50
N PRO C 146 -2.95 -29.83 -48.36
CA PRO C 146 -4.34 -29.43 -48.44
C PRO C 146 -5.08 -30.20 -49.53
N VAL C 147 -6.39 -30.24 -49.30
CA VAL C 147 -7.39 -30.84 -50.13
C VAL C 147 -8.55 -29.84 -50.01
N LEU C 148 -9.23 -29.55 -51.12
CA LEU C 148 -10.13 -28.41 -51.14
C LEU C 148 -11.59 -28.87 -51.28
N PHE C 149 -12.45 -28.26 -50.47
CA PHE C 149 -13.87 -28.49 -50.48
C PHE C 149 -14.56 -27.13 -50.72
N ILE C 150 -15.37 -27.07 -51.76
CA ILE C 150 -16.19 -25.89 -51.98
C ILE C 150 -17.57 -26.17 -51.37
N ASN C 151 -17.92 -25.40 -50.32
CA ASN C 151 -19.18 -25.50 -49.59
C ASN C 151 -20.17 -24.44 -50.11
N LYS C 152 -21.44 -24.67 -49.79
CA LYS C 152 -22.58 -23.78 -50.02
C LYS C 152 -22.78 -23.59 -51.53
N VAL C 153 -22.78 -24.72 -52.25
CA VAL C 153 -22.99 -24.81 -53.72
C VAL C 153 -24.44 -24.42 -54.07
N ASP C 154 -25.34 -24.78 -53.13
CA ASP C 154 -26.78 -24.62 -53.19
C ASP C 154 -27.08 -23.14 -53.44
N ARG C 155 -26.34 -22.26 -52.76
CA ARG C 155 -26.63 -20.85 -52.77
C ARG C 155 -25.97 -20.17 -53.97
N LEU C 156 -24.95 -20.76 -54.64
CA LEU C 156 -24.61 -20.27 -56.02
C LEU C 156 -25.80 -20.52 -56.97
N ILE C 157 -26.33 -21.74 -56.90
CA ILE C 157 -27.31 -22.14 -57.87
C ILE C 157 -28.67 -21.46 -57.56
N ASN C 158 -28.98 -21.21 -56.28
CA ASN C 158 -30.14 -20.41 -55.87
C ASN C 158 -29.95 -18.91 -56.21
N GLU C 159 -28.78 -18.33 -55.95
CA GLU C 159 -28.63 -16.90 -56.12
C GLU C 159 -28.33 -16.57 -57.59
N LEU C 160 -27.42 -17.31 -58.22
CA LEU C 160 -26.87 -16.84 -59.52
C LEU C 160 -27.31 -17.69 -60.72
N LYS C 161 -27.93 -18.85 -60.48
CA LYS C 161 -28.26 -19.89 -61.50
C LYS C 161 -27.26 -19.94 -62.69
N LEU C 162 -26.10 -20.54 -62.42
CA LEU C 162 -25.08 -20.80 -63.44
C LEU C 162 -25.50 -21.91 -64.43
N GLU C 163 -25.00 -21.79 -65.66
CA GLU C 163 -24.83 -22.93 -66.62
C GLU C 163 -23.75 -23.90 -66.09
N PRO C 164 -23.76 -25.20 -66.43
CA PRO C 164 -22.71 -26.13 -66.01
C PRO C 164 -21.27 -25.65 -66.30
N GLU C 165 -21.05 -24.99 -67.43
CA GLU C 165 -19.74 -24.44 -67.78
C GLU C 165 -19.36 -23.31 -66.82
N GLU C 166 -20.32 -22.47 -66.41
CA GLU C 166 -20.11 -21.41 -65.39
C GLU C 166 -19.81 -21.97 -63.99
N LEU C 167 -20.48 -23.06 -63.55
CA LEU C 167 -20.06 -23.86 -62.37
C LEU C 167 -18.58 -24.28 -62.46
N GLN C 168 -18.25 -25.02 -63.53
CA GLN C 168 -16.87 -25.49 -63.84
C GLN C 168 -15.85 -24.37 -63.63
N LYS C 169 -16.11 -23.24 -64.28
CA LYS C 169 -15.23 -22.09 -64.27
C LYS C 169 -15.15 -21.41 -62.89
N ARG C 170 -16.23 -21.31 -62.09
CA ARG C 170 -16.08 -20.82 -60.69
C ARG C 170 -15.28 -21.80 -59.82
N PHE C 171 -15.46 -23.11 -60.01
CA PHE C 171 -14.64 -24.09 -59.27
C PHE C 171 -13.15 -23.98 -59.64
N ILE C 172 -12.89 -23.87 -60.94
CA ILE C 172 -11.53 -23.77 -61.49
C ILE C 172 -10.87 -22.49 -60.99
N ASN C 173 -11.62 -21.39 -60.88
CA ASN C 173 -11.08 -20.09 -60.42
C ASN C 173 -10.66 -20.15 -58.94
N ILE C 174 -11.52 -20.72 -58.10
CA ILE C 174 -11.24 -20.91 -56.67
C ILE C 174 -10.01 -21.84 -56.54
N TYR C 175 -9.93 -22.86 -57.37
CA TYR C 175 -8.84 -23.84 -57.26
C TYR C 175 -7.54 -23.28 -57.86
N MET C 176 -7.62 -22.34 -58.82
CA MET C 176 -6.47 -21.52 -59.24
C MET C 176 -5.94 -20.67 -58.06
N GLU C 177 -6.82 -19.92 -57.36
CA GLU C 177 -6.42 -19.15 -56.15
C GLU C 177 -5.75 -20.06 -55.10
N ALA C 178 -6.36 -21.23 -54.84
CA ALA C 178 -5.79 -22.26 -53.95
C ALA C 178 -4.38 -22.67 -54.38
N ASN C 179 -4.25 -23.05 -55.66
CA ASN C 179 -2.98 -23.47 -56.25
C ASN C 179 -1.93 -22.35 -56.23
N LYS C 180 -2.32 -21.06 -56.31
CA LYS C 180 -1.34 -19.96 -56.15
C LYS C 180 -0.68 -19.98 -54.78
N LEU C 181 -1.47 -20.23 -53.72
CA LEU C 181 -0.93 -20.31 -52.35
C LEU C 181 -0.06 -21.58 -52.20
N ILE C 182 -0.43 -22.68 -52.85
CA ILE C 182 0.37 -23.90 -52.79
C ILE C 182 1.70 -23.69 -53.54
N LYS C 183 1.65 -23.05 -54.70
CA LYS C 183 2.88 -22.80 -55.47
C LYS C 183 3.80 -21.83 -54.69
N ASN C 184 3.27 -20.78 -54.06
CA ASN C 184 4.11 -19.87 -53.23
C ASN C 184 4.65 -20.56 -51.97
N MET C 185 3.78 -21.23 -51.19
CA MET C 185 4.13 -21.61 -49.78
C MET C 185 4.65 -23.05 -49.69
N ALA C 186 4.03 -23.99 -50.39
CA ALA C 186 4.32 -25.41 -50.15
C ALA C 186 5.83 -25.67 -50.22
N PRO C 187 6.29 -26.83 -49.72
CA PRO C 187 7.67 -27.27 -49.94
C PRO C 187 8.03 -27.32 -51.44
N GLU C 188 9.26 -26.99 -51.83
CA GLU C 188 9.57 -26.96 -53.27
C GLU C 188 9.45 -28.37 -53.87
N ASP C 189 9.84 -29.41 -53.09
CA ASP C 189 9.66 -30.85 -53.41
C ASP C 189 8.20 -31.19 -53.81
N LYS C 190 7.24 -30.41 -53.30
CA LYS C 190 5.84 -30.80 -53.26
C LYS C 190 4.96 -29.85 -54.06
N LYS C 191 5.49 -28.84 -54.77
CA LYS C 191 4.63 -27.69 -55.23
C LYS C 191 3.65 -28.15 -56.30
N GLU C 192 4.06 -29.18 -57.08
CA GLU C 192 3.24 -29.88 -58.08
C GLU C 192 2.36 -30.94 -57.39
N GLU C 193 2.93 -31.85 -56.62
CA GLU C 193 2.14 -32.97 -56.08
C GLU C 193 1.04 -32.51 -55.12
N TRP C 194 1.30 -31.42 -54.36
CA TRP C 194 0.37 -30.90 -53.37
C TRP C 194 -0.64 -29.95 -53.99
N ALA C 195 -0.34 -29.42 -55.18
CA ALA C 195 -1.33 -28.58 -55.84
C ALA C 195 -2.60 -29.42 -56.05
N VAL C 196 -3.72 -28.69 -56.08
CA VAL C 196 -5.04 -29.29 -56.09
C VAL C 196 -5.51 -29.35 -57.55
N ASP C 197 -6.17 -30.47 -57.86
CA ASP C 197 -6.56 -30.80 -59.20
C ASP C 197 -8.02 -31.24 -59.13
N PHE C 198 -8.77 -30.79 -60.12
CA PHE C 198 -10.18 -31.12 -60.14
C PHE C 198 -10.37 -32.55 -60.65
N THR C 199 -9.54 -32.87 -61.66
CA THR C 199 -9.43 -34.11 -62.44
C THR C 199 -9.32 -35.34 -61.55
N ASP C 200 -8.41 -35.29 -60.58
CA ASP C 200 -8.11 -36.51 -59.81
C ASP C 200 -8.75 -36.43 -58.42
N GLY C 201 -9.63 -35.42 -58.22
CA GLY C 201 -10.62 -35.42 -57.13
C GLY C 201 -10.06 -34.96 -55.79
N SER C 202 -8.93 -34.26 -55.78
CA SER C 202 -8.42 -33.63 -54.57
C SER C 202 -9.20 -32.34 -54.31
N VAL C 203 -10.03 -31.96 -55.30
CA VAL C 203 -11.07 -30.96 -55.10
C VAL C 203 -12.47 -31.60 -55.21
N ALA C 204 -13.31 -31.23 -54.25
CA ALA C 204 -14.70 -31.58 -54.22
C ALA C 204 -15.55 -30.34 -53.90
N PHE C 205 -16.86 -30.53 -53.92
CA PHE C 205 -17.83 -29.48 -53.82
C PHE C 205 -19.13 -30.07 -53.24
N GLY C 206 -19.94 -29.21 -52.63
CA GLY C 206 -21.20 -29.65 -52.15
C GLY C 206 -21.85 -28.65 -51.21
N SER C 207 -22.66 -29.22 -50.31
CA SER C 207 -23.11 -28.50 -49.14
C SER C 207 -22.92 -29.40 -47.92
N ALA C 208 -22.13 -28.91 -46.97
CA ALA C 208 -22.00 -29.50 -45.69
C ALA C 208 -23.36 -29.54 -44.97
N TYR C 209 -24.15 -28.44 -45.04
CA TYR C 209 -25.47 -28.35 -44.40
C TYR C 209 -26.42 -29.47 -44.84
N HIS C 210 -26.60 -29.61 -46.15
CA HIS C 210 -27.58 -30.53 -46.74
C HIS C 210 -26.93 -31.88 -47.03
N ASN C 211 -25.71 -32.10 -46.51
CA ASN C 211 -25.08 -33.42 -46.29
C ASN C 211 -24.72 -34.12 -47.62
N TRP C 212 -24.17 -33.38 -48.55
CA TRP C 212 -23.76 -33.97 -49.86
C TRP C 212 -22.45 -33.34 -50.35
N ALA C 213 -21.64 -34.20 -51.00
CA ALA C 213 -20.35 -33.79 -51.54
C ALA C 213 -20.05 -34.61 -52.79
N ILE C 214 -19.34 -34.01 -53.74
CA ILE C 214 -18.93 -34.72 -54.93
C ILE C 214 -17.57 -34.19 -55.38
N ASN C 215 -16.73 -35.09 -55.88
CA ASN C 215 -15.52 -34.78 -56.64
C ASN C 215 -15.70 -35.35 -58.06
N VAL C 216 -14.77 -35.12 -58.98
CA VAL C 216 -14.91 -35.66 -60.33
C VAL C 216 -14.95 -37.19 -60.32
N PRO C 217 -14.07 -37.93 -59.60
CA PRO C 217 -14.20 -39.39 -59.42
C PRO C 217 -15.55 -39.93 -58.94
N MET C 218 -16.28 -39.20 -58.10
CA MET C 218 -17.63 -39.65 -57.69
C MET C 218 -18.65 -39.44 -58.84
N MET C 219 -18.56 -38.31 -59.56
CA MET C 219 -19.32 -38.07 -60.80
C MET C 219 -19.16 -39.21 -61.82
N GLN C 220 -17.92 -39.70 -62.02
CA GLN C 220 -17.64 -40.86 -62.91
C GLN C 220 -17.80 -42.20 -62.16
N GLU C 221 -18.58 -42.22 -61.08
CA GLU C 221 -18.97 -43.47 -60.37
C GLU C 221 -20.50 -43.54 -60.28
N THR C 222 -21.14 -42.39 -60.06
CA THR C 222 -22.61 -42.26 -59.94
C THR C 222 -23.28 -41.78 -61.24
N GLY C 223 -22.52 -41.12 -62.10
CA GLY C 223 -23.04 -40.62 -63.39
C GLY C 223 -23.81 -39.31 -63.26
N VAL C 224 -23.68 -38.63 -62.12
CA VAL C 224 -24.11 -37.24 -61.95
C VAL C 224 -23.27 -36.33 -62.86
N ASN C 225 -23.92 -35.34 -63.48
CA ASN C 225 -23.22 -34.27 -64.20
C ASN C 225 -23.51 -32.97 -63.46
N PHE C 226 -23.07 -31.83 -63.99
CA PHE C 226 -23.27 -30.53 -63.33
C PHE C 226 -24.74 -30.10 -63.49
N LYS C 227 -25.38 -30.48 -64.60
CA LYS C 227 -26.80 -30.14 -64.85
C LYS C 227 -27.71 -30.76 -63.79
N ASP C 228 -27.49 -32.01 -63.38
CA ASP C 228 -28.30 -32.66 -62.32
C ASP C 228 -28.27 -31.84 -61.02
N ILE C 229 -27.06 -31.40 -60.65
CA ILE C 229 -26.76 -30.65 -59.42
C ILE C 229 -27.57 -29.36 -59.38
N ILE C 230 -27.61 -28.69 -60.54
CA ILE C 230 -28.33 -27.44 -60.70
C ILE C 230 -29.84 -27.70 -60.61
N ASP C 231 -30.34 -28.81 -61.15
CA ASP C 231 -31.76 -29.16 -61.10
C ASP C 231 -32.17 -29.49 -59.65
N TYR C 232 -31.42 -30.40 -59.00
CA TYR C 232 -31.65 -30.77 -57.59
C TYR C 232 -31.64 -29.53 -56.68
N CYS C 233 -30.71 -28.59 -56.90
CA CYS C 233 -30.64 -27.38 -56.09
C CYS C 233 -31.83 -26.45 -56.35
N ASN C 234 -32.27 -26.28 -57.61
CA ASN C 234 -33.36 -25.34 -57.99
C ASN C 234 -34.73 -25.85 -57.52
N ASP C 235 -34.91 -27.17 -57.62
CA ASP C 235 -36.17 -27.88 -57.37
C ASP C 235 -36.24 -28.30 -55.91
N ASP C 236 -35.23 -27.93 -55.11
CA ASP C 236 -35.17 -28.12 -53.62
C ASP C 236 -35.11 -29.62 -53.24
N LYS C 237 -34.68 -30.46 -54.21
CA LYS C 237 -34.61 -31.92 -54.12
C LYS C 237 -33.25 -32.34 -53.52
N GLN C 238 -32.76 -31.57 -52.53
CA GLN C 238 -31.37 -31.74 -52.11
C GLN C 238 -31.23 -33.03 -51.29
N LYS C 239 -32.34 -33.52 -50.71
CA LYS C 239 -32.34 -34.77 -49.95
C LYS C 239 -32.10 -35.97 -50.89
N GLU C 240 -32.71 -36.00 -52.09
CA GLU C 240 -32.47 -37.03 -53.13
C GLU C 240 -30.96 -37.10 -53.47
N LEU C 241 -30.34 -35.94 -53.69
CA LEU C 241 -28.90 -35.85 -54.01
C LEU C 241 -28.02 -36.45 -52.92
N ALA C 242 -28.27 -35.98 -51.69
CA ALA C 242 -27.62 -36.41 -50.45
C ALA C 242 -27.47 -37.93 -50.36
N GLN C 243 -28.41 -38.66 -51.00
CA GLN C 243 -28.56 -40.10 -50.88
C GLN C 243 -27.44 -40.84 -51.61
N LYS C 244 -27.08 -40.45 -52.83
CA LYS C 244 -26.10 -41.42 -53.35
C LYS C 244 -24.72 -40.81 -53.53
N VAL C 245 -24.56 -39.57 -53.02
CA VAL C 245 -23.26 -38.80 -52.94
C VAL C 245 -23.15 -38.15 -51.56
N PRO C 246 -23.11 -39.02 -50.52
CA PRO C 246 -23.17 -38.60 -49.13
C PRO C 246 -21.88 -37.84 -48.77
N LEU C 247 -22.03 -36.75 -48.03
CA LEU C 247 -20.92 -35.92 -47.58
C LEU C 247 -19.82 -36.74 -46.89
N SER C 248 -20.18 -37.59 -45.93
CA SER C 248 -19.20 -38.36 -45.17
C SER C 248 -18.48 -39.41 -46.03
N GLU C 249 -19.20 -40.16 -46.90
CA GLU C 249 -18.55 -41.21 -47.73
C GLU C 249 -17.50 -40.60 -48.67
N VAL C 250 -17.95 -39.58 -49.41
CA VAL C 250 -17.21 -38.88 -50.47
C VAL C 250 -15.97 -38.20 -49.88
N LEU C 251 -16.20 -37.42 -48.84
CA LEU C 251 -15.21 -36.51 -48.36
C LEU C 251 -14.18 -37.24 -47.52
N LEU C 252 -14.58 -38.25 -46.74
CA LEU C 252 -13.60 -39.08 -45.97
C LEU C 252 -12.82 -40.02 -46.90
N GLY C 253 -13.45 -40.48 -47.99
CA GLY C 253 -12.73 -41.19 -49.04
C GLY C 253 -11.59 -40.35 -49.59
N MET C 254 -11.90 -39.07 -49.89
CA MET C 254 -11.04 -38.04 -50.41
C MET C 254 -9.87 -37.75 -49.45
N VAL C 255 -10.17 -37.74 -48.14
CA VAL C 255 -9.18 -37.63 -47.05
C VAL C 255 -8.22 -38.82 -47.02
N VAL C 256 -8.74 -40.05 -47.19
CA VAL C 256 -7.89 -41.27 -47.21
C VAL C 256 -7.00 -41.26 -48.47
N GLU C 257 -7.58 -40.95 -49.64
CA GLU C 257 -6.87 -40.95 -50.93
C GLU C 257 -5.75 -39.91 -50.92
N HIS C 258 -6.14 -38.66 -50.60
CA HIS C 258 -5.31 -37.52 -50.90
C HIS C 258 -4.46 -37.02 -49.74
N LEU C 259 -4.89 -37.22 -48.49
CA LEU C 259 -4.12 -36.67 -47.37
C LEU C 259 -3.19 -37.76 -46.81
N PRO C 260 -1.98 -37.35 -46.37
CA PRO C 260 -0.92 -38.30 -46.02
C PRO C 260 -1.12 -38.98 -44.66
N SER C 261 -0.54 -40.18 -44.55
CA SER C 261 -0.50 -40.91 -43.29
C SER C 261 0.59 -40.30 -42.41
N PRO C 262 0.54 -40.50 -41.08
CA PRO C 262 1.62 -40.10 -40.19
C PRO C 262 2.96 -40.68 -40.62
N LYS C 263 2.97 -41.92 -41.14
CA LYS C 263 4.23 -42.58 -41.52
C LYS C 263 4.88 -41.89 -42.72
N VAL C 264 4.06 -41.67 -43.75
CA VAL C 264 4.39 -40.96 -45.00
C VAL C 264 4.86 -39.53 -44.71
N SER C 265 4.11 -38.82 -43.87
CA SER C 265 4.27 -37.40 -43.61
C SER C 265 5.52 -37.10 -42.77
N GLN C 266 5.76 -37.89 -41.71
CA GLN C 266 6.73 -37.56 -40.67
C GLN C 266 8.15 -37.57 -41.26
N GLU C 267 8.40 -38.30 -42.36
CA GLU C 267 9.71 -38.24 -43.05
C GLU C 267 10.06 -36.79 -43.46
N TYR C 268 9.06 -35.95 -43.78
CA TYR C 268 9.32 -34.55 -44.22
C TYR C 268 8.81 -33.50 -43.21
N ARG C 269 7.78 -33.83 -42.41
CA ARG C 269 7.21 -32.87 -41.47
C ARG C 269 8.14 -32.69 -40.25
N VAL C 270 8.73 -33.80 -39.76
CA VAL C 270 9.55 -33.81 -38.52
C VAL C 270 10.54 -32.63 -38.45
N PRO C 271 11.43 -32.36 -39.42
CA PRO C 271 12.37 -31.23 -39.29
C PRO C 271 11.75 -29.82 -39.19
N ASN C 272 10.58 -29.60 -39.81
CA ASN C 272 9.94 -28.27 -39.79
C ASN C 272 9.03 -28.11 -38.55
N ILE C 273 8.59 -29.21 -37.95
CA ILE C 273 7.86 -29.10 -36.68
C ILE C 273 8.83 -29.05 -35.47
N TRP C 274 10.06 -29.55 -35.57
CA TRP C 274 10.90 -29.83 -34.36
C TRP C 274 12.37 -29.46 -34.60
N GLU C 275 13.02 -28.78 -33.67
CA GLU C 275 14.34 -28.17 -33.99
C GLU C 275 15.50 -28.98 -33.40
N GLY C 276 15.33 -30.32 -33.32
CA GLY C 276 16.30 -31.18 -32.63
C GLY C 276 17.48 -31.61 -33.50
N ASP C 277 18.35 -32.44 -32.91
CA ASP C 277 19.29 -33.26 -33.67
C ASP C 277 18.50 -34.36 -34.38
N ILE C 278 18.53 -34.32 -35.71
CA ILE C 278 17.67 -35.19 -36.49
C ILE C 278 18.31 -36.57 -36.65
N GLU C 279 19.65 -36.66 -36.52
CA GLU C 279 20.36 -37.94 -36.60
C GLU C 279 20.20 -38.70 -35.28
N SER C 280 19.77 -37.99 -34.23
CA SER C 280 19.56 -38.53 -32.85
C SER C 280 18.51 -39.64 -32.82
N PRO C 281 18.55 -40.55 -31.81
CA PRO C 281 17.65 -41.71 -31.75
C PRO C 281 16.18 -41.32 -31.52
N ALA C 282 15.93 -40.25 -30.77
CA ALA C 282 14.60 -39.64 -30.62
C ALA C 282 14.15 -38.98 -31.94
N GLY C 283 15.06 -38.26 -32.60
CA GLY C 283 14.84 -37.71 -33.94
C GLY C 283 14.44 -38.77 -34.96
N GLN C 284 15.24 -39.83 -35.11
CA GLN C 284 15.00 -40.96 -36.05
C GLN C 284 13.71 -41.70 -35.71
N GLY C 285 13.45 -41.88 -34.42
CA GLY C 285 12.20 -42.49 -33.92
C GLY C 285 10.95 -41.71 -34.32
N MET C 286 11.03 -40.37 -34.39
CA MET C 286 9.94 -39.53 -34.89
C MET C 286 9.85 -39.59 -36.43
N ILE C 287 10.99 -39.64 -37.12
CA ILE C 287 11.07 -39.68 -38.60
C ILE C 287 10.24 -40.84 -39.18
N THR C 288 10.58 -42.02 -38.67
CA THR C 288 10.16 -43.30 -39.17
C THR C 288 8.78 -43.68 -38.63
N THR C 289 8.32 -42.90 -37.64
CA THR C 289 7.09 -43.15 -36.88
C THR C 289 7.25 -44.51 -36.19
N SER C 290 8.31 -44.57 -35.38
CA SER C 290 8.71 -45.74 -34.62
C SER C 290 8.00 -45.75 -33.26
N PRO C 291 7.18 -46.76 -32.95
CA PRO C 291 6.68 -46.94 -31.58
C PRO C 291 7.77 -47.46 -30.63
N ASP C 292 8.89 -47.87 -31.21
CA ASP C 292 10.04 -48.47 -30.54
C ASP C 292 11.01 -47.40 -30.03
N GLY C 293 10.91 -46.19 -30.58
CA GLY C 293 11.81 -45.08 -30.24
C GLY C 293 11.55 -44.54 -28.85
N PRO C 294 12.34 -43.52 -28.42
CA PRO C 294 12.05 -42.78 -27.19
C PRO C 294 10.73 -42.03 -27.38
N LEU C 295 9.86 -42.05 -26.36
CA LEU C 295 8.56 -41.40 -26.46
C LEU C 295 8.74 -39.89 -26.57
N ALA C 296 7.99 -39.30 -27.51
CA ALA C 296 8.07 -37.92 -27.90
C ALA C 296 6.67 -37.47 -28.30
N VAL C 297 6.06 -36.57 -27.54
CA VAL C 297 4.71 -36.17 -27.84
C VAL C 297 4.60 -34.66 -27.59
N MET C 298 3.53 -34.10 -28.12
CA MET C 298 3.24 -32.68 -28.10
C MET C 298 1.82 -32.54 -27.57
N VAL C 299 1.62 -31.67 -26.59
CA VAL C 299 0.29 -31.56 -26.01
C VAL C 299 -0.50 -30.50 -26.78
N THR C 300 -1.68 -30.92 -27.27
CA THR C 300 -2.47 -30.21 -28.29
C THR C 300 -3.50 -29.28 -27.66
N ASN C 301 -4.20 -29.78 -26.63
CA ASN C 301 -4.92 -28.92 -25.71
C ASN C 301 -5.04 -29.67 -24.39
N VAL C 302 -5.27 -28.89 -23.31
CA VAL C 302 -5.60 -29.45 -22.02
C VAL C 302 -6.90 -28.80 -21.55
N SER C 303 -7.89 -29.64 -21.22
CA SER C 303 -9.17 -29.14 -20.82
C SER C 303 -9.62 -29.89 -19.58
N VAL C 304 -9.90 -29.13 -18.51
CA VAL C 304 -10.57 -29.60 -17.30
C VAL C 304 -12.04 -29.85 -17.63
N ASP C 305 -12.45 -31.12 -17.56
CA ASP C 305 -13.69 -31.61 -18.16
C ASP C 305 -14.65 -31.98 -17.02
N LYS C 306 -15.94 -31.77 -17.31
CA LYS C 306 -17.02 -31.32 -16.39
C LYS C 306 -17.44 -32.42 -15.40
N HIS C 307 -17.37 -33.70 -15.79
CA HIS C 307 -17.58 -34.83 -14.88
C HIS C 307 -16.28 -35.63 -14.65
N ALA C 308 -15.16 -35.24 -15.29
CA ALA C 308 -14.08 -36.17 -15.62
C ALA C 308 -12.80 -35.89 -14.82
N GLY C 309 -12.28 -34.67 -14.96
CA GLY C 309 -10.98 -34.29 -14.42
C GLY C 309 -10.19 -33.49 -15.44
N GLU C 310 -8.87 -33.42 -15.28
CA GLU C 310 -8.00 -32.67 -16.23
C GLU C 310 -7.38 -33.65 -17.22
N ILE C 311 -7.55 -33.34 -18.52
CA ILE C 311 -7.04 -34.18 -19.59
C ILE C 311 -6.15 -33.34 -20.52
N ALA C 312 -5.01 -33.94 -20.88
CA ALA C 312 -4.14 -33.48 -21.93
C ALA C 312 -4.30 -34.39 -23.15
N THR C 313 -4.75 -33.80 -24.27
CA THR C 313 -4.84 -34.43 -25.57
C THR C 313 -3.52 -34.12 -26.29
N GLY C 314 -2.92 -35.10 -26.98
CA GLY C 314 -1.58 -34.92 -27.55
C GLY C 314 -1.38 -35.79 -28.77
N ARG C 315 -0.33 -35.49 -29.55
CA ARG C 315 0.10 -36.33 -30.66
C ARG C 315 1.39 -37.07 -30.28
N VAL C 316 1.40 -38.40 -30.50
CA VAL C 316 2.65 -39.15 -30.36
C VAL C 316 3.39 -39.10 -31.69
N TYR C 317 4.56 -38.46 -31.70
CA TYR C 317 5.42 -38.48 -32.89
C TYR C 317 6.29 -39.74 -32.91
N GLY C 318 6.83 -40.12 -31.75
CA GLY C 318 7.69 -41.28 -31.61
C GLY C 318 7.42 -41.99 -30.31
N GLY C 319 7.83 -43.26 -30.24
CA GLY C 319 7.75 -44.09 -29.03
C GLY C 319 6.32 -44.47 -28.67
N SER C 320 6.11 -44.92 -27.43
CA SER C 320 4.84 -45.48 -27.00
C SER C 320 4.57 -44.98 -25.59
N ILE C 321 3.47 -44.26 -25.37
CA ILE C 321 3.14 -43.87 -24.00
C ILE C 321 2.28 -45.00 -23.41
N GLU C 322 2.46 -45.26 -22.11
CA GLU C 322 1.88 -46.45 -21.45
C GLU C 322 1.15 -45.97 -20.19
N LYS C 323 0.09 -46.64 -19.74
CA LYS C 323 -0.62 -46.17 -18.56
C LYS C 323 0.20 -46.56 -17.32
N GLY C 324 0.19 -45.72 -16.28
CA GLY C 324 1.03 -45.92 -15.09
C GLY C 324 2.51 -45.69 -15.36
N THR C 325 2.81 -44.78 -16.27
CA THR C 325 4.18 -44.57 -16.73
C THR C 325 4.67 -43.19 -16.31
N GLU C 326 5.92 -43.11 -15.93
CA GLU C 326 6.52 -41.78 -15.60
C GLU C 326 7.02 -41.07 -16.86
N VAL C 327 6.69 -39.78 -16.98
CA VAL C 327 6.85 -38.99 -18.24
C VAL C 327 7.28 -37.56 -17.88
N TYR C 328 8.29 -36.99 -18.56
CA TYR C 328 8.92 -35.79 -18.02
C TYR C 328 8.55 -34.59 -18.89
N LEU C 329 7.62 -33.76 -18.39
CA LEU C 329 7.28 -32.51 -19.06
C LEU C 329 8.57 -31.69 -19.12
N VAL C 330 8.97 -31.26 -20.32
CA VAL C 330 10.21 -30.55 -20.55
C VAL C 330 10.00 -29.06 -20.30
N GLY C 331 8.76 -28.58 -20.45
CA GLY C 331 8.39 -27.21 -20.12
C GLY C 331 8.35 -26.95 -18.62
N SER C 332 7.83 -27.92 -17.86
CA SER C 332 7.78 -27.85 -16.42
C SER C 332 9.18 -28.03 -15.80
N HIS C 333 10.11 -28.59 -16.60
CA HIS C 333 11.37 -29.26 -16.13
C HIS C 333 11.07 -30.20 -14.97
N SER C 334 10.01 -31.00 -15.12
CA SER C 334 9.34 -31.76 -14.04
C SER C 334 8.84 -33.12 -14.54
N LYS C 335 8.18 -33.86 -13.66
CA LYS C 335 7.67 -35.17 -13.97
C LYS C 335 6.23 -35.28 -13.50
N SER C 336 5.53 -36.27 -14.07
CA SER C 336 4.36 -36.89 -13.44
C SER C 336 4.31 -38.35 -13.89
N ARG C 337 3.34 -39.06 -13.34
CA ARG C 337 3.14 -40.49 -13.67
C ARG C 337 1.71 -40.66 -14.17
N VAL C 338 1.61 -41.10 -15.41
CA VAL C 338 0.37 -41.13 -16.16
C VAL C 338 -0.57 -42.11 -15.47
N GLN C 339 -1.80 -41.67 -15.22
CA GLN C 339 -2.82 -42.55 -14.68
C GLN C 339 -3.42 -43.35 -15.85
N GLN C 340 -4.38 -42.70 -16.52
CA GLN C 340 -5.16 -43.29 -17.59
C GLN C 340 -4.71 -42.74 -18.97
N VAL C 341 -4.22 -43.63 -19.84
CA VAL C 341 -3.93 -43.31 -21.23
C VAL C 341 -5.14 -43.71 -22.07
N GLY C 342 -5.33 -43.06 -23.21
CA GLY C 342 -6.26 -43.65 -24.18
C GLY C 342 -6.22 -42.95 -25.53
N VAL C 343 -7.18 -43.35 -26.39
CA VAL C 343 -7.40 -42.80 -27.73
C VAL C 343 -8.85 -42.34 -27.84
N TYR C 344 -9.26 -41.95 -29.04
CA TYR C 344 -10.58 -41.40 -29.25
C TYR C 344 -11.50 -42.41 -29.97
N PHE C 345 -12.80 -42.33 -29.71
CA PHE C 345 -13.85 -43.07 -30.44
C PHE C 345 -14.98 -42.08 -30.69
N GLY C 346 -14.85 -41.31 -31.76
CA GLY C 346 -15.62 -40.09 -31.89
C GLY C 346 -15.24 -39.11 -30.78
N PRO C 347 -16.17 -38.37 -30.14
CA PRO C 347 -15.79 -37.40 -29.12
C PRO C 347 -15.56 -38.05 -27.75
N GLU C 348 -15.87 -39.35 -27.63
CA GLU C 348 -15.60 -40.13 -26.45
C GLU C 348 -14.14 -40.62 -26.48
N ARG C 349 -13.71 -41.06 -25.32
CA ARG C 349 -12.37 -41.57 -25.19
C ARG C 349 -12.42 -42.96 -24.58
N VAL C 350 -11.65 -43.83 -25.22
CA VAL C 350 -11.49 -45.23 -24.93
C VAL C 350 -10.15 -45.43 -24.22
N ASN C 351 -10.23 -45.95 -22.98
CA ASN C 351 -9.10 -46.15 -22.11
C ASN C 351 -8.30 -47.33 -22.64
N THR C 352 -6.98 -47.22 -22.57
CA THR C 352 -6.07 -48.00 -23.37
C THR C 352 -4.79 -48.22 -22.57
N ASP C 353 -4.19 -49.40 -22.76
CA ASP C 353 -2.99 -49.79 -22.04
C ASP C 353 -1.78 -49.02 -22.57
N ALA C 354 -1.69 -48.95 -23.90
CA ALA C 354 -0.59 -48.27 -24.56
C ALA C 354 -1.14 -47.48 -25.74
N VAL C 355 -0.50 -46.34 -26.03
CA VAL C 355 -0.73 -45.59 -27.29
C VAL C 355 0.62 -45.42 -28.00
N PRO C 356 0.80 -46.08 -29.16
CA PRO C 356 2.02 -45.95 -29.94
C PRO C 356 2.02 -44.69 -30.82
N ALA C 357 3.17 -44.44 -31.43
CA ALA C 357 3.39 -43.29 -32.32
C ALA C 357 2.44 -43.30 -33.54
N GLY C 358 2.13 -42.07 -33.99
CA GLY C 358 1.28 -41.75 -35.14
C GLY C 358 -0.14 -41.42 -34.73
N ASN C 359 -0.49 -41.69 -33.47
CA ASN C 359 -1.84 -41.54 -32.96
C ASN C 359 -2.08 -40.17 -32.31
N ILE C 360 -3.37 -39.92 -32.08
CA ILE C 360 -3.83 -38.89 -31.19
C ILE C 360 -4.22 -39.57 -29.88
N VAL C 361 -3.65 -39.03 -28.78
CA VAL C 361 -3.59 -39.53 -27.41
C VAL C 361 -4.44 -38.64 -26.50
N TYR C 362 -5.13 -39.26 -25.56
CA TYR C 362 -5.64 -38.60 -24.31
C TYR C 362 -4.83 -39.20 -23.14
N VAL C 363 -4.37 -38.31 -22.24
CA VAL C 363 -3.72 -38.72 -20.97
C VAL C 363 -4.32 -37.91 -19.83
N ALA C 364 -4.42 -38.55 -18.65
CA ALA C 364 -4.79 -37.93 -17.38
C ALA C 364 -3.68 -38.21 -16.37
N GLY C 365 -3.41 -37.23 -15.50
CA GLY C 365 -2.19 -37.25 -14.65
C GLY C 365 -0.96 -36.68 -15.38
N ALA C 366 -1.14 -35.50 -15.97
CA ALA C 366 -0.09 -34.82 -16.77
C ALA C 366 0.64 -33.75 -15.96
N LYS C 367 0.69 -33.87 -14.62
CA LYS C 367 0.87 -32.71 -13.72
C LYS C 367 -0.20 -31.63 -14.07
N GLY C 368 0.31 -30.41 -14.30
CA GLY C 368 -0.44 -29.31 -14.89
C GLY C 368 0.25 -28.86 -16.17
N ALA C 369 0.37 -29.79 -17.11
CA ALA C 369 0.91 -29.49 -18.43
C ALA C 369 -0.07 -28.62 -19.20
N ILE C 370 0.48 -27.69 -20.01
CA ILE C 370 -0.33 -26.75 -20.80
C ILE C 370 -0.32 -27.15 -22.27
N ALA C 371 -1.19 -26.47 -23.04
CA ALA C 371 -1.18 -26.53 -24.52
C ALA C 371 0.21 -26.14 -25.07
N GLY C 372 0.80 -26.99 -25.93
CA GLY C 372 2.11 -26.73 -26.54
C GLY C 372 3.25 -27.45 -25.83
N GLU C 373 2.92 -28.17 -24.75
CA GLU C 373 3.94 -28.75 -23.86
C GLU C 373 4.64 -29.90 -24.58
N THR C 374 5.95 -30.09 -24.35
CA THR C 374 6.66 -31.25 -24.88
C THR C 374 6.69 -32.35 -23.82
N ILE C 375 6.05 -33.49 -24.10
CA ILE C 375 6.11 -34.62 -23.21
C ILE C 375 7.05 -35.63 -23.83
N CYS C 376 7.78 -36.31 -22.95
CA CYS C 376 8.70 -37.30 -23.39
C CYS C 376 8.88 -38.42 -22.38
N SER C 377 9.69 -39.42 -22.76
CA SER C 377 10.28 -40.34 -21.78
C SER C 377 11.13 -39.53 -20.79
N PRO C 378 11.14 -39.84 -19.47
CA PRO C 378 11.99 -39.12 -18.49
C PRO C 378 13.50 -39.30 -18.77
N GLU C 379 13.84 -40.59 -18.85
CA GLU C 379 15.19 -41.06 -18.86
C GLU C 379 15.81 -40.79 -20.22
N ASP C 380 15.00 -40.78 -21.28
CA ASP C 380 15.49 -40.58 -22.63
C ASP C 380 15.34 -39.10 -23.01
N LYS C 381 14.31 -38.43 -22.44
CA LYS C 381 14.29 -36.95 -22.15
C LYS C 381 14.55 -36.06 -23.38
N ILE C 382 13.59 -36.03 -24.30
CA ILE C 382 13.74 -35.36 -25.62
C ILE C 382 13.75 -33.82 -25.52
N LYS C 383 14.15 -33.23 -26.63
CA LYS C 383 14.28 -31.79 -26.78
C LYS C 383 12.88 -31.21 -27.07
N GLU C 384 12.67 -29.96 -26.67
CA GLU C 384 11.32 -29.31 -26.62
C GLU C 384 10.79 -28.96 -28.02
N PHE C 385 9.46 -29.06 -28.27
CA PHE C 385 8.88 -28.67 -29.61
C PHE C 385 8.67 -27.16 -29.70
N GLU C 386 8.25 -26.60 -28.56
CA GLU C 386 7.71 -25.25 -28.31
C GLU C 386 7.93 -24.92 -26.82
N GLY C 387 8.70 -23.87 -26.56
CA GLY C 387 9.10 -23.48 -25.21
C GLY C 387 8.87 -21.99 -25.01
N LEU C 388 9.62 -21.40 -24.08
CA LEU C 388 9.56 -19.95 -23.85
C LEU C 388 11.00 -19.48 -23.68
N ASP C 389 11.22 -18.19 -23.91
CA ASP C 389 12.52 -17.56 -23.68
C ASP C 389 12.43 -16.70 -22.42
N HIS C 390 11.33 -16.82 -21.67
CA HIS C 390 11.10 -15.97 -20.54
C HIS C 390 9.75 -16.35 -19.94
N ILE C 391 9.76 -16.76 -18.66
CA ILE C 391 8.59 -17.34 -17.97
C ILE C 391 7.46 -16.31 -17.85
N SER C 392 6.21 -16.80 -17.90
CA SER C 392 5.11 -15.93 -18.17
C SER C 392 4.91 -15.02 -16.97
N GLU C 393 5.35 -13.77 -17.08
CA GLU C 393 4.98 -12.74 -16.11
C GLU C 393 3.77 -11.98 -16.65
N PRO C 394 2.63 -11.93 -15.92
CA PRO C 394 1.46 -11.19 -16.38
C PRO C 394 1.74 -9.69 -16.45
N VAL C 395 1.24 -9.03 -17.49
CA VAL C 395 1.63 -7.64 -17.80
C VAL C 395 0.43 -6.68 -17.93
N VAL C 396 -0.80 -7.21 -17.91
CA VAL C 396 -1.93 -6.34 -17.91
C VAL C 396 -2.96 -6.88 -16.91
N THR C 397 -3.52 -5.94 -16.12
CA THR C 397 -4.46 -6.22 -15.02
C THR C 397 -5.79 -5.53 -15.33
N VAL C 398 -6.90 -6.23 -15.07
CA VAL C 398 -8.23 -5.72 -15.29
C VAL C 398 -9.09 -6.02 -14.06
N ALA C 399 -10.06 -5.16 -13.76
CA ALA C 399 -10.92 -5.39 -12.61
C ALA C 399 -12.23 -5.99 -13.09
N VAL C 400 -12.68 -7.06 -12.42
CA VAL C 400 -14.00 -7.63 -12.62
C VAL C 400 -14.74 -7.62 -11.29
N GLU C 401 -16.03 -7.26 -11.33
CA GLU C 401 -16.90 -7.48 -10.18
C GLU C 401 -18.21 -8.10 -10.65
N ALA C 402 -18.87 -8.76 -9.70
CA ALA C 402 -20.21 -9.28 -9.88
C ALA C 402 -21.22 -8.12 -9.75
N LYS C 403 -22.08 -8.00 -10.77
CA LYS C 403 -23.02 -6.90 -10.90
C LYS C 403 -24.06 -6.95 -9.78
N ASN C 404 -24.47 -8.17 -9.40
CA ASN C 404 -25.27 -8.33 -8.18
C ASN C 404 -24.38 -8.85 -7.05
N THR C 405 -24.46 -8.15 -5.90
CA THR C 405 -23.62 -8.35 -4.70
C THR C 405 -24.00 -9.63 -3.95
N LYS C 406 -24.10 -10.73 -4.67
CA LYS C 406 -24.78 -11.89 -4.18
C LYS C 406 -24.30 -13.10 -4.99
N ASP C 407 -23.93 -12.89 -6.26
CA ASP C 407 -23.27 -13.94 -7.00
C ASP C 407 -21.80 -14.02 -6.56
N LEU C 408 -21.43 -13.24 -5.53
CA LEU C 408 -20.03 -13.00 -5.15
C LEU C 408 -19.30 -14.27 -4.73
N PRO C 409 -19.80 -15.03 -3.73
CA PRO C 409 -19.09 -16.23 -3.28
C PRO C 409 -18.84 -17.26 -4.39
N LYS C 410 -19.66 -17.22 -5.45
CA LYS C 410 -19.62 -18.10 -6.66
C LYS C 410 -18.67 -17.53 -7.72
N LEU C 411 -18.62 -16.19 -7.76
CA LEU C 411 -17.70 -15.45 -8.66
C LEU C 411 -16.27 -15.93 -8.35
N ILE C 412 -16.02 -16.16 -7.07
CA ILE C 412 -14.75 -16.69 -6.58
C ILE C 412 -14.54 -18.16 -7.02
N GLU C 413 -15.58 -19.00 -7.08
CA GLU C 413 -15.44 -20.35 -7.65
C GLU C 413 -15.13 -20.27 -9.16
N VAL C 414 -15.86 -19.41 -9.87
CA VAL C 414 -15.61 -19.17 -11.30
C VAL C 414 -14.14 -18.78 -11.55
N LEU C 415 -13.62 -17.79 -10.79
CA LEU C 415 -12.28 -17.24 -10.99
C LEU C 415 -11.20 -18.27 -10.67
N ARG C 416 -11.41 -19.15 -9.68
CA ARG C 416 -10.43 -20.18 -9.35
C ARG C 416 -10.51 -21.39 -10.29
N GLN C 417 -11.66 -21.59 -10.94
CA GLN C 417 -11.73 -22.52 -12.08
C GLN C 417 -10.90 -21.97 -13.25
N VAL C 418 -11.16 -20.71 -13.62
CA VAL C 418 -10.49 -19.99 -14.72
C VAL C 418 -8.97 -20.09 -14.53
N ALA C 419 -8.51 -19.79 -13.32
CA ALA C 419 -7.08 -19.74 -12.98
C ALA C 419 -6.47 -21.14 -12.90
N LYS C 420 -7.29 -22.18 -12.70
CA LYS C 420 -6.83 -23.57 -12.76
C LYS C 420 -6.67 -24.01 -14.23
N GLU C 421 -7.63 -23.65 -15.08
CA GLU C 421 -7.61 -24.05 -16.47
C GLU C 421 -6.52 -23.29 -17.25
N ASP C 422 -6.26 -22.02 -16.89
CA ASP C 422 -5.24 -21.17 -17.54
C ASP C 422 -4.19 -20.74 -16.52
N PRO C 423 -2.95 -21.27 -16.55
CA PRO C 423 -1.95 -20.89 -15.54
C PRO C 423 -1.26 -19.56 -15.82
N THR C 424 -1.52 -18.95 -16.98
CA THR C 424 -0.91 -17.65 -17.33
C THR C 424 -1.73 -16.54 -16.67
N ILE C 425 -2.95 -16.87 -16.24
CA ILE C 425 -3.82 -15.90 -15.63
C ILE C 425 -3.71 -15.99 -14.12
N LYS C 426 -3.40 -14.85 -13.48
CA LYS C 426 -3.17 -14.72 -12.04
C LYS C 426 -4.23 -13.78 -11.45
N VAL C 427 -4.71 -14.05 -10.23
CA VAL C 427 -5.91 -13.42 -9.69
C VAL C 427 -5.71 -13.03 -8.22
N GLU C 428 -5.98 -11.75 -7.87
CA GLU C 428 -5.91 -11.24 -6.48
C GLU C 428 -7.24 -10.61 -6.08
N ILE C 429 -7.51 -10.54 -4.78
CA ILE C 429 -8.75 -9.90 -4.35
C ILE C 429 -8.40 -8.78 -3.39
N ASN C 430 -8.65 -7.53 -3.80
CA ASN C 430 -8.19 -6.36 -3.05
C ASN C 430 -9.00 -6.20 -1.75
N GLU C 431 -8.37 -6.46 -0.61
CA GLU C 431 -9.00 -6.27 0.71
C GLU C 431 -9.35 -4.79 0.95
N GLU C 432 -8.57 -3.85 0.42
CA GLU C 432 -8.80 -2.43 0.63
C GLU C 432 -9.94 -1.90 -0.24
N THR C 433 -10.27 -2.60 -1.34
CA THR C 433 -11.13 -2.04 -2.39
C THR C 433 -12.36 -2.92 -2.70
N GLY C 434 -12.16 -4.24 -2.70
CA GLY C 434 -13.23 -5.21 -2.86
C GLY C 434 -13.32 -5.70 -4.29
N GLU C 435 -12.25 -5.45 -5.07
CA GLU C 435 -12.21 -5.81 -6.45
C GLU C 435 -11.47 -7.13 -6.62
N HIS C 436 -11.85 -7.79 -7.68
CA HIS C 436 -11.28 -9.03 -8.06
C HIS C 436 -10.42 -8.69 -9.26
N LEU C 437 -9.09 -8.77 -9.10
CA LEU C 437 -8.16 -8.29 -10.09
C LEU C 437 -7.63 -9.48 -10.87
N VAL C 438 -7.59 -9.33 -12.17
CA VAL C 438 -7.28 -10.42 -13.03
C VAL C 438 -6.14 -9.96 -13.93
N SER C 439 -4.98 -10.59 -13.78
CA SER C 439 -3.81 -10.22 -14.52
C SER C 439 -3.40 -11.32 -15.47
N GLY C 440 -3.19 -10.95 -16.74
CA GLY C 440 -2.81 -11.87 -17.81
C GLY C 440 -1.84 -11.25 -18.80
N MET C 441 -1.90 -11.76 -20.04
CA MET C 441 -0.78 -11.72 -20.95
C MET C 441 -0.95 -10.62 -22.00
N GLY C 442 -2.13 -10.01 -22.07
CA GLY C 442 -2.40 -8.93 -23.01
C GLY C 442 -3.86 -8.55 -22.93
N GLU C 443 -4.26 -7.48 -23.63
CA GLU C 443 -5.66 -7.03 -23.75
C GLU C 443 -6.55 -8.23 -24.10
N LEU C 444 -6.24 -8.89 -25.22
CA LEU C 444 -7.04 -9.97 -25.79
C LEU C 444 -7.13 -11.18 -24.85
N HIS C 445 -6.02 -11.53 -24.16
CA HIS C 445 -5.99 -12.66 -23.22
C HIS C 445 -7.04 -12.44 -22.14
N LEU C 446 -7.06 -11.24 -21.55
CA LEU C 446 -8.03 -10.81 -20.54
C LEU C 446 -9.44 -10.71 -21.12
N GLU C 447 -9.61 -10.23 -22.36
CA GLU C 447 -10.93 -10.18 -23.01
C GLU C 447 -11.64 -11.55 -23.03
N VAL C 448 -10.87 -12.53 -23.49
CA VAL C 448 -11.17 -13.97 -23.48
C VAL C 448 -11.55 -14.45 -22.07
N ILE C 449 -10.80 -14.04 -21.04
CA ILE C 449 -11.08 -14.43 -19.64
C ILE C 449 -12.40 -13.83 -19.17
N SER C 450 -12.65 -12.54 -19.44
CA SER C 450 -13.89 -11.92 -18.94
C SER C 450 -15.08 -12.44 -19.77
N TYR C 451 -14.82 -12.94 -20.97
CA TYR C 451 -15.80 -13.71 -21.72
C TYR C 451 -16.08 -15.06 -21.03
N ARG C 452 -15.01 -15.80 -20.69
CA ARG C 452 -15.04 -17.15 -20.13
C ARG C 452 -15.76 -17.20 -18.77
N ILE C 453 -16.00 -16.02 -18.19
CA ILE C 453 -16.61 -15.86 -16.88
C ILE C 453 -18.14 -15.96 -17.06
N LYS C 454 -18.55 -15.51 -18.24
CA LYS C 454 -19.95 -15.39 -18.56
C LYS C 454 -20.43 -16.78 -19.01
N ASP C 455 -19.54 -17.61 -19.58
CA ASP C 455 -19.85 -19.04 -19.88
C ASP C 455 -20.13 -19.84 -18.60
N LYS C 456 -19.55 -19.37 -17.48
CA LYS C 456 -19.66 -19.93 -16.13
C LYS C 456 -20.81 -19.28 -15.34
N GLY C 457 -21.20 -18.06 -15.74
CA GLY C 457 -22.49 -17.46 -15.39
C GLY C 457 -22.41 -16.54 -14.19
N VAL C 458 -21.30 -15.82 -14.04
CA VAL C 458 -21.36 -14.67 -13.14
C VAL C 458 -21.66 -13.44 -14.00
N GLU C 459 -22.75 -12.75 -13.73
CA GLU C 459 -23.00 -11.53 -14.53
C GLU C 459 -22.10 -10.41 -13.99
N ILE C 460 -21.10 -9.98 -14.79
CA ILE C 460 -20.03 -9.13 -14.27
C ILE C 460 -19.92 -7.84 -15.07
N GLN C 461 -19.25 -6.89 -14.43
CA GLN C 461 -18.74 -5.77 -15.17
C GLN C 461 -17.22 -5.93 -15.18
N THR C 462 -16.61 -5.67 -16.36
CA THR C 462 -15.16 -5.67 -16.60
C THR C 462 -14.67 -4.24 -16.87
N SER C 463 -13.63 -3.83 -16.16
CA SER C 463 -13.01 -2.49 -16.31
C SER C 463 -12.14 -2.43 -17.57
N GLU C 464 -11.70 -1.22 -17.93
CA GLU C 464 -10.69 -1.14 -18.96
C GLU C 464 -9.33 -1.42 -18.35
N PRO C 465 -8.42 -2.11 -19.08
CA PRO C 465 -7.25 -2.72 -18.47
C PRO C 465 -6.11 -1.72 -18.21
N ILE C 466 -5.27 -2.02 -17.22
CA ILE C 466 -4.05 -1.25 -16.99
C ILE C 466 -2.82 -2.11 -17.30
N VAL C 467 -1.70 -1.41 -17.45
CA VAL C 467 -0.39 -2.03 -17.56
C VAL C 467 0.18 -2.27 -16.16
N VAL C 468 0.86 -3.41 -16.03
CA VAL C 468 1.62 -3.76 -14.84
C VAL C 468 3.00 -3.10 -14.91
N TYR C 469 3.32 -2.23 -13.97
CA TYR C 469 4.69 -1.73 -13.91
C TYR C 469 5.45 -2.40 -12.76
N ARG C 470 6.78 -2.25 -12.81
CA ARG C 470 7.70 -2.67 -11.74
C ARG C 470 8.62 -1.46 -11.46
N GLU C 471 9.06 -1.27 -10.20
CA GLU C 471 9.98 -0.19 -9.77
C GLU C 471 11.37 -0.78 -9.40
N THR C 472 12.42 0.00 -9.69
CA THR C 472 13.78 -0.37 -9.25
C THR C 472 14.60 0.91 -9.07
N VAL C 473 15.90 0.74 -8.86
CA VAL C 473 16.83 1.85 -8.80
C VAL C 473 17.99 1.51 -9.74
N SER C 474 18.63 2.57 -10.28
CA SER C 474 19.53 2.47 -11.44
C SER C 474 21.00 2.72 -11.07
N GLN C 475 21.19 3.49 -9.97
CA GLN C 475 22.45 3.83 -9.33
C GLN C 475 22.56 3.14 -7.96
N LEU C 476 23.81 3.05 -7.48
CA LEU C 476 24.08 2.83 -6.06
C LEU C 476 23.71 4.10 -5.28
N SER C 477 23.17 3.92 -4.08
CA SER C 477 22.75 5.06 -3.32
C SER C 477 23.87 5.49 -2.36
N PRO C 478 23.79 6.74 -1.85
CA PRO C 478 24.56 7.12 -0.66
C PRO C 478 24.03 6.33 0.55
N GLN C 479 24.79 6.25 1.64
CA GLN C 479 24.24 5.77 2.94
C GLN C 479 23.16 6.76 3.41
N VAL C 480 21.97 6.28 3.78
CA VAL C 480 20.94 7.23 4.20
C VAL C 480 20.30 6.75 5.51
N GLU C 481 19.98 7.75 6.34
CA GLU C 481 19.47 7.60 7.71
C GLU C 481 17.94 7.70 7.69
N GLY C 482 17.28 6.68 8.24
CA GLY C 482 15.85 6.62 8.46
C GLY C 482 15.58 6.67 9.94
N LYS C 483 14.75 7.65 10.35
CA LYS C 483 14.48 8.00 11.72
C LYS C 483 13.03 7.64 12.03
N SER C 484 12.78 7.23 13.28
CA SER C 484 11.46 6.85 13.72
C SER C 484 10.69 8.11 14.10
N PRO C 485 9.35 8.03 14.27
CA PRO C 485 8.56 9.15 14.82
C PRO C 485 9.16 9.85 16.05
N ASN C 486 9.70 9.04 16.97
CA ASN C 486 10.26 9.53 18.22
C ASN C 486 11.67 10.09 18.03
N LYS C 487 12.23 9.94 16.81
CA LYS C 487 13.45 10.63 16.33
C LYS C 487 14.71 10.14 17.06
N HIS C 488 14.59 9.09 17.88
CA HIS C 488 15.73 8.63 18.64
C HIS C 488 16.14 7.22 18.19
N ASN C 489 15.38 6.65 17.25
CA ASN C 489 15.75 5.41 16.52
C ASN C 489 15.97 5.75 15.04
N ARG C 490 16.82 4.97 14.39
CA ARG C 490 17.60 5.52 13.27
C ARG C 490 18.55 4.44 12.72
N PHE C 491 18.22 3.98 11.50
CA PHE C 491 18.98 3.02 10.71
C PHE C 491 19.59 3.68 9.47
N TYR C 492 20.73 3.12 9.06
CA TYR C 492 21.48 3.56 7.91
C TYR C 492 21.53 2.43 6.90
N ILE C 493 20.98 2.68 5.70
CA ILE C 493 20.99 1.68 4.62
C ILE C 493 21.37 2.31 3.28
N THR C 494 21.91 1.47 2.38
CA THR C 494 22.14 1.79 0.97
C THR C 494 21.43 0.75 0.11
N VAL C 495 21.01 1.15 -1.10
CA VAL C 495 20.40 0.26 -2.07
C VAL C 495 21.24 0.32 -3.34
N GLU C 496 21.54 -0.85 -3.89
CA GLU C 496 22.12 -0.96 -5.21
C GLU C 496 21.25 -1.91 -6.03
N PRO C 497 21.12 -1.72 -7.35
CA PRO C 497 20.65 -2.77 -8.24
C PRO C 497 21.27 -4.11 -7.81
N LEU C 498 20.42 -5.12 -7.72
CA LEU C 498 20.83 -6.51 -7.54
C LEU C 498 21.57 -6.99 -8.80
N GLU C 499 22.58 -7.83 -8.58
CA GLU C 499 23.41 -8.42 -9.64
C GLU C 499 22.51 -9.25 -10.59
N ASP C 500 22.77 -9.17 -11.91
CA ASP C 500 21.91 -9.80 -12.92
C ASP C 500 21.87 -11.31 -12.71
N GLU C 501 23.01 -11.91 -12.31
CA GLU C 501 23.12 -13.37 -12.06
C GLU C 501 22.07 -13.76 -11.01
N LEU C 502 22.02 -13.00 -9.91
CA LEU C 502 21.11 -13.29 -8.80
C LEU C 502 19.66 -13.04 -9.24
N PHE C 503 19.43 -11.93 -9.94
CA PHE C 503 18.09 -11.56 -10.42
C PHE C 503 17.50 -12.66 -11.32
N LYS C 504 18.32 -13.12 -12.27
CA LYS C 504 17.91 -14.06 -13.31
C LYS C 504 17.72 -15.43 -12.66
N ALA C 505 18.60 -15.80 -11.73
CA ALA C 505 18.48 -17.07 -11.02
C ALA C 505 17.24 -17.09 -10.10
N LEU C 506 16.76 -15.94 -9.62
CA LEU C 506 15.47 -15.87 -8.89
C LEU C 506 14.31 -15.99 -9.87
N GLN C 507 14.42 -15.30 -11.01
CA GLN C 507 13.42 -15.29 -12.07
C GLN C 507 13.20 -16.70 -12.65
N GLU C 508 14.28 -17.43 -12.92
CA GLU C 508 14.19 -18.74 -13.59
C GLU C 508 14.28 -19.88 -12.55
N GLY C 509 14.03 -19.56 -11.26
CA GLY C 509 13.63 -20.56 -10.24
C GLY C 509 14.77 -21.38 -9.64
N LYS C 510 16.02 -21.07 -10.00
CA LYS C 510 17.19 -21.72 -9.46
C LYS C 510 17.27 -21.41 -7.95
N LEU C 511 16.84 -20.21 -7.57
CA LEU C 511 16.88 -19.86 -6.17
C LEU C 511 15.48 -19.57 -5.63
N LYS C 512 15.09 -20.33 -4.58
CA LYS C 512 13.88 -20.03 -3.81
C LYS C 512 13.95 -18.61 -3.22
N GLU C 513 12.82 -17.91 -3.21
CA GLU C 513 12.74 -16.62 -2.52
C GLU C 513 12.32 -16.89 -1.08
N GLY C 514 12.47 -15.91 -0.19
CA GLY C 514 12.02 -16.01 1.21
C GLY C 514 13.13 -15.81 2.21
N LYS C 515 12.77 -15.83 3.51
CA LYS C 515 13.68 -15.52 4.60
C LYS C 515 14.81 -16.55 4.66
N VAL C 516 16.05 -16.03 4.70
CA VAL C 516 17.28 -16.81 4.68
C VAL C 516 17.41 -17.53 6.03
N LYS C 517 17.21 -18.85 6.03
CA LYS C 517 17.21 -19.61 7.29
C LYS C 517 18.53 -20.37 7.45
N GLY C 518 18.65 -21.46 6.69
CA GLY C 518 19.87 -22.25 6.61
C GLY C 518 21.01 -21.37 6.16
N LYS C 519 22.13 -21.40 6.88
CA LYS C 519 23.09 -20.34 6.75
C LYS C 519 24.08 -20.63 5.65
N GLU C 520 24.49 -21.91 5.56
CA GLU C 520 25.47 -22.34 4.54
C GLU C 520 24.81 -22.45 3.16
N SER C 521 23.50 -22.18 3.09
CA SER C 521 22.73 -21.91 1.85
C SER C 521 23.14 -20.57 1.22
N ALA C 522 23.96 -19.79 1.93
CA ALA C 522 24.60 -18.59 1.35
C ALA C 522 25.50 -18.95 0.15
N ASN C 523 25.93 -20.23 0.06
CA ASN C 523 26.70 -20.79 -1.06
C ASN C 523 26.02 -20.48 -2.40
N ASP C 524 24.69 -20.63 -2.41
CA ASP C 524 23.89 -20.54 -3.61
C ASP C 524 23.94 -19.10 -4.14
N PHE C 525 23.88 -18.13 -3.21
CA PHE C 525 23.99 -16.69 -3.54
C PHE C 525 25.37 -16.40 -4.15
N MET C 526 26.43 -17.02 -3.61
CA MET C 526 27.79 -16.91 -4.14
C MET C 526 27.82 -17.42 -5.58
N GLU C 527 27.26 -18.62 -5.80
CA GLU C 527 27.25 -19.27 -7.11
C GLU C 527 26.66 -18.33 -8.17
N TYR C 528 25.63 -17.59 -7.76
CA TYR C 528 24.93 -16.82 -8.74
C TYR C 528 25.29 -15.34 -8.57
N GLY C 529 26.54 -15.10 -8.14
CA GLY C 529 27.22 -13.84 -8.46
C GLY C 529 27.46 -12.91 -7.28
N LEU C 530 26.83 -13.21 -6.14
CA LEU C 530 27.01 -12.36 -4.94
C LEU C 530 28.35 -12.68 -4.27
N ASP C 531 28.98 -11.69 -3.63
CA ASP C 531 30.24 -11.91 -2.88
C ASP C 531 29.96 -12.88 -1.71
N LYS C 532 30.98 -13.58 -1.21
CA LYS C 532 30.83 -14.43 0.00
C LYS C 532 30.37 -13.65 1.26
N GLU C 533 31.02 -12.52 1.59
CA GLU C 533 30.67 -11.79 2.82
C GLU C 533 29.26 -11.19 2.72
N GLU C 534 28.92 -10.64 1.54
CA GLU C 534 27.54 -10.34 1.10
C GLU C 534 26.58 -11.51 1.35
N ALA C 535 26.96 -12.71 0.91
CA ALA C 535 26.11 -13.90 0.93
C ALA C 535 25.81 -14.35 2.37
N ARG C 536 26.81 -14.40 3.23
CA ARG C 536 26.60 -14.88 4.59
C ARG C 536 25.53 -14.04 5.31
N LYS C 537 25.48 -12.78 4.93
CA LYS C 537 24.75 -11.74 5.60
C LYS C 537 23.48 -11.38 4.80
N VAL C 538 23.17 -12.15 3.75
CA VAL C 538 21.82 -12.05 3.16
C VAL C 538 20.82 -12.61 4.19
N TRP C 539 19.70 -11.92 4.34
CA TRP C 539 18.85 -12.05 5.55
C TRP C 539 17.42 -12.44 5.22
N ASP C 540 16.88 -11.76 4.19
CA ASP C 540 15.64 -12.12 3.53
C ASP C 540 15.78 -11.83 2.04
N VAL C 541 15.01 -12.58 1.25
CA VAL C 541 14.98 -12.50 -0.18
C VAL C 541 13.52 -12.45 -0.65
N TYR C 542 13.23 -11.60 -1.64
CA TYR C 542 11.85 -11.20 -1.83
C TYR C 542 11.71 -10.15 -2.93
N ASN C 543 10.79 -10.34 -3.87
CA ASN C 543 10.56 -9.39 -5.02
C ASN C 543 11.83 -9.19 -5.85
N ARG C 544 12.49 -10.30 -6.21
CA ARG C 544 13.84 -10.23 -6.76
C ARG C 544 14.72 -9.31 -5.89
N SER C 545 14.85 -9.55 -4.61
CA SER C 545 15.59 -8.58 -3.84
C SER C 545 16.08 -9.27 -2.58
N VAL C 546 17.06 -8.64 -1.94
CA VAL C 546 17.76 -9.21 -0.82
C VAL C 546 18.14 -8.11 0.16
N PHE C 547 17.88 -8.36 1.44
CA PHE C 547 18.20 -7.45 2.53
C PHE C 547 19.32 -8.08 3.36
N ILE C 548 20.44 -7.34 3.46
CA ILE C 548 21.78 -7.87 3.74
C ILE C 548 22.44 -6.99 4.81
N ASN C 549 23.18 -7.65 5.70
CA ASN C 549 23.43 -7.17 7.08
C ASN C 549 24.90 -6.77 7.28
N ALA C 550 25.20 -5.45 7.21
CA ALA C 550 26.60 -4.90 7.21
C ALA C 550 27.08 -4.53 8.63
N THR C 551 26.22 -4.74 9.61
CA THR C 551 26.61 -4.61 10.97
C THR C 551 27.24 -5.92 11.40
N ARG C 552 28.52 -5.89 11.80
CA ARG C 552 29.14 -7.00 12.52
C ARG C 552 28.79 -6.98 14.02
N GLY C 553 28.70 -8.19 14.58
CA GLY C 553 28.50 -8.44 16.00
C GLY C 553 27.09 -8.93 16.28
N TYR C 556 22.95 -9.20 18.78
CA TYR C 556 22.39 -7.90 18.49
C TYR C 556 21.40 -8.00 17.33
N LEU C 557 20.25 -7.33 17.48
CA LEU C 557 19.25 -7.24 16.43
C LEU C 557 18.30 -8.45 16.46
N ASP C 558 18.44 -9.37 17.41
CA ASP C 558 17.81 -10.65 17.22
C ASP C 558 16.32 -10.55 17.57
N GLU C 559 15.94 -9.51 18.31
CA GLU C 559 14.52 -9.25 18.46
C GLU C 559 14.02 -8.47 17.23
N VAL C 560 14.80 -7.46 16.81
CA VAL C 560 14.35 -6.49 15.77
C VAL C 560 14.46 -7.10 14.37
N LYS C 561 15.26 -8.15 14.19
CA LYS C 561 15.52 -8.78 12.89
C LYS C 561 14.20 -8.97 12.14
N GLU C 562 13.25 -9.61 12.83
CA GLU C 562 12.01 -10.09 12.22
C GLU C 562 11.17 -8.88 11.79
N LEU C 563 11.12 -7.84 12.64
CA LEU C 563 10.44 -6.55 12.39
C LEU C 563 11.03 -5.83 11.18
N LEU C 564 12.36 -5.84 11.08
CA LEU C 564 13.11 -5.29 9.96
C LEU C 564 12.72 -5.96 8.65
N ILE C 565 12.66 -7.31 8.68
CA ILE C 565 12.24 -8.11 7.51
C ILE C 565 10.84 -7.68 7.10
N GLU C 566 9.89 -7.68 8.05
CA GLU C 566 8.49 -7.32 7.78
C GLU C 566 8.42 -5.93 7.13
N GLY C 567 9.15 -4.98 7.72
CA GLY C 567 9.22 -3.59 7.23
C GLY C 567 9.76 -3.49 5.81
N PHE C 568 10.80 -4.30 5.55
CA PHE C 568 11.44 -4.48 4.26
C PHE C 568 10.44 -4.98 3.20
N GLU C 569 9.77 -6.09 3.52
CA GLU C 569 8.87 -6.74 2.57
C GLU C 569 7.66 -5.82 2.27
N SER C 570 7.13 -5.19 3.34
CA SER C 570 6.02 -4.21 3.24
C SER C 570 6.37 -3.04 2.33
N ALA C 571 7.60 -2.56 2.48
CA ALA C 571 8.13 -1.45 1.70
C ALA C 571 8.25 -1.80 0.20
N LEU C 572 8.62 -3.05 -0.13
CA LEU C 572 8.85 -3.40 -1.52
C LEU C 572 7.55 -3.75 -2.25
N ASN C 573 6.50 -4.13 -1.51
CA ASN C 573 5.18 -4.42 -2.11
C ASN C 573 4.64 -3.20 -2.86
N ASP C 574 4.70 -2.03 -2.22
CA ASP C 574 4.37 -0.75 -2.90
C ASP C 574 5.56 0.20 -2.83
N GLY C 575 6.30 0.33 -3.94
CA GLY C 575 7.51 1.17 -4.01
C GLY C 575 7.19 2.66 -3.91
N PRO C 576 8.22 3.53 -3.91
CA PRO C 576 8.03 4.95 -3.61
C PRO C 576 7.39 5.75 -4.75
N LEU C 577 7.72 5.38 -5.99
CA LEU C 577 7.47 6.20 -7.16
C LEU C 577 5.97 6.22 -7.48
N ALA C 578 5.36 5.02 -7.53
CA ALA C 578 4.00 4.89 -8.01
C ALA C 578 3.20 3.86 -7.22
N LYS C 579 3.78 3.33 -6.15
CA LYS C 579 3.19 2.30 -5.28
C LYS C 579 3.05 0.99 -6.06
N GLU C 580 4.02 0.73 -6.94
CA GLU C 580 4.05 -0.43 -7.80
C GLU C 580 5.08 -1.38 -7.20
N ILE C 581 5.03 -2.66 -7.59
CA ILE C 581 5.92 -3.68 -7.04
C ILE C 581 7.38 -3.25 -7.30
N ALA C 582 8.21 -3.23 -6.26
CA ALA C 582 9.62 -3.06 -6.48
C ALA C 582 10.28 -4.42 -6.77
N MET C 583 11.40 -4.37 -7.49
CA MET C 583 12.22 -5.54 -7.64
C MET C 583 13.65 -5.12 -7.93
N GLY C 584 14.52 -6.12 -7.91
CA GLY C 584 15.83 -6.03 -8.52
C GLY C 584 16.81 -5.33 -7.63
N LEU C 585 16.65 -5.46 -6.30
CA LEU C 585 17.30 -4.60 -5.32
C LEU C 585 18.19 -5.40 -4.36
N LYS C 586 19.40 -4.89 -4.08
CA LYS C 586 20.12 -5.15 -2.83
C LYS C 586 19.88 -3.99 -1.85
N PHE C 587 19.48 -4.34 -0.63
CA PHE C 587 19.55 -3.48 0.50
C PHE C 587 20.68 -3.93 1.41
N LYS C 588 21.59 -3.00 1.70
CA LYS C 588 22.63 -3.17 2.70
C LYS C 588 22.28 -2.31 3.92
N LEU C 589 22.16 -2.98 5.07
CA LEU C 589 22.00 -2.31 6.36
C LEU C 589 23.40 -2.08 6.94
N HIS C 590 23.80 -0.81 7.02
CA HIS C 590 25.18 -0.46 7.35
C HIS C 590 25.36 -0.29 8.85
N ASP C 591 24.45 0.47 9.45
CA ASP C 591 24.66 0.92 10.81
C ASP C 591 23.33 1.34 11.42
N ALA C 592 23.19 1.29 12.75
CA ALA C 592 21.88 1.64 13.37
C ALA C 592 21.99 1.86 14.89
N LYS C 593 21.23 2.84 15.39
CA LYS C 593 21.26 3.34 16.75
C LYS C 593 19.84 3.32 17.35
N LEU C 594 19.71 2.76 18.54
CA LEU C 594 18.43 2.65 19.22
C LEU C 594 18.55 3.27 20.61
N HIS C 595 17.72 4.30 20.83
CA HIS C 595 17.74 5.13 22.02
C HIS C 595 17.15 4.39 23.22
N GLU C 596 16.09 3.61 22.99
CA GLU C 596 15.36 2.90 24.03
C GLU C 596 16.11 1.63 24.44
N ASP C 597 15.60 1.00 25.50
CA ASP C 597 15.98 -0.33 25.99
C ASP C 597 15.78 -1.40 24.91
N ALA C 598 16.60 -2.46 25.02
CA ALA C 598 16.53 -3.64 24.17
C ALA C 598 15.14 -4.26 24.26
N VAL C 599 14.49 -4.00 25.41
CA VAL C 599 13.32 -4.68 25.90
C VAL C 599 12.20 -3.67 26.15
N HIS C 600 12.36 -2.44 25.65
CA HIS C 600 11.30 -1.49 25.60
C HIS C 600 11.04 -1.06 24.17
N ARG C 601 11.75 -1.67 23.20
CA ARG C 601 11.70 -1.28 21.79
C ARG C 601 10.78 -2.25 21.06
N GLY C 602 9.75 -1.71 20.42
CA GLY C 602 8.80 -2.49 19.67
C GLY C 602 8.49 -1.80 18.35
N PRO C 603 7.70 -2.45 17.49
CA PRO C 603 7.53 -2.12 16.07
C PRO C 603 7.09 -0.68 15.77
N ALA C 604 6.50 -0.02 16.76
CA ALA C 604 6.16 1.39 16.66
C ALA C 604 7.41 2.28 16.62
N GLN C 605 8.59 1.73 16.94
CA GLN C 605 9.86 2.45 16.79
C GLN C 605 10.54 2.03 15.47
N VAL C 606 10.74 0.71 15.35
CA VAL C 606 11.52 0.08 14.30
C VAL C 606 10.87 0.18 12.92
N LEU C 607 9.57 -0.10 12.76
CA LEU C 607 9.02 -0.28 11.41
C LEU C 607 9.01 1.03 10.63
N PRO C 608 8.62 2.19 11.17
CA PRO C 608 8.73 3.44 10.41
C PRO C 608 10.18 3.83 10.13
N ALA C 609 11.10 3.55 11.05
CA ALA C 609 12.50 3.90 10.89
C ALA C 609 13.12 3.21 9.68
N ILE C 610 12.97 1.89 9.58
CA ILE C 610 13.50 1.09 8.46
C ILE C 610 12.75 1.45 7.17
N ARG C 611 11.43 1.61 7.23
CA ARG C 611 10.57 1.84 6.06
C ARG C 611 10.77 3.24 5.46
N ASN C 612 11.01 4.26 6.30
CA ASN C 612 11.50 5.60 5.91
C ASN C 612 12.90 5.55 5.26
N ALA C 613 13.81 4.82 5.88
CA ALA C 613 15.14 4.55 5.36
C ALA C 613 15.07 4.00 3.92
N ILE C 614 14.23 2.98 3.72
CA ILE C 614 14.12 2.26 2.45
C ILE C 614 13.64 3.20 1.35
N TYR C 615 12.54 3.94 1.55
CA TYR C 615 12.05 4.85 0.49
C TYR C 615 13.10 5.91 0.14
N ALA C 616 13.69 6.53 1.17
CA ALA C 616 14.72 7.57 1.05
C ALA C 616 15.93 7.10 0.25
N SER C 617 16.40 5.90 0.59
CA SER C 617 17.52 5.21 -0.04
C SER C 617 17.23 4.89 -1.51
N MET C 618 16.01 4.45 -1.83
CA MET C 618 15.60 4.19 -3.21
C MET C 618 15.51 5.49 -3.99
N MET C 619 14.98 6.54 -3.38
CA MET C 619 14.83 7.85 -4.07
C MET C 619 16.20 8.48 -4.36
N SER C 620 17.23 8.11 -3.59
CA SER C 620 18.59 8.65 -3.78
C SER C 620 19.46 7.67 -4.58
N ALA C 621 18.80 6.74 -5.29
CA ALA C 621 19.47 5.75 -6.10
C ALA C 621 18.96 5.85 -7.54
N GLY C 622 18.40 6.99 -7.93
CA GLY C 622 17.85 7.14 -9.30
C GLY C 622 16.70 6.16 -9.56
N PRO C 623 15.55 6.34 -8.90
CA PRO C 623 14.45 5.37 -8.99
C PRO C 623 13.86 5.30 -10.40
N THR C 624 13.58 4.07 -10.86
CA THR C 624 13.30 3.78 -12.25
C THR C 624 12.00 2.97 -12.31
N LEU C 625 11.21 3.38 -13.28
CA LEU C 625 10.07 2.65 -13.70
C LEU C 625 10.53 1.77 -14.86
N LEU C 626 10.02 0.55 -14.89
CA LEU C 626 10.34 -0.47 -15.89
C LEU C 626 9.03 -0.76 -16.62
N GLU C 627 9.03 -0.92 -17.95
CA GLU C 627 7.76 -1.36 -18.54
C GLU C 627 7.89 -2.75 -19.12
N PRO C 628 6.77 -3.49 -19.19
CA PRO C 628 6.77 -4.83 -19.75
C PRO C 628 6.79 -4.79 -21.29
N MET C 629 7.47 -5.77 -21.89
CA MET C 629 7.56 -5.76 -23.35
C MET C 629 7.22 -7.15 -23.93
N GLN C 630 6.76 -7.17 -25.18
CA GLN C 630 6.28 -8.36 -25.86
C GLN C 630 7.25 -8.63 -27.02
N LYS C 631 7.60 -9.89 -27.27
CA LYS C 631 8.05 -10.27 -28.61
C LYS C 631 6.83 -10.48 -29.49
N VAL C 632 6.75 -9.75 -30.60
CA VAL C 632 5.60 -9.68 -31.45
C VAL C 632 5.99 -10.30 -32.78
N PHE C 633 5.20 -11.26 -33.21
CA PHE C 633 5.46 -12.05 -34.38
C PHE C 633 4.37 -11.74 -35.40
N ILE C 634 4.80 -11.45 -36.62
CA ILE C 634 3.90 -11.25 -37.75
C ILE C 634 4.30 -12.20 -38.88
N ASN C 635 3.30 -12.86 -39.48
CA ASN C 635 3.40 -13.50 -40.79
C ASN C 635 2.39 -12.84 -41.72
N THR C 636 2.85 -12.32 -42.87
CA THR C 636 2.00 -11.55 -43.77
C THR C 636 2.62 -11.61 -45.15
N PRO C 637 1.84 -11.65 -46.25
CA PRO C 637 2.41 -11.63 -47.59
C PRO C 637 3.39 -10.44 -47.73
N GLN C 638 4.36 -10.53 -48.63
CA GLN C 638 5.50 -9.60 -48.52
C GLN C 638 5.16 -8.24 -49.15
N ASP C 639 4.04 -8.09 -49.88
CA ASP C 639 3.57 -6.72 -50.29
C ASP C 639 3.26 -5.83 -49.07
N TYR C 640 2.91 -6.46 -47.94
CA TYR C 640 2.54 -5.80 -46.71
C TYR C 640 3.70 -5.68 -45.72
N MET C 641 4.93 -6.02 -46.13
CA MET C 641 6.16 -5.80 -45.35
C MET C 641 6.18 -4.38 -44.76
N GLY C 642 6.08 -3.39 -45.67
CA GLY C 642 6.19 -1.97 -45.37
C GLY C 642 5.13 -1.50 -44.37
N PRO C 643 3.83 -1.70 -44.67
CA PRO C 643 2.75 -1.38 -43.74
C PRO C 643 2.88 -2.01 -42.34
N CYS C 644 3.18 -3.32 -42.28
CA CYS C 644 3.25 -4.00 -40.98
C CYS C 644 4.46 -3.51 -40.16
N THR C 645 5.62 -3.34 -40.81
CA THR C 645 6.83 -2.82 -40.14
C THR C 645 6.58 -1.39 -39.64
N ARG C 646 5.86 -0.59 -40.42
CA ARG C 646 5.54 0.81 -40.11
C ARG C 646 4.62 0.83 -38.88
N GLU C 647 3.62 -0.05 -38.85
CA GLU C 647 2.63 -0.10 -37.77
C GLU C 647 3.31 -0.43 -36.42
N ILE C 648 4.26 -1.39 -36.43
CA ILE C 648 5.09 -1.76 -35.26
C ILE C 648 5.92 -0.55 -34.78
N GLN C 649 6.59 0.14 -35.69
CA GLN C 649 7.44 1.30 -35.37
C GLN C 649 6.63 2.46 -34.77
N ASN C 650 5.40 2.70 -35.26
CA ASN C 650 4.48 3.71 -34.71
C ASN C 650 4.17 3.46 -33.23
N ARG C 651 4.19 2.19 -32.80
CA ARG C 651 3.93 1.79 -31.41
C ARG C 651 5.24 1.63 -30.60
N ARG C 652 6.29 2.38 -30.96
CA ARG C 652 7.61 2.34 -30.29
C ARG C 652 8.25 0.95 -30.43
N GLY C 653 8.02 0.31 -31.57
CA GLY C 653 8.51 -1.06 -31.77
C GLY C 653 9.85 -1.09 -32.49
N GLN C 654 10.65 -2.08 -32.06
CA GLN C 654 12.03 -2.37 -32.48
C GLN C 654 12.01 -3.65 -33.31
N ILE C 655 12.45 -3.57 -34.57
CA ILE C 655 12.41 -4.77 -35.38
C ILE C 655 13.62 -5.65 -35.02
N VAL C 656 13.37 -6.94 -34.83
CA VAL C 656 14.28 -7.85 -34.15
C VAL C 656 14.93 -8.75 -35.18
N ASP C 657 14.09 -9.36 -36.01
CA ASP C 657 14.57 -10.26 -37.04
C ASP C 657 13.55 -10.26 -38.17
N MET C 658 13.98 -10.67 -39.36
CA MET C 658 13.18 -10.56 -40.53
C MET C 658 13.40 -11.78 -41.41
N GLY C 659 12.37 -12.65 -41.46
CA GLY C 659 12.39 -13.92 -42.16
C GLY C 659 11.55 -13.90 -43.43
N GLN C 660 11.78 -14.88 -44.29
CA GLN C 660 11.01 -14.91 -45.53
C GLN C 660 10.84 -16.34 -46.00
N GLU C 661 9.57 -16.77 -46.14
CA GLU C 661 9.20 -18.10 -46.62
C GLU C 661 8.17 -17.93 -47.75
N GLY C 662 8.59 -18.28 -48.98
CA GLY C 662 7.75 -18.12 -50.16
C GLY C 662 7.27 -16.69 -50.38
N ASP C 663 5.94 -16.56 -50.51
CA ASP C 663 5.26 -15.31 -50.84
C ASP C 663 5.26 -14.35 -49.63
N MET C 664 5.54 -14.87 -48.42
CA MET C 664 5.31 -14.14 -47.18
C MET C 664 6.60 -13.80 -46.45
N ALA C 665 6.44 -12.83 -45.55
CA ALA C 665 7.46 -12.32 -44.68
C ALA C 665 7.05 -12.51 -43.21
N THR C 666 8.05 -12.95 -42.44
CA THR C 666 8.07 -13.07 -41.00
C THR C 666 8.72 -11.81 -40.44
N ILE C 667 8.08 -11.19 -39.47
CA ILE C 667 8.69 -10.12 -38.74
C ILE C 667 8.74 -10.51 -37.25
N GLU C 668 9.94 -10.48 -36.67
CA GLU C 668 10.14 -10.48 -35.22
C GLU C 668 10.34 -9.05 -34.74
N SER C 669 9.59 -8.66 -33.70
CA SER C 669 9.73 -7.33 -33.10
C SER C 669 9.74 -7.49 -31.58
N LYS C 670 10.26 -6.45 -30.88
CA LYS C 670 9.91 -6.10 -29.48
C LYS C 670 9.06 -4.82 -29.49
N VAL C 671 7.95 -4.87 -28.76
CA VAL C 671 7.06 -3.73 -28.64
C VAL C 671 6.65 -3.61 -27.17
N PRO C 672 6.59 -2.37 -26.61
CA PRO C 672 6.08 -2.17 -25.25
C PRO C 672 4.61 -2.59 -25.06
N VAL C 673 4.25 -3.17 -23.92
CA VAL C 673 2.86 -3.63 -23.78
C VAL C 673 1.90 -2.43 -23.81
N ALA C 674 2.35 -1.29 -23.29
CA ALA C 674 1.58 -0.06 -23.28
C ALA C 674 1.20 0.44 -24.70
N GLU C 675 2.00 0.14 -25.73
CA GLU C 675 1.70 0.53 -27.10
C GLU C 675 1.04 -0.60 -27.92
N MET C 676 0.50 -1.63 -27.25
CA MET C 676 -0.05 -2.77 -28.01
C MET C 676 -1.58 -2.80 -27.98
N PHE C 677 -2.21 -1.86 -27.27
CA PHE C 677 -3.68 -1.85 -27.28
C PHE C 677 -4.21 -1.56 -28.68
N GLY C 678 -5.23 -2.33 -29.11
CA GLY C 678 -5.91 -2.13 -30.39
C GLY C 678 -5.20 -2.75 -31.58
N PHE C 679 -4.00 -3.32 -31.37
CA PHE C 679 -3.09 -3.77 -32.43
C PHE C 679 -3.77 -4.69 -33.44
N ALA C 680 -4.64 -5.59 -32.98
CA ALA C 680 -5.31 -6.52 -33.87
C ALA C 680 -6.16 -5.80 -34.92
N GLY C 681 -6.73 -4.64 -34.57
CA GLY C 681 -7.53 -3.84 -35.49
C GLY C 681 -6.69 -3.13 -36.55
N ASP C 682 -5.65 -2.43 -36.07
CA ASP C 682 -4.73 -1.64 -36.85
C ASP C 682 -3.92 -2.53 -37.80
N ILE C 683 -3.39 -3.65 -37.32
CA ILE C 683 -2.59 -4.47 -38.22
C ILE C 683 -3.47 -5.34 -39.12
N ARG C 684 -4.77 -5.51 -38.82
CA ARG C 684 -5.70 -6.11 -39.81
C ARG C 684 -5.81 -5.18 -41.03
N SER C 685 -6.07 -3.88 -40.79
CA SER C 685 -6.19 -2.87 -41.86
C SER C 685 -4.90 -2.77 -42.68
N ALA C 686 -3.77 -2.68 -41.98
CA ALA C 686 -2.46 -2.48 -42.56
C ALA C 686 -2.03 -3.65 -43.46
N ALA C 687 -2.59 -4.84 -43.24
CA ALA C 687 -2.19 -6.03 -44.03
C ALA C 687 -3.41 -6.73 -44.67
N GLU C 688 -4.52 -5.99 -44.79
CA GLU C 688 -5.76 -6.41 -45.46
C GLU C 688 -6.24 -7.77 -44.96
N GLY C 689 -6.02 -8.03 -43.66
CA GLY C 689 -6.46 -9.25 -42.98
C GLY C 689 -5.65 -10.49 -43.33
N ARG C 690 -4.48 -10.30 -43.97
CA ARG C 690 -3.60 -11.40 -44.27
C ARG C 690 -2.57 -11.65 -43.16
N CYS C 691 -2.56 -10.81 -42.11
CA CYS C 691 -1.78 -11.01 -40.89
C CYS C 691 -2.23 -12.23 -40.08
N LEU C 692 -1.24 -13.02 -39.71
CA LEU C 692 -1.26 -14.02 -38.66
C LEU C 692 -0.19 -13.50 -37.69
N TRP C 693 -0.55 -13.29 -36.42
CA TRP C 693 0.43 -12.76 -35.48
C TRP C 693 0.28 -13.41 -34.11
N SER C 694 1.38 -13.34 -33.35
CA SER C 694 1.52 -13.89 -32.02
C SER C 694 2.27 -12.89 -31.12
N THR C 695 2.16 -13.10 -29.81
CA THR C 695 3.00 -12.43 -28.80
C THR C 695 3.59 -13.46 -27.84
N GLU C 696 4.73 -13.11 -27.27
CA GLU C 696 5.26 -13.81 -26.12
C GLU C 696 5.90 -12.76 -25.23
N MET C 697 5.93 -13.03 -23.92
CA MET C 697 6.55 -12.17 -22.91
C MET C 697 8.07 -12.11 -23.17
N SER C 698 8.64 -10.89 -23.11
CA SER C 698 10.10 -10.64 -23.27
C SER C 698 10.77 -10.30 -21.93
N GLY C 699 9.98 -10.02 -20.89
CA GLY C 699 10.47 -9.42 -19.66
C GLY C 699 10.22 -7.92 -19.60
N PHE C 700 10.64 -7.33 -18.47
CA PHE C 700 10.47 -5.90 -18.26
C PHE C 700 11.77 -5.18 -18.59
N GLU C 701 11.67 -4.40 -19.66
CA GLU C 701 12.62 -3.35 -19.91
C GLU C 701 12.33 -2.24 -18.91
N ARG C 702 13.39 -1.48 -18.65
CA ARG C 702 13.36 -0.13 -18.08
C ARG C 702 12.54 0.79 -18.99
N LEU C 703 11.60 1.54 -18.40
CA LEU C 703 10.93 2.65 -19.12
C LEU C 703 11.96 3.72 -19.50
N PRO C 704 11.86 4.40 -20.66
CA PRO C 704 12.77 5.49 -20.98
C PRO C 704 12.66 6.69 -20.03
N ARG C 705 13.78 7.40 -19.86
CA ARG C 705 13.94 8.53 -18.91
C ARG C 705 12.95 9.66 -19.22
N GLU C 706 12.84 9.97 -20.51
CA GLU C 706 12.08 11.13 -21.00
C GLU C 706 10.57 10.86 -20.89
N MET C 707 10.19 9.57 -20.83
CA MET C 707 8.82 9.07 -20.68
C MET C 707 8.38 9.15 -19.22
N GLN C 708 9.32 8.93 -18.29
CA GLN C 708 9.01 8.38 -16.96
C GLN C 708 8.14 9.36 -16.16
N ASN C 709 8.47 10.65 -16.15
CA ASN C 709 7.78 11.64 -15.30
C ASN C 709 6.28 11.66 -15.57
N GLN C 710 5.91 11.69 -16.86
CA GLN C 710 4.53 11.66 -17.36
C GLN C 710 3.78 10.40 -16.87
N ILE C 711 4.35 9.23 -17.17
CA ILE C 711 3.75 7.92 -16.88
C ILE C 711 3.56 7.75 -15.36
N VAL C 712 4.55 8.19 -14.57
CA VAL C 712 4.44 8.09 -13.12
C VAL C 712 3.30 9.00 -12.64
N LYS C 713 3.14 10.18 -13.25
CA LYS C 713 2.10 11.14 -12.88
C LYS C 713 0.72 10.59 -13.23
N GLU C 714 0.60 9.90 -14.38
CA GLU C 714 -0.61 9.16 -14.80
C GLU C 714 -1.01 8.08 -13.77
N ILE C 715 -0.03 7.27 -13.34
CA ILE C 715 -0.29 6.20 -12.37
C ILE C 715 -0.70 6.79 -11.01
N ARG C 716 -0.03 7.84 -10.53
CA ARG C 716 -0.38 8.43 -9.24
C ARG C 716 -1.76 9.13 -9.33
N GLN C 717 -2.04 9.85 -10.43
CA GLN C 717 -3.38 10.45 -10.73
C GLN C 717 -4.48 9.39 -10.63
N ARG C 718 -4.25 8.27 -11.31
CA ARG C 718 -5.18 7.15 -11.37
C ARG C 718 -5.39 6.50 -9.99
N LYS C 719 -4.40 6.53 -9.09
CA LYS C 719 -4.54 5.85 -7.78
C LYS C 719 -5.06 6.81 -6.70
N GLY C 720 -5.33 8.06 -7.06
CA GLY C 720 -5.75 9.05 -6.08
C GLY C 720 -4.65 9.41 -5.08
N LEU C 721 -3.39 9.24 -5.48
CA LEU C 721 -2.25 9.69 -4.69
C LEU C 721 -1.99 11.18 -4.92
N SER C 722 -1.15 11.75 -4.05
CA SER C 722 -0.54 13.07 -4.23
C SER C 722 0.13 13.11 -5.60
N PRO C 723 -0.07 14.16 -6.43
CA PRO C 723 0.45 14.17 -7.81
C PRO C 723 1.96 13.96 -7.98
N GLU C 724 2.80 14.57 -7.15
CA GLU C 724 4.22 14.23 -7.23
C GLU C 724 4.59 13.32 -6.07
N PRO C 725 5.54 12.37 -6.29
CA PRO C 725 5.94 11.39 -5.29
C PRO C 725 7.00 11.94 -4.32
N TYR C 726 6.70 11.81 -3.03
CA TYR C 726 7.54 12.30 -1.90
C TYR C 726 9.01 11.85 -2.03
N GLY C 727 9.91 12.83 -2.25
CA GLY C 727 11.35 12.62 -2.46
C GLY C 727 12.11 12.53 -1.14
N PRO C 728 13.47 12.64 -1.17
CA PRO C 728 14.31 12.36 0.00
C PRO C 728 13.99 13.27 1.19
N GLU C 729 13.54 14.51 0.93
CA GLU C 729 13.19 15.52 1.94
C GLU C 729 12.16 15.00 2.98
N HIS C 730 11.19 14.18 2.54
CA HIS C 730 10.16 13.64 3.44
C HIS C 730 10.68 12.48 4.30
N TYR C 731 11.97 12.14 4.16
CA TYR C 731 12.60 11.06 4.92
C TYR C 731 13.85 11.54 5.66
N VAL C 732 14.19 12.83 5.51
CA VAL C 732 15.37 13.48 6.10
C VAL C 732 14.88 14.30 7.30
N GLY C 733 15.82 14.88 8.06
CA GLY C 733 15.50 15.90 9.10
C GLY C 733 16.53 17.01 9.18
N ILE D 391 12.50 46.58 9.26
CA ILE D 391 13.95 46.25 9.32
C ILE D 391 14.42 45.85 7.93
N SER D 392 15.74 45.92 7.71
CA SER D 392 16.36 45.44 6.50
C SER D 392 15.93 43.98 6.31
N GLU D 393 14.93 43.76 5.44
CA GLU D 393 14.25 42.44 5.30
C GLU D 393 15.29 41.33 5.40
N PRO D 394 15.12 40.33 6.30
CA PRO D 394 16.20 39.38 6.59
C PRO D 394 16.54 38.45 5.40
N VAL D 395 17.84 38.38 5.06
CA VAL D 395 18.37 37.64 3.89
C VAL D 395 19.36 36.56 4.33
N VAL D 396 20.06 36.80 5.45
CA VAL D 396 21.06 35.87 6.00
C VAL D 396 20.66 35.52 7.45
N THR D 397 20.73 34.22 7.80
CA THR D 397 20.48 33.77 9.18
C THR D 397 21.68 32.94 9.64
N VAL D 398 22.24 33.27 10.82
CA VAL D 398 23.40 32.54 11.37
C VAL D 398 23.04 32.00 12.76
N ALA D 399 23.59 30.83 13.10
CA ALA D 399 23.32 30.16 14.38
C ALA D 399 24.42 30.53 15.38
N VAL D 400 24.04 30.97 16.58
CA VAL D 400 25.02 31.35 17.61
C VAL D 400 24.63 30.69 18.94
N GLU D 401 25.62 30.08 19.61
CA GLU D 401 25.40 29.30 20.82
C GLU D 401 26.56 29.54 21.80
N ALA D 402 26.26 29.33 23.09
CA ALA D 402 27.14 29.65 24.20
C ALA D 402 28.15 28.51 24.42
N LYS D 403 29.43 28.88 24.48
CA LYS D 403 30.56 27.96 24.72
C LYS D 403 30.45 27.32 26.11
N ASN D 404 29.99 28.08 27.10
CA ASN D 404 29.62 27.53 28.41
C ASN D 404 28.10 27.42 28.45
N THR D 405 27.55 26.22 28.68
CA THR D 405 26.09 26.01 28.63
C THR D 405 25.44 26.48 29.94
N LYS D 406 26.14 27.37 30.65
CA LYS D 406 25.76 27.87 31.99
C LYS D 406 25.71 29.41 31.97
N ASP D 407 26.45 30.03 31.05
CA ASP D 407 26.27 31.43 30.70
C ASP D 407 24.98 31.59 29.90
N LEU D 408 24.16 30.54 29.82
CA LEU D 408 22.90 30.45 29.08
C LEU D 408 21.89 31.48 29.60
N PRO D 409 21.64 31.59 30.93
CA PRO D 409 20.71 32.58 31.47
C PRO D 409 20.93 34.03 30.97
N LYS D 410 22.19 34.40 30.77
CA LYS D 410 22.60 35.75 30.31
C LYS D 410 22.86 35.78 28.80
N LEU D 411 23.05 34.62 28.15
CA LEU D 411 23.11 34.52 26.68
C LEU D 411 21.77 34.98 26.11
N ILE D 412 20.66 34.66 26.79
CA ILE D 412 19.30 35.14 26.49
C ILE D 412 19.24 36.67 26.59
N GLU D 413 19.80 37.22 27.68
CA GLU D 413 19.92 38.68 27.90
C GLU D 413 20.73 39.35 26.77
N VAL D 414 21.90 38.77 26.46
CA VAL D 414 22.79 39.22 25.37
C VAL D 414 22.04 39.29 24.03
N LEU D 415 21.33 38.21 23.66
CA LEU D 415 20.61 38.10 22.37
C LEU D 415 19.51 39.16 22.23
N ARG D 416 18.75 39.39 23.32
CA ARG D 416 17.63 40.35 23.34
C ARG D 416 18.14 41.80 23.45
N GLN D 417 19.33 42.00 24.03
CA GLN D 417 20.02 43.30 24.00
C GLN D 417 20.47 43.62 22.56
N VAL D 418 21.13 42.66 21.89
CA VAL D 418 21.62 42.84 20.51
C VAL D 418 20.45 43.16 19.56
N ALA D 419 19.33 42.44 19.69
CA ALA D 419 18.12 42.65 18.86
C ALA D 419 17.41 43.97 19.21
N LYS D 420 17.63 44.48 20.42
CA LYS D 420 17.10 45.80 20.85
C LYS D 420 17.98 46.93 20.28
N GLU D 421 19.30 46.78 20.38
CA GLU D 421 20.31 47.73 19.88
C GLU D 421 20.22 47.89 18.36
N ASP D 422 20.04 46.77 17.62
CA ASP D 422 19.92 46.79 16.14
C ASP D 422 18.54 46.28 15.70
N PRO D 423 17.67 47.16 15.15
CA PRO D 423 16.32 46.72 14.75
C PRO D 423 16.27 45.90 13.44
N THR D 424 17.40 45.82 12.72
CA THR D 424 17.51 45.06 11.46
C THR D 424 17.71 43.57 11.77
N ILE D 425 18.21 43.28 12.98
CA ILE D 425 18.45 41.90 13.44
C ILE D 425 17.20 41.38 14.15
N LYS D 426 16.66 40.26 13.65
CA LYS D 426 15.53 39.56 14.25
C LYS D 426 16.03 38.19 14.75
N VAL D 427 15.49 37.75 15.89
CA VAL D 427 16.05 36.64 16.67
C VAL D 427 14.94 35.63 17.04
N GLU D 428 15.31 34.35 17.11
CA GLU D 428 14.44 33.30 17.72
C GLU D 428 15.28 32.07 18.12
N ILE D 429 14.89 31.41 19.22
CA ILE D 429 15.57 30.18 19.69
C ILE D 429 14.82 28.98 19.13
N ASN D 430 15.49 28.10 18.39
CA ASN D 430 14.81 26.96 17.77
C ASN D 430 14.51 25.93 18.87
N GLU D 431 13.23 25.79 19.26
CA GLU D 431 12.82 24.69 20.17
C GLU D 431 13.07 23.33 19.49
N GLU D 432 12.95 23.28 18.15
CA GLU D 432 13.20 22.10 17.31
C GLU D 432 14.69 21.68 17.30
N THR D 433 15.60 22.66 17.40
CA THR D 433 17.03 22.45 17.08
C THR D 433 17.94 22.68 18.30
N GLY D 434 17.68 23.75 19.06
CA GLY D 434 18.53 24.18 20.15
C GLY D 434 19.58 25.18 19.70
N GLU D 435 19.31 25.94 18.64
CA GLU D 435 20.22 27.01 18.24
C GLU D 435 19.48 28.33 18.43
N HIS D 436 20.20 29.38 18.84
CA HIS D 436 19.66 30.74 18.82
C HIS D 436 20.03 31.40 17.49
N LEU D 437 19.02 31.71 16.66
CA LEU D 437 19.23 32.19 15.31
C LEU D 437 19.18 33.71 15.29
N VAL D 438 20.10 34.30 14.53
CA VAL D 438 20.14 35.73 14.28
C VAL D 438 19.97 35.95 12.78
N SER D 439 18.86 36.60 12.39
CA SER D 439 18.47 36.83 10.99
C SER D 439 18.56 38.33 10.68
N GLY D 440 19.40 38.70 9.71
CA GLY D 440 19.74 40.08 9.39
C GLY D 440 19.88 40.34 7.89
N MET D 441 20.50 41.48 7.56
CA MET D 441 20.40 42.11 6.25
C MET D 441 21.59 41.78 5.31
N GLY D 442 22.48 40.87 5.72
CA GLY D 442 23.59 40.38 4.90
C GLY D 442 24.73 39.95 5.79
N GLU D 443 25.91 39.68 5.21
CA GLU D 443 27.11 39.29 5.98
C GLU D 443 27.42 40.32 7.08
N LEU D 444 27.62 41.58 6.66
CA LEU D 444 28.00 42.69 7.54
C LEU D 444 26.91 42.99 8.59
N HIS D 445 25.64 42.87 8.18
CA HIS D 445 24.50 43.12 9.07
C HIS D 445 24.53 42.17 10.28
N LEU D 446 24.78 40.88 9.99
CA LEU D 446 24.93 39.83 10.99
C LEU D 446 26.25 40.00 11.77
N GLU D 447 27.33 40.41 11.09
CA GLU D 447 28.68 40.58 11.68
C GLU D 447 28.66 41.60 12.84
N VAL D 448 27.89 42.69 12.66
CA VAL D 448 27.67 43.70 13.70
C VAL D 448 27.02 43.07 14.94
N ILE D 449 26.03 42.20 14.74
CA ILE D 449 25.32 41.48 15.82
C ILE D 449 26.24 40.47 16.52
N SER D 450 27.04 39.72 15.75
CA SER D 450 28.01 38.74 16.29
C SER D 450 29.13 39.45 17.06
N TYR D 451 29.43 40.69 16.65
CA TYR D 451 30.33 41.59 17.38
C TYR D 451 29.71 42.03 18.71
N ARG D 452 28.43 42.44 18.70
CA ARG D 452 27.73 42.98 19.87
C ARG D 452 27.35 41.86 20.87
N ILE D 453 27.94 40.67 20.72
CA ILE D 453 27.97 39.65 21.77
C ILE D 453 29.10 39.96 22.76
N LYS D 454 30.08 40.75 22.31
CA LYS D 454 31.15 41.29 23.17
C LYS D 454 30.56 42.30 24.17
N ASP D 455 29.60 43.12 23.72
CA ASP D 455 28.84 44.07 24.55
C ASP D 455 28.08 43.35 25.67
N LYS D 456 27.76 42.06 25.45
CA LYS D 456 27.01 41.24 26.40
C LYS D 456 27.91 40.24 27.12
N GLY D 457 29.16 40.08 26.65
CA GLY D 457 30.19 39.27 27.29
C GLY D 457 29.96 37.76 27.21
N VAL D 458 29.22 37.30 26.19
CA VAL D 458 28.90 35.86 26.06
C VAL D 458 29.93 35.20 25.13
N GLU D 459 30.75 34.30 25.68
CA GLU D 459 31.74 33.53 24.90
C GLU D 459 30.99 32.50 24.03
N ILE D 460 31.00 32.68 22.71
CA ILE D 460 30.04 31.97 21.86
C ILE D 460 30.73 31.48 20.59
N GLN D 461 30.13 30.47 19.96
CA GLN D 461 30.43 30.09 18.59
C GLN D 461 29.33 30.69 17.69
N THR D 462 29.72 31.33 16.58
CA THR D 462 28.77 31.81 15.55
C THR D 462 29.05 31.09 14.23
N SER D 463 28.03 30.38 13.71
CA SER D 463 28.08 29.60 12.45
C SER D 463 28.13 30.53 11.24
N GLU D 464 28.57 29.96 10.11
CA GLU D 464 28.52 30.62 8.81
C GLU D 464 27.05 30.88 8.47
N PRO D 465 26.73 32.05 7.86
CA PRO D 465 25.32 32.37 7.61
C PRO D 465 24.78 31.54 6.44
N ILE D 466 23.49 31.20 6.53
CA ILE D 466 22.74 30.56 5.47
C ILE D 466 21.86 31.62 4.81
N VAL D 467 21.71 31.52 3.48
CA VAL D 467 20.80 32.37 2.71
C VAL D 467 19.36 31.91 3.02
N VAL D 468 18.65 32.71 3.82
CA VAL D 468 17.32 32.36 4.32
C VAL D 468 16.32 32.51 3.18
N TYR D 469 15.73 31.37 2.73
CA TYR D 469 14.91 31.31 1.53
C TYR D 469 13.42 31.41 1.91
N ARG D 470 12.59 31.78 0.91
CA ARG D 470 11.11 31.78 0.98
C ARG D 470 10.60 30.94 -0.20
N GLU D 471 9.37 30.40 -0.09
CA GLU D 471 8.84 29.47 -1.12
C GLU D 471 7.52 30.01 -1.71
N THR D 472 7.29 29.75 -3.01
CA THR D 472 6.05 30.20 -3.73
C THR D 472 5.73 29.18 -4.84
N VAL D 473 4.70 29.46 -5.65
CA VAL D 473 4.29 28.55 -6.72
C VAL D 473 4.13 29.36 -8.02
N SER D 474 4.36 28.69 -9.17
CA SER D 474 4.56 29.32 -10.50
C SER D 474 3.41 29.07 -11.47
N GLN D 475 2.49 28.15 -11.13
CA GLN D 475 1.29 27.84 -11.90
C GLN D 475 0.13 27.66 -10.90
N LEU D 476 -1.11 27.63 -11.40
CA LEU D 476 -2.25 27.24 -10.54
C LEU D 476 -2.31 25.72 -10.49
N SER D 477 -2.70 25.17 -9.34
CA SER D 477 -2.87 23.73 -9.18
C SER D 477 -4.30 23.32 -9.54
N PRO D 478 -4.52 22.08 -10.02
CA PRO D 478 -5.86 21.50 -9.97
C PRO D 478 -6.25 21.25 -8.50
N GLN D 479 -7.54 21.02 -8.22
CA GLN D 479 -7.99 20.74 -6.84
C GLN D 479 -7.42 19.40 -6.35
N VAL D 480 -6.82 19.41 -5.15
CA VAL D 480 -6.21 18.24 -4.52
C VAL D 480 -6.97 17.96 -3.20
N GLU D 481 -7.30 16.68 -2.99
CA GLU D 481 -8.10 16.21 -1.85
C GLU D 481 -7.17 15.71 -0.74
N GLY D 482 -7.41 16.22 0.48
CA GLY D 482 -6.84 15.73 1.73
C GLY D 482 -7.87 14.91 2.48
N LYS D 483 -7.44 13.73 2.92
CA LYS D 483 -8.25 12.76 3.64
C LYS D 483 -7.87 12.80 5.13
N SER D 484 -8.88 12.74 5.99
CA SER D 484 -8.76 12.86 7.44
C SER D 484 -8.04 11.64 8.01
N PRO D 485 -7.71 11.63 9.33
CA PRO D 485 -6.91 10.55 9.93
C PRO D 485 -7.48 9.13 9.72
N ASN D 486 -8.80 8.98 9.78
CA ASN D 486 -9.44 7.67 9.59
C ASN D 486 -9.61 7.34 8.10
N LYS D 487 -9.31 8.30 7.21
CA LYS D 487 -9.84 8.40 5.82
C LYS D 487 -11.34 8.76 5.84
N HIS D 488 -11.74 9.57 6.84
CA HIS D 488 -13.15 9.83 7.20
C HIS D 488 -13.69 11.10 6.50
N ASN D 489 -12.80 12.04 6.16
CA ASN D 489 -13.23 13.29 5.49
C ASN D 489 -12.36 13.49 4.25
N ARG D 490 -12.96 14.04 3.17
CA ARG D 490 -12.24 14.51 1.97
C ARG D 490 -12.49 16.01 1.74
N PHE D 491 -11.42 16.82 1.80
CA PHE D 491 -11.48 18.28 1.64
C PHE D 491 -10.55 18.69 0.49
N TYR D 492 -11.09 19.42 -0.48
CA TYR D 492 -10.46 19.70 -1.77
C TYR D 492 -10.06 21.18 -1.84
N ILE D 493 -8.79 21.46 -2.10
CA ILE D 493 -8.32 22.85 -2.22
C ILE D 493 -7.56 23.02 -3.55
N THR D 494 -7.67 24.22 -4.15
CA THR D 494 -6.81 24.62 -5.26
C THR D 494 -5.92 25.78 -4.77
N VAL D 495 -4.64 25.75 -5.14
CA VAL D 495 -3.65 26.71 -4.67
C VAL D 495 -3.08 27.43 -5.89
N GLU D 496 -2.94 28.75 -5.82
CA GLU D 496 -2.40 29.48 -6.96
C GLU D 496 -1.64 30.70 -6.45
N PRO D 497 -0.64 31.20 -7.21
CA PRO D 497 0.10 32.41 -6.84
C PRO D 497 -0.83 33.61 -6.64
N LEU D 498 -0.74 34.23 -5.45
CA LEU D 498 -1.54 35.39 -5.03
C LEU D 498 -1.23 36.61 -5.89
N GLU D 499 -2.28 37.38 -6.18
CA GLU D 499 -2.24 38.55 -7.08
C GLU D 499 -1.26 39.61 -6.56
N ASP D 500 -0.51 40.24 -7.48
CA ASP D 500 0.66 41.09 -7.18
C ASP D 500 0.24 42.27 -6.28
N GLU D 501 -0.92 42.86 -6.58
CA GLU D 501 -1.49 44.01 -5.86
C GLU D 501 -1.72 43.65 -4.38
N LEU D 502 -2.29 42.46 -4.15
CA LEU D 502 -2.54 41.91 -2.81
C LEU D 502 -1.21 41.64 -2.08
N PHE D 503 -0.25 41.01 -2.76
CA PHE D 503 1.07 40.67 -2.19
C PHE D 503 1.82 41.95 -1.77
N LYS D 504 1.83 42.97 -2.64
CA LYS D 504 2.49 44.25 -2.38
C LYS D 504 1.88 44.91 -1.15
N ALA D 505 0.54 44.96 -1.12
CA ALA D 505 -0.25 45.53 -0.01
C ALA D 505 0.08 44.85 1.33
N LEU D 506 0.31 43.54 1.33
CA LEU D 506 0.73 42.80 2.53
C LEU D 506 2.17 43.16 2.92
N GLN D 507 3.08 43.18 1.94
CA GLN D 507 4.52 43.41 2.17
C GLN D 507 4.78 44.82 2.70
N GLU D 508 4.08 45.82 2.14
CA GLU D 508 4.28 47.24 2.48
C GLU D 508 3.36 47.70 3.63
N GLY D 509 2.61 46.77 4.25
CA GLY D 509 1.91 47.01 5.53
C GLY D 509 0.56 47.72 5.40
N LYS D 510 0.08 47.94 4.17
CA LYS D 510 -1.23 48.53 3.92
C LYS D 510 -2.32 47.57 4.46
N LEU D 511 -2.07 46.26 4.36
CA LEU D 511 -3.01 45.26 4.84
C LEU D 511 -2.42 44.51 6.05
N LYS D 512 -3.07 44.64 7.22
CA LYS D 512 -2.66 43.95 8.44
C LYS D 512 -2.92 42.45 8.26
N GLU D 513 -2.09 41.63 8.93
CA GLU D 513 -2.19 40.17 8.92
C GLU D 513 -3.25 39.71 9.92
N GLY D 514 -3.72 38.46 9.78
CA GLY D 514 -4.49 37.80 10.84
C GLY D 514 -5.84 37.29 10.38
N LYS D 515 -6.50 36.56 11.28
CA LYS D 515 -7.75 35.85 10.99
C LYS D 515 -8.86 36.86 10.65
N VAL D 516 -9.48 36.73 9.47
CA VAL D 516 -10.51 37.66 9.02
C VAL D 516 -11.82 37.32 9.76
N LYS D 517 -12.16 38.05 10.83
CA LYS D 517 -13.27 37.67 11.73
C LYS D 517 -14.49 38.57 11.46
N GLY D 518 -14.35 39.86 11.81
CA GLY D 518 -15.37 40.87 11.52
C GLY D 518 -15.66 40.89 10.04
N LYS D 519 -16.95 40.83 9.68
CA LYS D 519 -17.39 40.72 8.30
C LYS D 519 -17.28 42.07 7.58
N GLU D 520 -17.75 43.13 8.25
CA GLU D 520 -17.78 44.49 7.68
C GLU D 520 -16.37 45.08 7.52
N SER D 521 -15.37 44.44 8.14
CA SER D 521 -13.96 44.79 7.96
C SER D 521 -13.44 44.23 6.63
N ALA D 522 -14.32 43.60 5.83
CA ALA D 522 -13.97 43.03 4.52
C ALA D 522 -13.55 44.14 3.52
N ASN D 523 -13.85 45.39 3.89
CA ASN D 523 -13.42 46.59 3.16
C ASN D 523 -11.90 46.57 2.94
N ASP D 524 -11.15 46.14 3.98
CA ASP D 524 -9.68 46.04 3.96
C ASP D 524 -9.19 45.15 2.80
N PHE D 525 -9.81 43.98 2.61
CA PHE D 525 -9.47 43.05 1.51
C PHE D 525 -9.72 43.71 0.14
N MET D 526 -10.84 44.42 0.02
CA MET D 526 -11.18 45.18 -1.20
C MET D 526 -10.13 46.26 -1.46
N GLU D 527 -9.75 47.01 -0.41
CA GLU D 527 -8.78 48.11 -0.48
C GLU D 527 -7.43 47.59 -1.00
N TYR D 528 -7.13 46.33 -0.66
CA TYR D 528 -5.88 45.67 -1.01
C TYR D 528 -6.01 44.92 -2.36
N GLY D 529 -7.10 45.18 -3.10
CA GLY D 529 -7.18 44.82 -4.52
C GLY D 529 -8.09 43.63 -4.81
N LEU D 530 -8.60 42.96 -3.79
CA LEU D 530 -9.50 41.80 -3.96
C LEU D 530 -10.89 42.27 -4.42
N ASP D 531 -11.52 41.49 -5.33
CA ASP D 531 -12.94 41.65 -5.70
C ASP D 531 -13.78 41.38 -4.45
N LYS D 532 -14.71 42.28 -4.11
CA LYS D 532 -15.35 42.38 -2.77
C LYS D 532 -16.07 41.10 -2.33
N GLU D 533 -17.02 40.63 -3.16
CA GLU D 533 -17.92 39.50 -2.82
C GLU D 533 -17.10 38.21 -2.63
N GLU D 534 -16.16 37.98 -3.56
CA GLU D 534 -15.18 36.90 -3.48
C GLU D 534 -14.27 37.08 -2.25
N ALA D 535 -13.85 38.32 -1.96
CA ALA D 535 -12.91 38.66 -0.87
C ALA D 535 -13.49 38.34 0.51
N ARG D 536 -14.80 38.52 0.72
CA ARG D 536 -15.45 38.35 2.04
C ARG D 536 -15.40 36.88 2.51
N LYS D 537 -15.02 35.96 1.61
CA LYS D 537 -14.91 34.53 1.89
C LYS D 537 -13.53 34.17 2.45
N VAL D 538 -12.63 35.15 2.47
CA VAL D 538 -11.32 35.05 3.17
C VAL D 538 -11.58 34.65 4.63
N TRP D 539 -10.82 33.65 5.10
CA TRP D 539 -10.95 33.08 6.44
C TRP D 539 -9.73 33.47 7.28
N ASP D 540 -8.53 33.32 6.71
CA ASP D 540 -7.30 33.83 7.30
C ASP D 540 -6.53 34.65 6.25
N VAL D 541 -5.85 35.69 6.76
CA VAL D 541 -4.67 36.25 6.11
C VAL D 541 -3.46 35.84 6.97
N TYR D 542 -2.66 34.89 6.47
CA TYR D 542 -1.74 34.10 7.30
C TYR D 542 -0.39 33.93 6.58
N ASN D 543 0.66 34.43 7.24
CA ASN D 543 2.08 34.24 6.89
C ASN D 543 2.32 34.51 5.40
N ARG D 544 1.79 35.63 4.90
CA ARG D 544 1.99 36.18 3.54
C ARG D 544 1.08 35.50 2.48
N SER D 545 -0.03 34.91 2.93
CA SER D 545 -0.97 34.22 2.03
C SER D 545 -2.39 34.43 2.52
N VAL D 546 -3.38 33.97 1.75
CA VAL D 546 -4.83 34.05 2.11
C VAL D 546 -5.53 32.69 1.91
N PHE D 547 -6.25 32.22 2.94
CA PHE D 547 -7.00 30.96 2.90
C PHE D 547 -8.51 31.27 2.87
N ILE D 548 -9.22 30.82 1.82
CA ILE D 548 -10.53 31.37 1.46
C ILE D 548 -11.53 30.22 1.24
N ASN D 549 -12.77 30.48 1.67
CA ASN D 549 -13.85 29.45 1.83
C ASN D 549 -14.99 29.62 0.80
N ALA D 550 -15.20 28.58 -0.02
CA ALA D 550 -16.29 28.54 -1.00
C ALA D 550 -17.21 27.35 -0.72
N THR D 551 -17.20 26.87 0.53
CA THR D 551 -18.08 25.83 0.96
C THR D 551 -19.39 26.50 1.35
N ARG D 552 -20.46 26.19 0.61
CA ARG D 552 -21.80 26.70 0.88
C ARG D 552 -22.53 25.74 1.82
N GLY D 553 -23.36 26.30 2.70
CA GLY D 553 -24.33 25.55 3.48
C GLY D 553 -23.94 25.46 4.95
N TYR D 556 -21.13 23.10 4.74
CA TYR D 556 -19.79 22.86 4.19
C TYR D 556 -18.83 23.95 4.69
N LEU D 557 -17.69 23.51 5.23
CA LEU D 557 -16.75 24.38 5.94
C LEU D 557 -17.24 24.67 7.36
N ASP D 558 -18.45 24.18 7.71
CA ASP D 558 -19.16 24.59 8.92
C ASP D 558 -18.43 24.00 10.12
N GLU D 559 -17.72 22.88 9.88
CA GLU D 559 -17.01 22.16 10.90
C GLU D 559 -15.73 22.91 11.35
N VAL D 560 -14.84 23.19 10.39
CA VAL D 560 -13.39 23.08 10.63
C VAL D 560 -12.71 24.41 10.98
N LYS D 561 -13.45 25.53 11.09
CA LYS D 561 -12.91 26.90 10.85
C LYS D 561 -11.60 27.17 11.62
N GLU D 562 -11.66 26.99 12.95
CA GLU D 562 -10.54 27.27 13.86
C GLU D 562 -9.32 26.38 13.53
N LEU D 563 -9.59 25.08 13.36
CA LEU D 563 -8.58 24.06 13.04
C LEU D 563 -7.92 24.35 11.67
N LEU D 564 -8.73 24.75 10.68
CA LEU D 564 -8.26 25.09 9.34
C LEU D 564 -7.34 26.32 9.40
N ILE D 565 -7.67 27.33 10.23
CA ILE D 565 -6.82 28.52 10.41
C ILE D 565 -5.46 28.12 11.03
N GLU D 566 -5.49 27.31 12.10
CA GLU D 566 -4.24 26.80 12.74
C GLU D 566 -3.38 26.04 11.72
N GLY D 567 -4.04 25.18 10.94
CA GLY D 567 -3.42 24.38 9.88
C GLY D 567 -2.88 25.23 8.74
N PHE D 568 -3.55 26.34 8.43
CA PHE D 568 -3.11 27.35 7.47
C PHE D 568 -1.79 27.99 7.95
N GLU D 569 -1.77 28.44 9.21
CA GLU D 569 -0.55 29.04 9.80
C GLU D 569 0.64 28.05 9.75
N SER D 570 0.39 26.81 10.23
CA SER D 570 1.41 25.73 10.27
C SER D 570 1.94 25.41 8.86
N ALA D 571 1.05 25.44 7.86
CA ALA D 571 1.38 25.17 6.46
C ALA D 571 2.25 26.29 5.86
N LEU D 572 2.03 27.54 6.27
CA LEU D 572 2.79 28.70 5.76
C LEU D 572 4.15 28.83 6.44
N ASN D 573 4.27 28.37 7.70
CA ASN D 573 5.53 28.40 8.46
C ASN D 573 6.63 27.63 7.72
N ASP D 574 6.31 26.39 7.32
CA ASP D 574 7.22 25.48 6.60
C ASP D 574 6.53 25.00 5.30
N GLY D 575 6.92 25.60 4.17
CA GLY D 575 6.30 25.36 2.87
C GLY D 575 6.72 24.03 2.24
N PRO D 576 6.24 23.80 1.00
CA PRO D 576 6.44 22.54 0.30
C PRO D 576 7.86 22.36 -0.27
N LEU D 577 8.52 23.47 -0.63
CA LEU D 577 9.79 23.47 -1.37
C LEU D 577 10.91 22.79 -0.54
N ALA D 578 11.16 23.29 0.67
CA ALA D 578 12.16 22.65 1.53
C ALA D 578 11.92 23.06 2.99
N LYS D 579 10.65 23.27 3.35
CA LYS D 579 10.23 23.66 4.69
C LYS D 579 10.71 25.08 5.01
N GLU D 580 10.68 25.96 3.99
CA GLU D 580 11.04 27.38 4.11
C GLU D 580 9.73 28.18 4.22
N ILE D 581 9.77 29.39 4.78
CA ILE D 581 8.56 30.24 4.95
C ILE D 581 7.90 30.49 3.57
N ALA D 582 6.58 30.25 3.50
CA ALA D 582 5.83 30.40 2.24
C ALA D 582 5.39 31.86 2.06
N MET D 583 5.36 32.32 0.82
CA MET D 583 4.98 33.70 0.47
C MET D 583 4.11 33.68 -0.80
N GLY D 584 3.03 34.47 -0.77
CA GLY D 584 2.30 34.90 -1.97
C GLY D 584 1.43 33.81 -2.54
N LEU D 585 0.73 33.07 -1.67
CA LEU D 585 -0.16 31.96 -2.04
C LEU D 585 -1.64 32.30 -1.76
N LYS D 586 -2.52 31.94 -2.70
CA LYS D 586 -3.96 31.96 -2.46
C LYS D 586 -4.47 30.51 -2.40
N PHE D 587 -5.22 30.18 -1.34
CA PHE D 587 -5.72 28.84 -1.12
C PHE D 587 -7.25 28.89 -1.10
N LYS D 588 -7.87 28.25 -2.07
CA LYS D 588 -9.32 28.24 -2.26
C LYS D 588 -9.87 26.85 -1.91
N LEU D 589 -10.89 26.82 -1.04
CA LEU D 589 -11.60 25.56 -0.70
C LEU D 589 -12.64 25.25 -1.79
N HIS D 590 -12.37 24.20 -2.60
CA HIS D 590 -13.13 23.86 -3.81
C HIS D 590 -14.32 22.96 -3.47
N ASP D 591 -14.11 22.00 -2.57
CA ASP D 591 -15.14 21.01 -2.25
C ASP D 591 -14.81 20.40 -0.88
N ALA D 592 -15.80 19.74 -0.25
CA ALA D 592 -15.62 19.15 1.08
C ALA D 592 -16.70 18.10 1.37
N LYS D 593 -16.37 17.11 2.20
CA LYS D 593 -17.31 16.10 2.68
C LYS D 593 -16.73 15.50 3.96
N LEU D 594 -17.55 14.70 4.68
CA LEU D 594 -17.17 14.15 5.98
C LEU D 594 -17.97 12.86 6.24
N HIS D 595 -17.26 11.83 6.72
CA HIS D 595 -17.82 10.48 6.95
C HIS D 595 -18.44 10.35 8.35
N GLU D 596 -17.61 10.38 9.40
CA GLU D 596 -18.08 10.36 10.79
C GLU D 596 -18.82 11.67 11.08
N ASP D 597 -19.50 11.71 12.22
CA ASP D 597 -20.27 12.88 12.63
C ASP D 597 -19.34 14.09 12.76
N ALA D 598 -19.90 15.21 13.23
CA ALA D 598 -19.13 16.38 13.54
C ALA D 598 -18.90 16.44 15.05
N VAL D 599 -19.23 15.35 15.76
CA VAL D 599 -18.89 15.18 17.16
C VAL D 599 -17.95 13.98 17.33
N HIS D 600 -17.44 13.42 16.23
CA HIS D 600 -16.32 12.50 16.21
C HIS D 600 -15.15 13.12 15.43
N ARG D 601 -15.32 14.35 14.92
CA ARG D 601 -14.30 15.10 14.23
C ARG D 601 -13.73 16.10 15.23
N GLY D 602 -12.42 16.01 15.50
CA GLY D 602 -11.75 16.80 16.52
C GLY D 602 -10.58 17.59 15.94
N PRO D 603 -9.33 17.26 16.34
CA PRO D 603 -8.16 17.96 15.79
C PRO D 603 -7.28 17.01 14.96
N ALA D 604 -7.17 15.75 15.42
CA ALA D 604 -6.38 14.73 14.73
C ALA D 604 -6.98 14.34 13.37
N GLN D 605 -8.25 14.75 13.14
CA GLN D 605 -8.97 14.50 11.89
C GLN D 605 -8.83 15.69 10.93
N VAL D 606 -9.10 16.91 11.43
CA VAL D 606 -9.01 18.16 10.66
C VAL D 606 -7.55 18.49 10.29
N LEU D 607 -6.63 18.40 11.27
CA LEU D 607 -5.23 18.80 11.10
C LEU D 607 -4.55 18.04 9.96
N PRO D 608 -4.58 16.69 9.94
CA PRO D 608 -3.91 15.95 8.88
C PRO D 608 -4.53 16.19 7.49
N ALA D 609 -5.86 16.35 7.45
CA ALA D 609 -6.61 16.48 6.20
C ALA D 609 -6.20 17.77 5.47
N ILE D 610 -6.23 18.90 6.19
CA ILE D 610 -5.85 20.22 5.69
C ILE D 610 -4.35 20.24 5.36
N ARG D 611 -3.50 19.81 6.30
CA ARG D 611 -2.02 19.81 6.19
C ARG D 611 -1.53 19.03 4.96
N ASN D 612 -2.07 17.81 4.77
CA ASN D 612 -1.71 16.95 3.62
C ASN D 612 -2.23 17.52 2.29
N ALA D 613 -3.48 18.01 2.28
CA ALA D 613 -4.08 18.66 1.08
C ALA D 613 -3.25 19.88 0.64
N ILE D 614 -2.85 20.70 1.62
CA ILE D 614 -2.14 21.97 1.40
C ILE D 614 -0.76 21.72 0.80
N TYR D 615 0.03 20.80 1.38
CA TYR D 615 1.41 20.53 0.89
C TYR D 615 1.36 20.00 -0.55
N ALA D 616 0.47 19.03 -0.77
CA ALA D 616 0.25 18.36 -2.06
C ALA D 616 -0.18 19.34 -3.15
N SER D 617 -1.10 20.26 -2.83
CA SER D 617 -1.59 21.32 -3.73
C SER D 617 -0.47 22.31 -4.10
N MET D 618 0.36 22.70 -3.13
CA MET D 618 1.52 23.57 -3.38
C MET D 618 2.55 22.87 -4.29
N MET D 619 2.82 21.58 -3.99
CA MET D 619 3.85 20.80 -4.73
C MET D 619 3.42 20.59 -6.19
N SER D 620 2.12 20.63 -6.46
CA SER D 620 1.52 20.39 -7.80
C SER D 620 1.25 21.72 -8.52
N ALA D 621 1.80 22.81 -7.99
CA ALA D 621 1.69 24.14 -8.59
C ALA D 621 3.06 24.61 -9.08
N GLY D 622 4.04 23.72 -9.22
CA GLY D 622 5.41 24.09 -9.64
C GLY D 622 6.09 24.95 -8.58
N PRO D 623 6.26 24.40 -7.36
CA PRO D 623 6.85 25.15 -6.24
C PRO D 623 8.26 25.67 -6.55
N THR D 624 8.51 26.95 -6.23
CA THR D 624 9.77 27.62 -6.50
C THR D 624 10.34 28.11 -5.17
N LEU D 625 11.61 27.75 -4.96
CA LEU D 625 12.46 28.35 -4.00
C LEU D 625 13.08 29.61 -4.62
N LEU D 626 13.15 30.66 -3.80
CA LEU D 626 13.56 31.99 -4.17
C LEU D 626 14.74 32.38 -3.29
N GLU D 627 15.69 33.13 -3.86
CA GLU D 627 16.79 33.74 -3.09
C GLU D 627 16.49 35.22 -2.89
N PRO D 628 16.96 35.83 -1.77
CA PRO D 628 16.87 37.29 -1.61
C PRO D 628 17.84 38.01 -2.57
N MET D 629 17.40 39.13 -3.15
CA MET D 629 18.21 39.85 -4.13
C MET D 629 18.54 41.25 -3.58
N GLN D 630 19.62 41.86 -4.08
CA GLN D 630 19.93 43.20 -3.67
C GLN D 630 20.05 44.08 -4.91
N LYS D 631 19.63 45.33 -4.79
CA LYS D 631 20.14 46.43 -5.62
C LYS D 631 21.50 46.83 -5.04
N VAL D 632 22.57 46.76 -5.85
CA VAL D 632 23.92 46.99 -5.38
C VAL D 632 24.43 48.27 -6.04
N PHE D 633 24.80 49.27 -5.23
CA PHE D 633 25.36 50.52 -5.69
C PHE D 633 26.85 50.51 -5.42
N ILE D 634 27.68 50.62 -6.47
CA ILE D 634 29.15 50.64 -6.39
C ILE D 634 29.62 51.99 -6.93
N ASN D 635 30.39 52.75 -6.12
CA ASN D 635 30.97 54.00 -6.57
C ASN D 635 32.49 53.85 -6.54
N THR D 636 33.16 53.95 -7.71
CA THR D 636 34.56 53.55 -7.89
C THR D 636 35.24 54.52 -8.85
N PRO D 637 36.57 54.72 -8.73
CA PRO D 637 37.32 55.42 -9.78
C PRO D 637 37.19 54.68 -11.12
N GLN D 638 37.24 55.44 -12.23
CA GLN D 638 37.10 54.88 -13.59
C GLN D 638 38.23 53.86 -13.88
N ASP D 639 39.40 54.03 -13.23
CA ASP D 639 40.60 53.18 -13.43
C ASP D 639 40.31 51.69 -13.24
N TYR D 640 39.40 51.36 -12.32
CA TYR D 640 39.10 49.98 -11.98
C TYR D 640 37.81 49.49 -12.64
N MET D 641 37.40 50.09 -13.77
CA MET D 641 36.05 49.86 -14.37
C MET D 641 35.87 48.39 -14.77
N GLY D 642 36.86 47.84 -15.49
CA GLY D 642 36.85 46.46 -15.99
C GLY D 642 36.88 45.41 -14.86
N PRO D 643 37.82 45.54 -13.90
CA PRO D 643 37.83 44.65 -12.74
C PRO D 643 36.53 44.68 -11.90
N CYS D 644 36.00 45.88 -11.62
CA CYS D 644 34.74 46.06 -10.86
C CYS D 644 33.54 45.41 -11.57
N THR D 645 33.42 45.60 -12.89
CA THR D 645 32.37 44.96 -13.69
C THR D 645 32.49 43.43 -13.65
N ARG D 646 33.73 42.92 -13.69
CA ARG D 646 34.02 41.48 -13.56
C ARG D 646 33.52 40.93 -12.23
N GLU D 647 33.84 41.65 -11.13
CA GLU D 647 33.48 41.24 -9.77
C GLU D 647 31.94 41.14 -9.59
N ILE D 648 31.21 42.13 -10.14
CA ILE D 648 29.73 42.17 -10.14
C ILE D 648 29.15 40.92 -10.85
N GLN D 649 29.61 40.64 -12.07
CA GLN D 649 29.12 39.51 -12.89
C GLN D 649 29.41 38.16 -12.23
N ASN D 650 30.59 38.01 -11.60
CA ASN D 650 31.00 36.80 -10.88
C ASN D 650 30.03 36.46 -9.74
N ARG D 651 29.36 37.47 -9.17
CA ARG D 651 28.42 37.29 -8.06
C ARG D 651 26.96 37.29 -8.55
N ARG D 652 26.73 36.79 -9.78
CA ARG D 652 25.40 36.70 -10.42
C ARG D 652 24.79 38.10 -10.61
N GLY D 653 25.64 39.08 -10.89
CA GLY D 653 25.23 40.49 -10.99
C GLY D 653 24.95 40.90 -12.42
N GLN D 654 23.89 41.71 -12.58
CA GLN D 654 23.45 42.28 -13.86
C GLN D 654 23.33 43.80 -13.69
N ILE D 655 23.96 44.52 -14.62
CA ILE D 655 24.06 45.98 -14.61
C ILE D 655 22.66 46.58 -14.86
N VAL D 656 22.28 47.53 -14.00
CA VAL D 656 20.97 48.19 -14.01
C VAL D 656 21.10 49.58 -14.62
N ASP D 657 22.03 50.38 -14.07
CA ASP D 657 22.30 51.73 -14.58
C ASP D 657 23.80 52.01 -14.40
N MET D 658 24.33 52.97 -15.16
CA MET D 658 25.76 53.31 -15.07
C MET D 658 25.95 54.81 -15.32
N GLY D 659 26.31 55.54 -14.25
CA GLY D 659 26.47 56.99 -14.30
C GLY D 659 27.92 57.39 -14.12
N GLN D 660 28.33 58.48 -14.79
CA GLN D 660 29.70 59.01 -14.75
C GLN D 660 29.68 60.47 -14.28
N GLU D 661 30.50 60.76 -13.27
CA GLU D 661 30.74 62.13 -12.80
C GLU D 661 32.25 62.35 -12.71
N GLY D 662 32.82 63.11 -13.65
CA GLY D 662 34.29 63.30 -13.74
C GLY D 662 35.05 61.99 -13.85
N ASP D 663 35.99 61.75 -12.93
CA ASP D 663 36.88 60.59 -12.94
C ASP D 663 36.28 59.39 -12.18
N MET D 664 35.04 59.55 -11.69
CA MET D 664 34.35 58.54 -10.87
C MET D 664 33.15 57.98 -11.64
N ALA D 665 32.81 56.74 -11.30
CA ALA D 665 31.71 56.02 -11.88
C ALA D 665 30.81 55.46 -10.77
N THR D 666 29.49 55.57 -10.96
CA THR D 666 28.50 54.93 -10.10
C THR D 666 27.79 53.84 -10.91
N ILE D 667 27.87 52.58 -10.45
CA ILE D 667 27.30 51.44 -11.17
C ILE D 667 26.16 50.84 -10.33
N GLU D 668 24.96 50.73 -10.92
CA GLU D 668 23.79 50.15 -10.27
C GLU D 668 23.57 48.73 -10.81
N SER D 669 23.60 47.72 -9.94
CA SER D 669 23.49 46.32 -10.36
C SER D 669 22.43 45.63 -9.49
N LYS D 670 21.97 44.47 -9.96
CA LYS D 670 21.13 43.58 -9.19
C LYS D 670 21.80 42.20 -9.14
N VAL D 671 21.82 41.58 -7.96
CA VAL D 671 22.53 40.32 -7.73
C VAL D 671 21.89 39.60 -6.56
N PRO D 672 21.89 38.26 -6.53
CA PRO D 672 21.39 37.54 -5.33
C PRO D 672 22.30 37.70 -4.11
N VAL D 673 21.71 37.90 -2.91
CA VAL D 673 22.44 37.97 -1.63
C VAL D 673 23.22 36.68 -1.44
N ALA D 674 22.65 35.55 -1.88
CA ALA D 674 23.24 34.21 -1.76
C ALA D 674 24.62 34.12 -2.42
N GLU D 675 24.81 34.88 -3.52
CA GLU D 675 26.03 34.81 -4.33
C GLU D 675 27.03 35.91 -3.95
N MET D 676 26.73 36.72 -2.93
CA MET D 676 27.60 37.85 -2.57
C MET D 676 28.34 37.62 -1.24
N PHE D 677 28.42 36.38 -0.73
CA PHE D 677 29.15 36.13 0.54
C PHE D 677 30.65 36.39 0.35
N GLY D 678 31.26 37.11 1.30
CA GLY D 678 32.70 37.52 1.25
C GLY D 678 32.99 38.63 0.24
N PHE D 679 31.93 39.33 -0.19
CA PHE D 679 31.98 40.31 -1.32
C PHE D 679 33.01 41.40 -1.05
N ALA D 680 33.23 41.77 0.22
CA ALA D 680 34.25 42.76 0.61
C ALA D 680 35.65 42.35 0.12
N GLY D 681 35.95 41.05 0.13
CA GLY D 681 37.24 40.52 -0.31
C GLY D 681 37.42 40.60 -1.82
N ASP D 682 36.42 40.05 -2.53
CA ASP D 682 36.38 39.97 -4.00
C ASP D 682 36.37 41.37 -4.63
N ILE D 683 35.45 42.24 -4.19
CA ILE D 683 35.28 43.60 -4.74
C ILE D 683 36.52 44.46 -4.46
N ARG D 684 37.20 44.20 -3.32
CA ARG D 684 38.42 44.92 -2.94
C ARG D 684 39.56 44.63 -3.92
N SER D 685 39.82 43.35 -4.19
CA SER D 685 40.93 42.93 -5.05
C SER D 685 40.65 43.33 -6.51
N ALA D 686 39.40 43.15 -6.95
CA ALA D 686 38.97 43.41 -8.32
C ALA D 686 38.99 44.91 -8.66
N ALA D 687 39.02 45.79 -7.64
CA ALA D 687 39.03 47.25 -7.86
C ALA D 687 40.24 47.93 -7.20
N GLU D 688 41.22 47.15 -6.71
CA GLU D 688 42.39 47.65 -5.95
C GLU D 688 41.97 48.59 -4.81
N GLY D 689 40.81 48.29 -4.19
CA GLY D 689 40.25 49.06 -3.06
C GLY D 689 39.63 50.41 -3.45
N ARG D 690 39.37 50.63 -4.74
CA ARG D 690 38.87 51.92 -5.26
C ARG D 690 37.36 52.03 -5.08
N CYS D 691 36.65 50.90 -5.22
CA CYS D 691 35.18 50.87 -5.12
C CYS D 691 34.73 50.87 -3.66
N LEU D 692 33.73 51.70 -3.34
CA LEU D 692 32.90 51.60 -2.16
C LEU D 692 31.51 51.19 -2.64
N TRP D 693 30.95 50.16 -2.00
CA TRP D 693 29.71 49.54 -2.45
C TRP D 693 28.77 49.28 -1.26
N SER D 694 27.46 49.27 -1.54
CA SER D 694 26.40 49.03 -0.55
C SER D 694 25.18 48.42 -1.24
N THR D 695 24.24 47.87 -0.45
CA THR D 695 23.09 47.12 -1.01
C THR D 695 21.77 47.59 -0.37
N GLU D 696 20.70 47.55 -1.18
CA GLU D 696 19.31 47.80 -0.76
C GLU D 696 18.47 46.59 -1.23
N MET D 697 17.33 46.35 -0.58
CA MET D 697 16.50 45.16 -0.85
C MET D 697 15.87 45.25 -2.25
N SER D 698 15.87 44.14 -3.00
CA SER D 698 15.19 44.06 -4.32
C SER D 698 14.15 42.94 -4.34
N GLY D 699 13.76 42.44 -3.16
CA GLY D 699 12.78 41.35 -3.03
C GLY D 699 13.42 40.00 -2.74
N PHE D 700 12.55 39.03 -2.41
CA PHE D 700 12.89 37.62 -2.36
C PHE D 700 12.47 37.02 -3.71
N GLU D 701 13.35 37.22 -4.71
CA GLU D 701 13.20 36.73 -6.07
C GLU D 701 13.49 35.21 -6.11
N ARG D 702 12.98 34.59 -7.18
CA ARG D 702 13.12 33.16 -7.46
C ARG D 702 14.61 32.78 -7.63
N LEU D 703 15.03 31.71 -6.96
CA LEU D 703 16.37 31.12 -7.17
C LEU D 703 16.42 30.52 -8.59
N PRO D 704 17.54 30.71 -9.33
CA PRO D 704 17.65 30.28 -10.74
C PRO D 704 17.36 28.79 -10.97
N ARG D 705 16.74 28.43 -12.11
CA ARG D 705 16.17 27.08 -12.36
C ARG D 705 17.25 25.99 -12.33
N GLU D 706 18.41 26.26 -12.97
CA GLU D 706 19.47 25.27 -13.12
C GLU D 706 20.21 25.04 -11.80
N MET D 707 20.13 26.00 -10.87
CA MET D 707 20.80 25.92 -9.57
C MET D 707 19.87 25.33 -8.50
N GLN D 708 18.56 25.26 -8.75
CA GLN D 708 17.51 24.97 -7.75
C GLN D 708 17.70 23.59 -7.08
N ASN D 709 17.94 22.55 -7.88
CA ASN D 709 18.06 21.15 -7.41
C ASN D 709 19.14 20.99 -6.32
N GLN D 710 20.32 21.60 -6.53
CA GLN D 710 21.45 21.54 -5.58
C GLN D 710 21.10 22.25 -4.27
N ILE D 711 20.60 23.50 -4.37
CA ILE D 711 20.22 24.34 -3.21
C ILE D 711 19.15 23.63 -2.35
N VAL D 712 18.14 23.03 -2.99
CA VAL D 712 17.11 22.22 -2.28
C VAL D 712 17.78 21.08 -1.51
N LYS D 713 18.71 20.36 -2.16
CA LYS D 713 19.48 19.23 -1.56
C LYS D 713 20.25 19.69 -0.31
N GLU D 714 20.99 20.80 -0.43
CA GLU D 714 21.78 21.38 0.69
C GLU D 714 20.88 21.73 1.89
N ILE D 715 19.77 22.42 1.62
CA ILE D 715 18.79 22.83 2.65
C ILE D 715 18.21 21.62 3.38
N ARG D 716 17.74 20.63 2.61
CA ARG D 716 17.09 19.42 3.15
C ARG D 716 18.10 18.59 3.95
N GLN D 717 19.31 18.40 3.41
CA GLN D 717 20.42 17.67 4.06
C GLN D 717 20.77 18.31 5.41
N ARG D 718 20.88 19.65 5.44
CA ARG D 718 21.14 20.41 6.68
C ARG D 718 20.05 20.13 7.73
#